data_2ISC
#
_entry.id   2ISC
#
_cell.length_a   82.402
_cell.length_b   113.821
_cell.length_c   195.149
_cell.angle_alpha   90.000
_cell.angle_beta   90.000
_cell.angle_gamma   90.000
#
_symmetry.space_group_name_H-M   'P 21 21 21'
#
loop_
_entity.id
_entity.type
_entity.pdbx_description
1 polymer 'purine nucleoside phosphorylase'
2 non-polymer 'PHOSPHATE ION'
3 non-polymer (3R,4R)-1-[(4-AMINO-5H-PYRROLO[3,2-D]PYRIMIDIN-7-YL)METHYL]-4-(HYDROXYMETHYL)PYRROLIDIN-3-OL
4 water water
#
_entity_poly.entity_id   1
_entity_poly.type   'polypeptide(L)'
_entity_poly.pdbx_seq_one_letter_code
;ATPHNSAQVGDFAETVLMCGDPLRAKLIAETYLENPKLVNNVRGIQGYTGTYKGKPISVMGHGMGLPSICIYAEELYSTY
KVKTIIRVGTCGAIDMDIHTRDIVIFTSAGTNSKINRIRFMDHDYPATASFDVVCALVDAAKELNIPAKVGKGFSTDLFY
NPQTELAQLMNKFHFLAVEMESAGLFPIADLYGARAGCICTVSDHILHHEETTAEERQNSFQNMMKIALEAAIKLHHHH
;
_entity_poly.pdbx_strand_id   A,B,C,D,E,F
#
# COMPACT_ATOMS: atom_id res chain seq x y z
N ALA A 1 -4.43 -38.18 -1.18
CA ALA A 1 -3.45 -37.61 -2.15
C ALA A 1 -3.14 -36.13 -1.97
N THR A 2 -4.03 -35.37 -1.32
CA THR A 2 -3.67 -34.04 -0.80
C THR A 2 -3.99 -33.94 0.71
N PRO A 3 -3.40 -32.96 1.44
CA PRO A 3 -3.80 -32.85 2.86
C PRO A 3 -5.28 -32.46 3.05
N HIS A 4 -5.98 -32.19 1.94
CA HIS A 4 -7.36 -31.76 2.00
C HIS A 4 -8.30 -32.69 1.24
N ASN A 5 -7.75 -33.75 0.67
CA ASN A 5 -8.48 -34.57 -0.29
C ASN A 5 -7.88 -35.98 -0.33
N SER A 6 -8.62 -36.94 0.20
CA SER A 6 -8.17 -38.34 0.23
C SER A 6 -8.26 -39.04 -1.13
N ALA A 7 -8.95 -38.42 -2.09
CA ALA A 7 -9.17 -38.97 -3.42
C ALA A 7 -7.90 -39.10 -4.29
N GLN A 8 -8.00 -39.92 -5.33
CA GLN A 8 -6.91 -40.12 -6.29
C GLN A 8 -7.19 -39.35 -7.58
N VAL A 9 -6.15 -39.13 -8.39
CA VAL A 9 -6.35 -38.59 -9.75
C VAL A 9 -7.35 -39.46 -10.51
N GLY A 10 -8.37 -38.83 -11.09
CA GLY A 10 -9.43 -39.54 -11.76
C GLY A 10 -10.72 -39.69 -10.98
N ASP A 11 -10.63 -39.63 -9.65
CA ASP A 11 -11.80 -39.71 -8.74
C ASP A 11 -12.79 -38.56 -8.96
N PHE A 12 -12.29 -37.45 -9.48
CA PHE A 12 -13.12 -36.28 -9.82
C PHE A 12 -13.28 -36.20 -11.33
N ALA A 13 -14.47 -35.81 -11.78
CA ALA A 13 -14.74 -35.58 -13.19
C ALA A 13 -14.07 -34.27 -13.64
N GLU A 14 -13.99 -34.05 -14.96
CA GLU A 14 -13.39 -32.82 -15.50
C GLU A 14 -14.17 -31.55 -15.14
N THR A 15 -15.43 -31.73 -14.78
CA THR A 15 -16.29 -30.63 -14.34
C THR A 15 -16.66 -30.83 -12.87
N VAL A 16 -16.44 -29.80 -12.06
CA VAL A 16 -16.84 -29.82 -10.66
C VAL A 16 -17.73 -28.62 -10.33
N LEU A 17 -18.83 -28.90 -9.63
CA LEU A 17 -19.66 -27.88 -9.06
C LEU A 17 -19.31 -27.77 -7.59
N MET A 18 -19.10 -26.55 -7.13
CA MET A 18 -18.68 -26.31 -5.76
C MET A 18 -19.60 -25.32 -5.11
N CYS A 19 -19.80 -25.47 -3.81
CA CYS A 19 -20.55 -24.52 -2.99
C CYS A 19 -19.93 -24.41 -1.59
N GLY A 20 -20.26 -23.35 -0.86
CA GLY A 20 -19.80 -23.16 0.52
C GLY A 20 -20.28 -24.14 1.56
N ASP A 21 -21.56 -24.51 1.51
CA ASP A 21 -22.15 -25.43 2.48
C ASP A 21 -22.05 -26.91 2.06
N PRO A 22 -21.23 -27.71 2.77
CA PRO A 22 -21.04 -29.11 2.39
C PRO A 22 -22.34 -29.92 2.47
N LEU A 23 -23.27 -29.45 3.30
CA LEU A 23 -24.57 -30.09 3.40
C LEU A 23 -25.40 -29.83 2.14
N ARG A 24 -25.20 -28.66 1.55
CA ARG A 24 -25.78 -28.36 0.25
C ARG A 24 -25.18 -29.29 -0.83
N ALA A 25 -23.89 -29.59 -0.71
CA ALA A 25 -23.17 -30.41 -1.68
C ALA A 25 -23.81 -31.78 -1.81
N LYS A 26 -23.93 -32.47 -0.67
CA LYS A 26 -24.52 -33.82 -0.66
C LYS A 26 -25.96 -33.80 -1.17
N LEU A 27 -26.73 -32.77 -0.81
CA LEU A 27 -28.10 -32.65 -1.32
C LEU A 27 -28.13 -32.54 -2.85
N ILE A 28 -27.21 -31.75 -3.40
CA ILE A 28 -27.07 -31.61 -4.84
C ILE A 28 -26.79 -32.97 -5.50
N ALA A 29 -25.79 -33.68 -4.99
CA ALA A 29 -25.43 -34.98 -5.52
C ALA A 29 -26.64 -35.89 -5.56
N GLU A 30 -27.30 -36.00 -4.42
CA GLU A 30 -28.47 -36.84 -4.25
C GLU A 30 -29.61 -36.43 -5.17
N THR A 31 -29.85 -35.12 -5.26
CA THR A 31 -30.98 -34.61 -6.03
C THR A 31 -30.80 -34.65 -7.53
N TYR A 32 -29.56 -34.73 -8.03
CA TYR A 32 -29.32 -34.54 -9.46
C TYR A 32 -28.45 -35.57 -10.14
N LEU A 33 -27.62 -36.26 -9.37
CA LEU A 33 -26.62 -37.12 -9.96
C LEU A 33 -26.98 -38.59 -9.86
N GLU A 34 -26.87 -39.30 -10.98
CA GLU A 34 -27.07 -40.75 -10.94
C GLU A 34 -25.84 -41.43 -10.32
N ASN A 35 -26.08 -42.53 -9.60
CA ASN A 35 -25.05 -43.22 -8.81
C ASN A 35 -23.96 -42.32 -8.25
N PRO A 36 -24.30 -41.42 -7.31
CA PRO A 36 -23.26 -40.55 -6.79
C PRO A 36 -22.46 -41.27 -5.73
N LYS A 37 -21.15 -41.06 -5.74
CA LYS A 37 -20.29 -41.67 -4.76
C LYS A 37 -19.48 -40.65 -3.98
N LEU A 38 -19.32 -40.91 -2.68
CA LEU A 38 -18.47 -40.07 -1.84
C LEU A 38 -17.05 -40.33 -2.26
N VAL A 39 -16.29 -39.29 -2.56
CA VAL A 39 -14.91 -39.49 -3.01
C VAL A 39 -13.88 -38.74 -2.17
N ASN A 40 -14.36 -37.90 -1.26
CA ASN A 40 -13.53 -37.13 -0.34
C ASN A 40 -14.40 -36.56 0.76
N ASN A 41 -14.02 -36.85 1.99
CA ASN A 41 -14.67 -36.21 3.12
C ASN A 41 -13.65 -35.75 4.14
N VAL A 42 -12.46 -35.40 3.68
CA VAL A 42 -11.48 -34.79 4.55
C VAL A 42 -12.05 -33.43 4.97
N ARG A 43 -12.22 -33.25 6.28
CA ARG A 43 -12.73 -32.01 6.89
C ARG A 43 -14.22 -31.83 6.63
N GLY A 44 -14.92 -32.95 6.41
CA GLY A 44 -16.37 -32.96 6.24
C GLY A 44 -16.84 -32.22 4.98
N ILE A 45 -15.94 -32.10 4.02
CA ILE A 45 -16.13 -31.26 2.84
C ILE A 45 -17.09 -31.83 1.76
N GLN A 46 -17.41 -33.13 1.83
CA GLN A 46 -18.48 -33.75 1.05
C GLN A 46 -18.30 -33.66 -0.46
N GLY A 47 -17.26 -34.31 -0.99
CA GLY A 47 -17.05 -34.39 -2.44
C GLY A 47 -17.60 -35.69 -3.02
N TYR A 48 -18.44 -35.54 -4.04
CA TYR A 48 -19.09 -36.67 -4.70
C TYR A 48 -18.89 -36.62 -6.20
N THR A 49 -18.75 -37.79 -6.82
CA THR A 49 -18.70 -37.89 -8.27
C THR A 49 -19.76 -38.84 -8.71
N GLY A 50 -20.46 -38.44 -9.77
CA GLY A 50 -21.47 -39.29 -10.39
C GLY A 50 -21.58 -38.86 -11.83
N THR A 51 -22.79 -38.98 -12.38
CA THR A 51 -23.11 -38.43 -13.71
C THR A 51 -24.43 -37.67 -13.71
N TYR A 52 -24.59 -36.79 -14.70
CA TYR A 52 -25.79 -36.00 -14.88
C TYR A 52 -26.14 -36.14 -16.35
N LYS A 53 -27.37 -36.57 -16.61
CA LYS A 53 -27.82 -36.91 -17.97
C LYS A 53 -26.69 -37.62 -18.76
N GLY A 54 -26.14 -38.65 -18.13
CA GLY A 54 -25.11 -39.49 -18.76
C GLY A 54 -23.69 -38.93 -18.73
N LYS A 55 -23.53 -37.69 -18.25
CA LYS A 55 -22.24 -37.00 -18.33
C LYS A 55 -21.60 -36.85 -16.93
N PRO A 56 -20.27 -37.07 -16.83
CA PRO A 56 -19.60 -37.05 -15.52
C PRO A 56 -19.48 -35.65 -14.87
N ILE A 57 -19.96 -35.57 -13.63
CA ILE A 57 -19.97 -34.34 -12.84
C ILE A 57 -19.59 -34.65 -11.42
N SER A 58 -18.79 -33.77 -10.84
CA SER A 58 -18.47 -33.85 -9.43
C SER A 58 -19.06 -32.66 -8.69
N VAL A 59 -19.28 -32.83 -7.39
CA VAL A 59 -19.73 -31.74 -6.56
C VAL A 59 -19.04 -31.86 -5.19
N MET A 60 -18.65 -30.71 -4.62
CA MET A 60 -17.94 -30.68 -3.35
C MET A 60 -18.05 -29.33 -2.69
N GLY A 61 -18.02 -29.31 -1.37
CA GLY A 61 -17.89 -28.06 -0.62
C GLY A 61 -16.55 -27.36 -0.83
N HIS A 62 -16.55 -26.05 -0.58
CA HIS A 62 -15.30 -25.27 -0.67
C HIS A 62 -15.04 -24.37 0.53
N GLY A 63 -15.86 -24.49 1.57
CA GLY A 63 -15.77 -23.61 2.74
C GLY A 63 -16.06 -22.17 2.40
N MET A 64 -16.27 -21.34 3.40
CA MET A 64 -16.44 -19.90 3.14
C MET A 64 -15.09 -19.19 3.09
N GLY A 65 -14.94 -18.29 2.14
CA GLY A 65 -13.75 -17.42 2.06
C GLY A 65 -12.70 -17.76 1.02
N LEU A 66 -12.06 -16.72 0.52
CA LEU A 66 -10.99 -16.85 -0.46
C LEU A 66 -9.85 -17.82 -0.10
N PRO A 67 -9.34 -17.75 1.14
CA PRO A 67 -8.24 -18.66 1.40
C PRO A 67 -8.69 -20.10 1.27
N SER A 68 -9.93 -20.38 1.63
CA SER A 68 -10.42 -21.73 1.62
C SER A 68 -10.62 -22.26 0.20
N ILE A 69 -11.32 -21.49 -0.64
CA ILE A 69 -11.56 -21.89 -2.03
C ILE A 69 -10.27 -21.98 -2.82
N CYS A 70 -9.28 -21.20 -2.39
CA CYS A 70 -7.98 -21.18 -3.04
C CYS A 70 -7.27 -22.49 -2.88
N ILE A 71 -7.39 -23.09 -1.69
CA ILE A 71 -6.87 -24.40 -1.40
C ILE A 71 -7.51 -25.45 -2.32
N TYR A 72 -8.83 -25.46 -2.37
CA TYR A 72 -9.55 -26.51 -3.08
C TYR A 72 -9.43 -26.36 -4.59
N ALA A 73 -9.63 -25.14 -5.10
CA ALA A 73 -9.53 -24.88 -6.54
C ALA A 73 -8.18 -25.33 -7.08
N GLU A 74 -7.09 -24.84 -6.48
CA GLU A 74 -5.76 -25.20 -6.94
C GLU A 74 -5.55 -26.72 -6.99
N GLU A 75 -5.92 -27.42 -5.92
CA GLU A 75 -5.77 -28.86 -5.87
C GLU A 75 -6.53 -29.57 -7.00
N LEU A 76 -7.76 -29.15 -7.25
CA LEU A 76 -8.55 -29.75 -8.31
C LEU A 76 -7.95 -29.49 -9.69
N TYR A 77 -7.51 -28.26 -9.94
CA TYR A 77 -6.94 -27.92 -11.24
C TYR A 77 -5.55 -28.55 -11.36
N SER A 78 -4.86 -28.63 -10.23
CA SER A 78 -3.46 -29.06 -10.17
C SER A 78 -3.37 -30.59 -10.23
N THR A 79 -3.65 -31.23 -9.10
CA THR A 79 -3.55 -32.68 -8.91
C THR A 79 -4.63 -33.45 -9.67
N TYR A 80 -5.87 -32.98 -9.57
CA TYR A 80 -7.03 -33.73 -10.02
C TYR A 80 -7.40 -33.52 -11.49
N LYS A 81 -6.62 -32.69 -12.19
CA LYS A 81 -6.81 -32.39 -13.61
C LYS A 81 -8.21 -31.89 -13.99
N VAL A 82 -8.91 -31.27 -13.04
CA VAL A 82 -10.23 -30.69 -13.30
C VAL A 82 -10.11 -29.59 -14.37
N LYS A 83 -11.04 -29.56 -15.31
CA LYS A 83 -11.00 -28.58 -16.42
C LYS A 83 -11.88 -27.36 -16.19
N THR A 84 -12.95 -27.53 -15.41
CA THR A 84 -13.93 -26.48 -15.24
C THR A 84 -14.52 -26.54 -13.87
N ILE A 85 -14.43 -25.44 -13.14
CA ILE A 85 -15.16 -25.29 -11.89
C ILE A 85 -16.24 -24.23 -12.03
N ILE A 86 -17.44 -24.57 -11.57
CA ILE A 86 -18.53 -23.62 -11.49
C ILE A 86 -18.94 -23.53 -10.03
N ARG A 87 -18.90 -22.33 -9.49
CA ARG A 87 -19.36 -22.10 -8.13
C ARG A 87 -20.85 -21.87 -8.21
N VAL A 88 -21.59 -22.66 -7.44
CA VAL A 88 -23.04 -22.51 -7.38
C VAL A 88 -23.42 -22.14 -5.94
N GLY A 89 -23.48 -20.85 -5.65
CA GLY A 89 -23.60 -20.42 -4.26
C GLY A 89 -24.78 -19.54 -3.94
N THR A 90 -24.62 -18.71 -2.92
CA THR A 90 -25.60 -17.70 -2.56
C THR A 90 -24.86 -16.38 -2.62
N CYS A 91 -25.57 -15.28 -2.41
CA CYS A 91 -24.94 -13.97 -2.42
C CYS A 91 -25.82 -12.90 -1.81
N GLY A 92 -25.17 -11.84 -1.33
CA GLY A 92 -25.85 -10.70 -0.75
C GLY A 92 -25.98 -9.66 -1.83
N ALA A 93 -27.23 -9.40 -2.22
CA ALA A 93 -27.53 -8.43 -3.26
C ALA A 93 -27.06 -7.02 -2.90
N ILE A 94 -26.54 -6.32 -3.92
CA ILE A 94 -26.08 -4.94 -3.77
C ILE A 94 -27.02 -4.02 -4.52
N ASP A 95 -27.12 -4.22 -5.83
CA ASP A 95 -28.00 -3.45 -6.70
C ASP A 95 -29.38 -3.27 -6.10
N MET A 96 -29.83 -2.03 -6.09
CA MET A 96 -31.16 -1.62 -5.64
C MET A 96 -32.23 -2.49 -6.31
N ASP A 97 -31.97 -2.88 -7.55
CA ASP A 97 -32.94 -3.60 -8.38
C ASP A 97 -33.04 -5.11 -8.10
N ILE A 98 -31.97 -5.72 -7.58
CA ILE A 98 -31.92 -7.18 -7.41
C ILE A 98 -32.63 -7.66 -6.14
N HIS A 99 -33.32 -8.79 -6.22
CA HIS A 99 -34.21 -9.23 -5.16
C HIS A 99 -33.96 -10.63 -4.62
N THR A 100 -34.40 -10.87 -3.39
CA THR A 100 -34.22 -12.17 -2.77
C THR A 100 -34.82 -13.26 -3.66
N ARG A 101 -33.97 -14.21 -4.06
CA ARG A 101 -34.34 -15.36 -4.90
C ARG A 101 -33.92 -15.15 -6.37
N ASP A 102 -33.53 -13.93 -6.71
CA ASP A 102 -32.96 -13.65 -8.03
C ASP A 102 -31.69 -14.46 -8.32
N ILE A 103 -31.50 -14.78 -9.59
CA ILE A 103 -30.29 -15.47 -10.02
C ILE A 103 -29.29 -14.53 -10.68
N VAL A 104 -28.03 -14.67 -10.29
CA VAL A 104 -26.97 -13.78 -10.70
C VAL A 104 -25.78 -14.56 -11.26
N ILE A 105 -25.37 -14.20 -12.47
CA ILE A 105 -24.18 -14.74 -13.10
C ILE A 105 -23.08 -13.68 -13.04
N PHE A 106 -21.94 -14.02 -12.46
CA PHE A 106 -20.85 -13.06 -12.35
C PHE A 106 -19.99 -13.09 -13.57
N THR A 107 -19.72 -11.91 -14.14
CA THR A 107 -18.75 -11.80 -15.22
C THR A 107 -17.36 -11.76 -14.64
N SER A 108 -17.27 -11.16 -13.45
CA SER A 108 -16.02 -10.95 -12.75
C SER A 108 -16.34 -10.68 -11.30
N ALA A 109 -15.30 -10.57 -10.48
CA ALA A 109 -15.45 -10.26 -9.06
C ALA A 109 -14.33 -9.36 -8.57
N GLY A 110 -14.69 -8.22 -8.01
CA GLY A 110 -13.70 -7.39 -7.33
C GLY A 110 -13.44 -7.97 -5.93
N THR A 111 -12.55 -7.35 -5.17
CA THR A 111 -12.26 -7.87 -3.83
C THR A 111 -11.53 -6.88 -2.91
N ASN A 112 -11.59 -7.16 -1.62
CA ASN A 112 -10.79 -6.46 -0.61
C ASN A 112 -9.69 -7.36 -0.03
N SER A 113 -9.63 -8.59 -0.52
CA SER A 113 -8.57 -9.52 -0.14
C SER A 113 -7.29 -8.93 -0.72
N LYS A 114 -6.14 -9.37 -0.20
CA LYS A 114 -4.84 -9.02 -0.74
C LYS A 114 -4.25 -10.13 -1.62
N ILE A 115 -4.94 -11.27 -1.73
CA ILE A 115 -4.40 -12.44 -2.42
C ILE A 115 -4.00 -12.16 -3.86
N ASN A 116 -4.84 -11.45 -4.60
CA ASN A 116 -4.52 -11.21 -5.98
C ASN A 116 -3.32 -10.30 -6.15
N ARG A 117 -3.18 -9.32 -5.27
CA ARG A 117 -2.02 -8.41 -5.32
C ARG A 117 -0.73 -9.16 -5.04
N ILE A 118 -0.81 -10.17 -4.17
CA ILE A 118 0.31 -11.04 -3.85
C ILE A 118 0.67 -11.96 -5.02
N ARG A 119 -0.30 -12.23 -5.87
CA ARG A 119 -0.10 -13.10 -7.02
C ARG A 119 0.42 -12.31 -8.19
N PHE A 120 0.20 -11.01 -8.18
CA PHE A 120 0.31 -10.21 -9.39
C PHE A 120 1.11 -8.94 -9.14
N MET A 121 2.24 -9.07 -8.44
CA MET A 121 3.17 -7.97 -8.23
C MET A 121 2.53 -6.69 -7.73
N ASP A 122 1.40 -6.84 -7.02
CA ASP A 122 0.79 -5.73 -6.31
C ASP A 122 -0.01 -4.83 -7.24
N HIS A 123 -0.35 -5.36 -8.42
CA HIS A 123 -1.16 -4.61 -9.37
C HIS A 123 -2.61 -5.07 -9.36
N ASP A 124 -3.46 -4.40 -10.15
CA ASP A 124 -4.85 -4.78 -10.17
C ASP A 124 -5.07 -5.95 -11.14
N TYR A 125 -5.32 -7.13 -10.59
CA TYR A 125 -5.72 -8.28 -11.40
C TYR A 125 -7.24 -8.28 -11.54
N PRO A 126 -7.75 -8.38 -12.78
CA PRO A 126 -9.19 -8.45 -12.89
C PRO A 126 -9.61 -9.92 -12.78
N ALA A 127 -10.20 -10.30 -11.65
CA ALA A 127 -10.69 -11.67 -11.51
C ALA A 127 -11.91 -11.85 -12.39
N THR A 128 -11.70 -12.51 -13.52
CA THR A 128 -12.71 -12.65 -14.55
C THR A 128 -13.17 -14.09 -14.71
N ALA A 129 -14.48 -14.28 -14.74
CA ALA A 129 -15.07 -15.56 -15.11
C ALA A 129 -14.67 -15.91 -16.54
N SER A 130 -14.46 -17.20 -16.82
CA SER A 130 -14.17 -17.64 -18.18
C SER A 130 -15.36 -17.31 -19.07
N PHE A 131 -15.09 -16.72 -20.23
CA PHE A 131 -16.15 -16.24 -21.09
C PHE A 131 -17.03 -17.38 -21.60
N ASP A 132 -16.40 -18.48 -22.00
CA ASP A 132 -17.14 -19.69 -22.41
C ASP A 132 -18.17 -20.08 -21.37
N VAL A 133 -17.82 -19.95 -20.07
CA VAL A 133 -18.72 -20.38 -19.01
C VAL A 133 -19.91 -19.44 -18.87
N VAL A 134 -19.66 -18.14 -18.92
CA VAL A 134 -20.73 -17.15 -18.85
C VAL A 134 -21.74 -17.36 -19.98
N CYS A 135 -21.25 -17.73 -21.16
CA CYS A 135 -22.11 -18.08 -22.28
C CYS A 135 -22.95 -19.29 -21.97
N ALA A 136 -22.30 -20.36 -21.56
CA ALA A 136 -22.98 -21.59 -21.28
C ALA A 136 -24.07 -21.38 -20.24
N LEU A 137 -23.76 -20.60 -19.20
CA LEU A 137 -24.72 -20.29 -18.15
C LEU A 137 -25.88 -19.40 -18.62
N VAL A 138 -25.59 -18.40 -19.43
CA VAL A 138 -26.64 -17.49 -19.93
C VAL A 138 -27.57 -18.21 -20.91
N ASP A 139 -27.01 -19.01 -21.82
CA ASP A 139 -27.82 -19.79 -22.77
C ASP A 139 -28.72 -20.76 -22.04
N ALA A 140 -28.14 -21.44 -21.06
CA ALA A 140 -28.87 -22.38 -20.22
C ALA A 140 -30.10 -21.75 -19.62
N ALA A 141 -29.96 -20.53 -19.09
CA ALA A 141 -31.06 -19.84 -18.47
C ALA A 141 -32.08 -19.42 -19.52
N LYS A 142 -31.59 -19.06 -20.71
CA LYS A 142 -32.45 -18.67 -21.81
C LYS A 142 -33.33 -19.85 -22.19
N GLU A 143 -32.71 -20.97 -22.52
CA GLU A 143 -33.42 -22.19 -22.87
C GLU A 143 -34.35 -22.70 -21.79
N LEU A 144 -34.05 -22.39 -20.54
CA LEU A 144 -34.85 -22.85 -19.42
C LEU A 144 -35.87 -21.80 -18.98
N ASN A 145 -35.85 -20.64 -19.65
CA ASN A 145 -36.71 -19.53 -19.29
C ASN A 145 -36.57 -19.06 -17.83
N ILE A 146 -35.35 -19.07 -17.31
CA ILE A 146 -35.10 -18.53 -15.97
C ILE A 146 -34.43 -17.16 -16.12
N PRO A 147 -35.05 -16.10 -15.59
CA PRO A 147 -34.39 -14.80 -15.64
C PRO A 147 -33.12 -14.84 -14.80
N ALA A 148 -32.09 -14.18 -15.30
CA ALA A 148 -30.78 -14.16 -14.66
C ALA A 148 -30.06 -12.89 -15.03
N LYS A 149 -29.58 -12.16 -14.04
CA LYS A 149 -28.78 -10.96 -14.29
C LYS A 149 -27.29 -11.30 -14.50
N VAL A 150 -26.58 -10.46 -15.25
CA VAL A 150 -25.20 -10.72 -15.62
C VAL A 150 -24.41 -9.46 -15.30
N GLY A 151 -23.34 -9.60 -14.51
CA GLY A 151 -22.50 -8.46 -14.14
C GLY A 151 -21.46 -8.73 -13.07
N LYS A 152 -20.99 -7.65 -12.46
CA LYS A 152 -19.91 -7.76 -11.47
C LYS A 152 -20.37 -8.28 -10.12
N GLY A 153 -19.54 -9.13 -9.53
CA GLY A 153 -19.66 -9.48 -8.12
C GLY A 153 -18.54 -8.86 -7.31
N PHE A 154 -18.62 -8.99 -6.00
CA PHE A 154 -17.54 -8.57 -5.15
C PHE A 154 -17.30 -9.63 -4.11
N SER A 155 -16.08 -10.15 -4.05
CA SER A 155 -15.71 -11.16 -3.05
C SER A 155 -15.10 -10.49 -1.85
N THR A 156 -15.78 -10.58 -0.72
CA THR A 156 -15.32 -9.89 0.51
C THR A 156 -14.61 -10.83 1.48
N ASP A 157 -13.61 -10.31 2.19
CA ASP A 157 -12.96 -11.04 3.26
C ASP A 157 -13.74 -10.87 4.56
N LEU A 158 -14.47 -9.77 4.61
CA LEU A 158 -15.18 -9.35 5.81
C LEU A 158 -16.70 -9.37 5.65
N PHE A 159 -17.30 -10.51 5.99
CA PHE A 159 -18.75 -10.67 5.97
C PHE A 159 -19.39 -9.56 6.80
N TYR A 160 -18.92 -9.42 8.04
CA TYR A 160 -19.27 -8.26 8.86
C TYR A 160 -18.29 -7.18 8.53
N ASN A 161 -18.72 -6.28 7.65
CA ASN A 161 -17.80 -5.31 7.08
C ASN A 161 -17.68 -4.02 7.89
N PRO A 162 -16.50 -3.79 8.46
CA PRO A 162 -16.33 -2.57 9.24
C PRO A 162 -16.39 -1.33 8.34
N GLN A 163 -16.13 -1.50 7.04
CA GLN A 163 -16.31 -0.40 6.08
C GLN A 163 -17.76 -0.26 5.63
N THR A 164 -18.56 0.43 6.45
CA THR A 164 -20.01 0.60 6.22
C THR A 164 -20.36 1.40 4.96
N GLU A 165 -19.39 2.12 4.42
CA GLU A 165 -19.65 3.00 3.26
C GLU A 165 -19.41 2.26 1.93
N LEU A 166 -18.95 1.02 2.02
CA LEU A 166 -18.51 0.27 0.86
C LEU A 166 -19.68 -0.27 0.06
N ALA A 167 -20.75 -0.62 0.77
CA ALA A 167 -21.99 -1.05 0.14
C ALA A 167 -22.55 0.01 -0.86
N GLN A 168 -22.69 1.28 -0.45
CA GLN A 168 -23.17 2.32 -1.38
C GLN A 168 -22.25 2.44 -2.56
N LEU A 169 -20.95 2.41 -2.30
CA LEU A 169 -19.96 2.56 -3.36
C LEU A 169 -20.07 1.43 -4.40
N MET A 170 -20.31 0.21 -3.94
CA MET A 170 -20.53 -0.89 -4.87
C MET A 170 -21.82 -0.70 -5.68
N ASN A 171 -22.83 -0.10 -5.03
CA ASN A 171 -24.09 0.19 -5.71
C ASN A 171 -23.87 1.25 -6.76
N LYS A 172 -23.21 2.33 -6.34
CA LYS A 172 -22.77 3.40 -7.23
C LYS A 172 -22.13 2.88 -8.54
N PHE A 173 -21.35 1.80 -8.45
CA PHE A 173 -20.69 1.21 -9.62
C PHE A 173 -21.41 -0.03 -10.13
N HIS A 174 -22.65 -0.22 -9.68
CA HIS A 174 -23.50 -1.27 -10.20
C HIS A 174 -22.84 -2.67 -10.08
N PHE A 175 -22.29 -2.94 -8.91
CA PHE A 175 -21.95 -4.30 -8.55
C PHE A 175 -23.27 -4.94 -8.25
N LEU A 176 -23.40 -6.19 -8.65
CA LEU A 176 -24.68 -6.85 -8.54
C LEU A 176 -24.88 -7.44 -7.16
N ALA A 177 -23.84 -8.07 -6.60
CA ALA A 177 -23.97 -8.87 -5.37
C ALA A 177 -22.64 -9.15 -4.69
N VAL A 178 -22.71 -9.64 -3.44
CA VAL A 178 -21.53 -9.95 -2.65
C VAL A 178 -21.49 -11.43 -2.30
N GLU A 179 -20.38 -12.07 -2.60
CA GLU A 179 -20.07 -13.35 -1.96
C GLU A 179 -18.67 -13.28 -1.36
N MET A 180 -17.99 -14.41 -1.25
CA MET A 180 -16.73 -14.41 -0.54
C MET A 180 -15.69 -15.30 -1.16
N GLU A 181 -15.82 -15.57 -2.46
CA GLU A 181 -15.07 -16.67 -3.07
C GLU A 181 -14.61 -16.49 -4.51
N SER A 182 -15.39 -15.82 -5.34
CA SER A 182 -15.12 -15.86 -6.78
C SER A 182 -13.79 -15.27 -7.17
N ALA A 183 -13.45 -14.13 -6.57
CA ALA A 183 -12.19 -13.46 -6.83
C ALA A 183 -10.98 -14.34 -6.59
N GLY A 184 -11.11 -15.31 -5.69
CA GLY A 184 -10.05 -16.30 -5.50
C GLY A 184 -9.99 -17.35 -6.60
N LEU A 185 -11.17 -17.85 -7.00
CA LEU A 185 -11.30 -18.89 -8.02
C LEU A 185 -10.77 -18.49 -9.40
N PHE A 186 -11.20 -17.35 -9.92
CA PHE A 186 -10.94 -17.03 -11.30
C PHE A 186 -9.43 -16.92 -11.60
N PRO A 187 -8.66 -16.17 -10.78
CA PRO A 187 -7.24 -16.10 -11.07
C PRO A 187 -6.57 -17.45 -11.09
N ILE A 188 -7.03 -18.38 -10.26
CA ILE A 188 -6.44 -19.72 -10.22
C ILE A 188 -6.71 -20.50 -11.51
N ALA A 189 -7.94 -20.45 -12.01
CA ALA A 189 -8.32 -21.10 -13.25
C ALA A 189 -7.45 -20.63 -14.41
N ASP A 190 -7.18 -19.33 -14.46
CA ASP A 190 -6.33 -18.77 -15.49
C ASP A 190 -4.97 -19.39 -15.34
N LEU A 191 -4.51 -19.49 -14.10
CA LEU A 191 -3.16 -19.93 -13.82
C LEU A 191 -2.93 -21.31 -14.38
N TYR A 192 -3.97 -22.14 -14.36
CA TYR A 192 -3.83 -23.51 -14.79
C TYR A 192 -4.35 -23.78 -16.20
N GLY A 193 -4.76 -22.72 -16.89
CA GLY A 193 -5.25 -22.83 -18.26
C GLY A 193 -6.60 -23.49 -18.30
N ALA A 194 -7.38 -23.28 -17.24
CA ALA A 194 -8.63 -23.97 -17.04
C ALA A 194 -9.80 -22.98 -17.01
N ARG A 195 -11.00 -23.45 -16.69
CA ARG A 195 -12.19 -22.61 -16.73
C ARG A 195 -12.94 -22.58 -15.41
N ALA A 196 -13.55 -21.43 -15.16
CA ALA A 196 -14.23 -21.18 -13.92
C ALA A 196 -15.36 -20.22 -14.16
N GLY A 197 -16.41 -20.38 -13.37
CA GLY A 197 -17.54 -19.46 -13.41
C GLY A 197 -18.25 -19.55 -12.09
N CYS A 198 -19.14 -18.61 -11.85
CA CYS A 198 -19.89 -18.56 -10.62
C CYS A 198 -21.29 -18.11 -10.91
N ILE A 199 -22.26 -18.83 -10.33
CA ILE A 199 -23.67 -18.49 -10.42
C ILE A 199 -24.28 -18.52 -9.03
N CYS A 200 -25.08 -17.50 -8.74
CA CYS A 200 -25.62 -17.34 -7.42
C CYS A 200 -27.11 -17.12 -7.38
N THR A 201 -27.68 -17.45 -6.25
CA THR A 201 -29.04 -17.17 -5.92
C THR A 201 -29.03 -16.26 -4.70
N VAL A 202 -29.72 -15.13 -4.83
CA VAL A 202 -29.76 -14.11 -3.79
C VAL A 202 -30.49 -14.58 -2.54
N SER A 203 -29.83 -14.43 -1.39
CA SER A 203 -30.38 -14.88 -0.12
C SER A 203 -30.76 -13.74 0.82
N ASP A 204 -30.15 -12.58 0.64
CA ASP A 204 -30.34 -11.43 1.50
C ASP A 204 -29.86 -10.18 0.79
N HIS A 205 -30.39 -9.02 1.18
CA HIS A 205 -30.00 -7.75 0.59
C HIS A 205 -29.13 -6.95 1.56
N ILE A 206 -27.98 -6.45 1.12
CA ILE A 206 -27.15 -5.65 2.04
C ILE A 206 -27.55 -4.17 2.07
N LEU A 207 -28.62 -3.82 1.34
CA LEU A 207 -29.17 -2.45 1.36
C LEU A 207 -30.72 -2.38 1.50
N HIS A 208 -31.45 -3.16 0.69
CA HIS A 208 -32.93 -3.16 0.67
C HIS A 208 -33.49 -4.59 0.77
N GLN A 218 -36.66 -24.61 -2.66
CA GLN A 218 -36.19 -25.10 -3.95
C GLN A 218 -36.25 -24.06 -5.06
N ASN A 219 -37.43 -23.46 -5.29
CA ASN A 219 -37.65 -22.48 -6.36
C ASN A 219 -36.37 -22.01 -7.11
N SER A 220 -35.66 -21.05 -6.52
CA SER A 220 -34.46 -20.44 -7.12
C SER A 220 -33.22 -21.34 -7.05
N PHE A 221 -33.10 -22.05 -5.94
CA PHE A 221 -32.04 -23.03 -5.72
C PHE A 221 -31.96 -24.04 -6.87
N GLN A 222 -33.11 -24.65 -7.17
CA GLN A 222 -33.27 -25.59 -8.27
C GLN A 222 -32.93 -24.99 -9.63
N ASN A 223 -33.46 -23.79 -9.88
CA ASN A 223 -33.19 -23.06 -11.12
C ASN A 223 -31.72 -22.83 -11.36
N MET A 224 -31.04 -22.34 -10.32
CA MET A 224 -29.60 -22.20 -10.37
C MET A 224 -28.93 -23.54 -10.69
N MET A 225 -29.35 -24.60 -10.01
CA MET A 225 -28.75 -25.92 -10.21
C MET A 225 -28.95 -26.41 -11.64
N LYS A 226 -30.18 -26.26 -12.12
CA LYS A 226 -30.52 -26.64 -13.47
C LYS A 226 -29.66 -25.84 -14.47
N ILE A 227 -29.56 -24.55 -14.25
CA ILE A 227 -28.78 -23.70 -15.13
C ILE A 227 -27.34 -24.19 -15.15
N ALA A 228 -26.75 -24.36 -13.98
CA ALA A 228 -25.35 -24.78 -13.86
C ALA A 228 -25.14 -26.14 -14.52
N LEU A 229 -26.06 -27.07 -14.28
CA LEU A 229 -25.94 -28.44 -14.75
C LEU A 229 -26.13 -28.52 -16.23
N GLU A 230 -27.05 -27.73 -16.77
CA GLU A 230 -27.22 -27.65 -18.21
C GLU A 230 -25.98 -27.08 -18.88
N ALA A 231 -25.50 -25.93 -18.38
CA ALA A 231 -24.26 -25.32 -18.86
C ALA A 231 -23.08 -26.30 -18.82
N ALA A 232 -23.04 -27.15 -17.79
CA ALA A 232 -21.99 -28.12 -17.67
C ALA A 232 -22.01 -29.10 -18.84
N ILE A 233 -23.21 -29.50 -19.28
CA ILE A 233 -23.38 -30.34 -20.48
C ILE A 233 -22.81 -29.64 -21.73
N LYS A 234 -23.20 -28.38 -21.92
CA LYS A 234 -22.76 -27.56 -23.04
C LYS A 234 -21.25 -27.46 -23.18
N LEU A 235 -20.53 -27.39 -22.06
CA LEU A 235 -19.08 -27.29 -22.07
C LEU A 235 -18.40 -28.67 -22.13
N HIS A 236 -19.21 -29.71 -22.24
CA HIS A 236 -18.78 -31.13 -22.34
C HIS A 236 -17.53 -31.49 -21.57
N ALA B 1 -29.95 -18.24 15.34
CA ALA B 1 -29.91 -16.79 15.67
C ALA B 1 -28.92 -16.02 14.79
N THR B 2 -28.02 -16.72 14.10
CA THR B 2 -27.27 -16.08 13.01
C THR B 2 -27.41 -16.89 11.74
N PRO B 3 -26.97 -16.33 10.60
CA PRO B 3 -26.95 -17.10 9.35
C PRO B 3 -26.03 -18.32 9.37
N HIS B 4 -25.18 -18.45 10.39
CA HIS B 4 -24.18 -19.53 10.43
C HIS B 4 -24.27 -20.42 11.67
N ASN B 5 -25.38 -20.29 12.39
CA ASN B 5 -25.48 -20.79 13.76
C ASN B 5 -26.92 -20.79 14.24
N SER B 6 -27.49 -21.99 14.41
CA SER B 6 -28.89 -22.13 14.81
C SER B 6 -29.10 -22.17 16.34
N ALA B 7 -28.08 -21.82 17.13
CA ALA B 7 -28.21 -21.79 18.59
C ALA B 7 -28.74 -20.44 19.12
N GLN B 8 -29.22 -20.44 20.36
CA GLN B 8 -29.67 -19.20 21.03
C GLN B 8 -28.66 -18.78 22.07
N VAL B 9 -28.59 -17.48 22.35
CA VAL B 9 -27.79 -16.92 23.43
C VAL B 9 -27.91 -17.83 24.64
N GLY B 10 -26.77 -18.24 25.19
CA GLY B 10 -26.74 -19.19 26.29
C GLY B 10 -26.42 -20.62 25.91
N ASP B 11 -26.58 -20.98 24.64
CA ASP B 11 -26.28 -22.34 24.20
C ASP B 11 -24.78 -22.67 24.17
N PHE B 12 -23.94 -21.65 24.11
CA PHE B 12 -22.51 -21.84 24.23
C PHE B 12 -22.04 -21.48 25.62
N ALA B 13 -21.08 -22.26 26.10
CA ALA B 13 -20.39 -21.95 27.34
C ALA B 13 -19.61 -20.67 27.12
N GLU B 14 -19.17 -20.04 28.19
CA GLU B 14 -18.49 -18.77 28.05
C GLU B 14 -17.08 -18.96 27.50
N THR B 15 -16.57 -20.20 27.54
CA THR B 15 -15.29 -20.57 26.94
C THR B 15 -15.51 -21.58 25.80
N VAL B 16 -14.96 -21.29 24.62
CA VAL B 16 -15.11 -22.14 23.43
C VAL B 16 -13.77 -22.53 22.76
N LEU B 17 -13.56 -23.83 22.56
CA LEU B 17 -12.41 -24.28 21.77
C LEU B 17 -12.83 -24.40 20.32
N MET B 18 -11.99 -23.94 19.40
CA MET B 18 -12.32 -24.03 17.98
C MET B 18 -11.16 -24.59 17.18
N CYS B 19 -11.49 -25.26 16.08
CA CYS B 19 -10.50 -25.73 15.13
C CYS B 19 -11.01 -25.71 13.72
N GLY B 20 -10.11 -25.74 12.74
CA GLY B 20 -10.48 -25.74 11.33
C GLY B 20 -11.38 -26.89 10.94
N ASP B 21 -10.97 -28.11 11.30
CA ASP B 21 -11.67 -29.33 10.90
C ASP B 21 -12.90 -29.57 11.76
N PRO B 22 -14.10 -29.57 11.15
CA PRO B 22 -15.28 -29.81 11.98
C PRO B 22 -15.31 -31.24 12.54
N LEU B 23 -14.65 -32.18 11.86
CA LEU B 23 -14.59 -33.53 12.38
C LEU B 23 -13.72 -33.59 13.64
N ARG B 24 -12.82 -32.62 13.79
CA ARG B 24 -11.99 -32.52 15.00
C ARG B 24 -12.82 -32.05 16.18
N ALA B 25 -13.70 -31.09 15.92
CA ALA B 25 -14.63 -30.58 16.93
C ALA B 25 -15.56 -31.69 17.42
N LYS B 26 -16.00 -32.55 16.49
CA LYS B 26 -16.79 -33.75 16.79
C LYS B 26 -16.01 -34.68 17.73
N LEU B 27 -14.77 -34.96 17.37
CA LEU B 27 -13.93 -35.85 18.14
C LEU B 27 -13.73 -35.32 19.56
N ILE B 28 -13.35 -34.05 19.68
CA ILE B 28 -13.19 -33.44 20.98
C ILE B 28 -14.46 -33.63 21.80
N ALA B 29 -15.60 -33.36 21.18
CA ALA B 29 -16.88 -33.47 21.88
C ALA B 29 -17.19 -34.92 22.24
N GLU B 30 -17.07 -35.84 21.28
CA GLU B 30 -17.36 -37.25 21.53
C GLU B 30 -16.38 -37.92 22.51
N THR B 31 -15.20 -37.34 22.65
CA THR B 31 -14.14 -37.92 23.46
C THR B 31 -14.03 -37.30 24.85
N TYR B 32 -13.83 -35.99 24.92
CA TYR B 32 -13.43 -35.34 26.18
C TYR B 32 -14.53 -34.71 27.02
N LEU B 33 -15.61 -34.29 26.37
CA LEU B 33 -16.63 -33.56 27.09
C LEU B 33 -17.60 -34.50 27.76
N GLU B 34 -18.06 -34.11 28.94
CA GLU B 34 -19.16 -34.82 29.53
C GLU B 34 -20.53 -34.17 29.19
N ASN B 35 -21.53 -35.03 28.97
CA ASN B 35 -22.92 -34.64 28.62
C ASN B 35 -23.04 -33.67 27.43
N PRO B 36 -22.25 -33.91 26.37
CA PRO B 36 -22.17 -32.98 25.25
C PRO B 36 -23.46 -32.94 24.46
N LYS B 37 -23.80 -31.77 23.93
CA LYS B 37 -25.02 -31.59 23.17
C LYS B 37 -24.71 -30.83 21.90
N LEU B 38 -25.17 -31.35 20.76
CA LEU B 38 -25.03 -30.65 19.50
C LEU B 38 -25.88 -29.39 19.52
N VAL B 39 -25.24 -28.22 19.48
CA VAL B 39 -25.99 -26.99 19.57
C VAL B 39 -26.06 -26.24 18.26
N ASN B 40 -25.16 -26.58 17.32
CA ASN B 40 -25.13 -25.93 16.02
C ASN B 40 -24.49 -26.80 14.94
N ASN B 41 -25.25 -27.07 13.89
CA ASN B 41 -24.70 -27.80 12.76
C ASN B 41 -25.03 -27.21 11.40
N VAL B 42 -25.29 -25.90 11.37
CA VAL B 42 -25.40 -25.18 10.10
C VAL B 42 -24.07 -25.37 9.34
N ARG B 43 -24.17 -25.74 8.07
CA ARG B 43 -22.99 -26.01 7.23
C ARG B 43 -22.04 -27.06 7.82
N GLY B 44 -22.57 -27.96 8.63
CA GLY B 44 -21.81 -29.08 9.14
C GLY B 44 -20.67 -28.68 10.05
N ILE B 45 -20.82 -27.52 10.69
CA ILE B 45 -19.76 -26.93 11.50
C ILE B 45 -19.45 -27.66 12.81
N GLN B 46 -20.40 -28.42 13.33
CA GLN B 46 -20.20 -29.24 14.55
C GLN B 46 -19.93 -28.43 15.81
N GLY B 47 -20.93 -27.67 16.23
CA GLY B 47 -20.86 -26.91 17.46
C GLY B 47 -21.45 -27.74 18.58
N TYR B 48 -20.68 -27.96 19.63
CA TYR B 48 -21.16 -28.70 20.81
C TYR B 48 -20.95 -27.95 22.12
N THR B 49 -21.81 -28.23 23.11
CA THR B 49 -21.62 -27.73 24.45
C THR B 49 -21.80 -28.88 25.45
N GLY B 50 -20.86 -28.98 26.39
CA GLY B 50 -20.99 -29.84 27.58
C GLY B 50 -20.17 -29.23 28.73
N THR B 51 -19.62 -30.09 29.58
CA THR B 51 -18.69 -29.64 30.61
C THR B 51 -17.43 -30.45 30.55
N TYR B 52 -16.34 -29.87 31.01
CA TYR B 52 -15.12 -30.64 31.18
C TYR B 52 -14.73 -30.58 32.65
N LYS B 53 -14.55 -31.75 33.27
CA LYS B 53 -14.37 -31.85 34.72
C LYS B 53 -15.39 -30.99 35.44
N GLY B 54 -16.61 -30.99 34.89
CA GLY B 54 -17.75 -30.27 35.46
C GLY B 54 -17.89 -28.81 35.08
N LYS B 55 -16.94 -28.30 34.30
CA LYS B 55 -16.92 -26.87 33.94
C LYS B 55 -17.45 -26.66 32.52
N PRO B 56 -18.29 -25.63 32.34
CA PRO B 56 -18.96 -25.47 31.05
C PRO B 56 -17.95 -25.17 29.97
N ILE B 57 -17.88 -26.02 28.95
CA ILE B 57 -17.02 -25.80 27.79
C ILE B 57 -17.84 -26.01 26.53
N SER B 58 -17.45 -25.34 25.44
CA SER B 58 -18.04 -25.55 24.13
C SER B 58 -16.92 -25.76 23.13
N VAL B 59 -17.24 -26.46 22.04
CA VAL B 59 -16.30 -26.68 20.94
C VAL B 59 -17.04 -26.59 19.60
N MET B 60 -16.37 -26.02 18.60
CA MET B 60 -16.97 -25.84 17.30
C MET B 60 -15.86 -25.68 16.26
N GLY B 61 -16.12 -26.12 15.04
CA GLY B 61 -15.23 -25.82 13.94
C GLY B 61 -15.26 -24.35 13.58
N HIS B 62 -14.30 -23.90 12.80
CA HIS B 62 -14.29 -22.50 12.37
C HIS B 62 -13.93 -22.31 10.90
N GLY B 63 -13.88 -23.41 10.15
CA GLY B 63 -13.45 -23.39 8.76
C GLY B 63 -11.98 -23.04 8.61
N MET B 64 -11.48 -23.11 7.38
CA MET B 64 -10.11 -22.70 7.08
C MET B 64 -10.08 -21.26 6.61
N GLY B 65 -9.13 -20.49 7.11
CA GLY B 65 -8.94 -19.14 6.57
C GLY B 65 -9.45 -18.05 7.47
N LEU B 66 -8.83 -16.89 7.36
CA LEU B 66 -9.21 -15.75 8.16
C LEU B 66 -10.68 -15.33 8.02
N PRO B 67 -11.19 -15.22 6.77
CA PRO B 67 -12.59 -14.88 6.58
C PRO B 67 -13.53 -15.76 7.35
N SER B 68 -13.27 -17.05 7.35
CA SER B 68 -14.16 -18.00 7.98
C SER B 68 -14.15 -17.82 9.50
N ILE B 69 -12.98 -17.93 10.11
CA ILE B 69 -12.91 -17.72 11.55
C ILE B 69 -13.43 -16.32 11.94
N CYS B 70 -13.26 -15.34 11.06
CA CYS B 70 -13.77 -13.99 11.35
C CYS B 70 -15.28 -13.92 11.51
N ILE B 71 -15.99 -14.68 10.68
CA ILE B 71 -17.44 -14.85 10.81
C ILE B 71 -17.78 -15.47 12.17
N TYR B 72 -17.19 -16.63 12.49
CA TYR B 72 -17.60 -17.38 13.65
C TYR B 72 -17.18 -16.71 14.94
N ALA B 73 -15.92 -16.29 14.99
CA ALA B 73 -15.42 -15.60 16.18
C ALA B 73 -16.28 -14.38 16.52
N GLU B 74 -16.55 -13.51 15.55
CA GLU B 74 -17.32 -12.31 15.84
C GLU B 74 -18.70 -12.68 16.35
N GLU B 75 -19.38 -13.57 15.64
CA GLU B 75 -20.70 -14.02 16.05
C GLU B 75 -20.70 -14.54 17.47
N LEU B 76 -19.73 -15.38 17.82
CA LEU B 76 -19.62 -15.95 19.16
C LEU B 76 -19.44 -14.88 20.23
N TYR B 77 -18.53 -13.94 19.99
CA TYR B 77 -18.25 -12.90 20.97
C TYR B 77 -19.46 -11.98 21.11
N SER B 78 -20.08 -11.70 19.98
CA SER B 78 -21.14 -10.74 19.87
C SER B 78 -22.45 -11.29 20.42
N THR B 79 -23.03 -12.22 19.68
CA THR B 79 -24.38 -12.74 19.92
C THR B 79 -24.42 -13.71 21.10
N TYR B 80 -23.38 -14.53 21.25
CA TYR B 80 -23.43 -15.64 22.20
C TYR B 80 -22.80 -15.33 23.55
N LYS B 81 -22.21 -14.13 23.65
CA LYS B 81 -21.64 -13.57 24.89
C LYS B 81 -20.47 -14.39 25.44
N VAL B 82 -19.68 -14.97 24.52
CA VAL B 82 -18.50 -15.77 24.84
C VAL B 82 -17.37 -14.88 25.32
N LYS B 83 -16.63 -15.33 26.33
CA LYS B 83 -15.53 -14.53 26.88
C LYS B 83 -14.16 -14.99 26.41
N THR B 84 -14.07 -16.24 25.97
CA THR B 84 -12.76 -16.81 25.68
C THR B 84 -12.87 -17.86 24.61
N ILE B 85 -12.07 -17.68 23.56
CA ILE B 85 -11.97 -18.67 22.50
C ILE B 85 -10.52 -19.11 22.42
N ILE B 86 -10.29 -20.40 22.55
CA ILE B 86 -8.96 -20.95 22.33
C ILE B 86 -9.04 -21.74 21.04
N ARG B 87 -8.14 -21.48 20.10
CA ARG B 87 -8.12 -22.19 18.84
C ARG B 87 -7.20 -23.39 18.99
N VAL B 88 -7.70 -24.58 18.75
CA VAL B 88 -6.90 -25.80 18.89
C VAL B 88 -6.64 -26.41 17.52
N GLY B 89 -5.45 -26.22 17.01
CA GLY B 89 -5.23 -26.47 15.61
C GLY B 89 -3.96 -27.22 15.29
N THR B 90 -3.64 -27.19 14.01
CA THR B 90 -2.42 -27.74 13.48
C THR B 90 -1.67 -26.55 12.88
N CYS B 91 -0.46 -26.79 12.39
CA CYS B 91 0.37 -25.73 11.82
C CYS B 91 1.56 -26.31 11.08
N GLY B 92 2.13 -25.52 10.19
CA GLY B 92 3.33 -25.89 9.46
C GLY B 92 4.54 -25.21 10.09
N ALA B 93 5.50 -26.01 10.54
CA ALA B 93 6.69 -25.50 11.20
C ALA B 93 7.50 -24.61 10.27
N ILE B 94 8.01 -23.50 10.82
CA ILE B 94 9.03 -22.69 10.16
C ILE B 94 10.39 -22.97 10.78
N ASP B 95 10.49 -22.78 12.09
CA ASP B 95 11.77 -22.85 12.77
C ASP B 95 12.39 -24.23 12.67
N MET B 96 13.68 -24.26 12.33
CA MET B 96 14.42 -25.50 12.05
C MET B 96 14.32 -26.50 13.23
N ASP B 97 14.13 -25.97 14.45
CA ASP B 97 14.09 -26.79 15.66
C ASP B 97 12.72 -27.31 16.09
N ILE B 98 11.66 -26.70 15.56
CA ILE B 98 10.32 -27.22 15.75
C ILE B 98 10.04 -28.29 14.70
N HIS B 99 9.62 -29.45 15.18
CA HIS B 99 9.45 -30.62 14.33
C HIS B 99 8.04 -31.16 14.43
N THR B 100 7.62 -31.94 13.43
CA THR B 100 6.28 -32.53 13.38
C THR B 100 5.95 -33.17 14.72
N ARG B 101 4.69 -33.04 15.12
CA ARG B 101 4.15 -33.54 16.42
C ARG B 101 4.46 -32.63 17.63
N ASP B 102 5.37 -31.68 17.46
CA ASP B 102 5.63 -30.71 18.51
C ASP B 102 4.45 -29.76 18.71
N ILE B 103 4.35 -29.24 19.92
CA ILE B 103 3.25 -28.38 20.26
C ILE B 103 3.68 -26.92 20.40
N VAL B 104 2.93 -26.05 19.74
CA VAL B 104 3.23 -24.64 19.70
C VAL B 104 2.09 -23.79 20.27
N ILE B 105 2.45 -22.85 21.13
CA ILE B 105 1.54 -21.87 21.70
C ILE B 105 1.91 -20.51 21.10
N PHE B 106 0.95 -19.82 20.50
CA PHE B 106 1.24 -18.53 19.87
C PHE B 106 1.06 -17.35 20.80
N THR B 107 2.06 -16.47 20.79
CA THR B 107 1.95 -15.21 21.52
C THR B 107 1.17 -14.22 20.68
N SER B 108 1.24 -14.42 19.37
CA SER B 108 0.72 -13.47 18.40
C SER B 108 0.78 -14.12 17.03
N ALA B 109 0.21 -13.43 16.03
CA ALA B 109 0.29 -13.91 14.65
C ALA B 109 0.42 -12.77 13.66
N GLY B 110 1.44 -12.88 12.80
CA GLY B 110 1.55 -12.02 11.65
C GLY B 110 0.62 -12.53 10.57
N THR B 111 0.56 -11.79 9.47
CA THR B 111 -0.30 -12.16 8.35
C THR B 111 0.00 -11.40 7.07
N ASN B 112 -0.43 -12.01 5.97
CA ASN B 112 -0.37 -11.41 4.65
C ASN B 112 -1.80 -11.09 4.19
N SER B 113 -2.77 -11.35 5.04
CA SER B 113 -4.12 -10.87 4.80
C SER B 113 -4.19 -9.33 4.91
N LYS B 114 -5.28 -8.77 4.37
CA LYS B 114 -5.50 -7.34 4.42
C LYS B 114 -6.54 -6.92 5.48
N ILE B 115 -7.11 -7.91 6.16
CA ILE B 115 -8.24 -7.70 7.06
C ILE B 115 -7.96 -6.68 8.18
N ASN B 116 -6.81 -6.81 8.83
CA ASN B 116 -6.48 -5.93 9.95
C ASN B 116 -6.13 -4.52 9.45
N ARG B 117 -5.56 -4.43 8.25
CA ARG B 117 -5.32 -3.11 7.68
C ARG B 117 -6.64 -2.41 7.47
N ILE B 118 -7.61 -3.13 6.89
CA ILE B 118 -8.98 -2.63 6.75
C ILE B 118 -9.59 -2.19 8.09
N ARG B 119 -9.29 -2.93 9.15
CA ARG B 119 -9.87 -2.69 10.48
C ARG B 119 -9.21 -1.50 11.18
N PHE B 120 -8.02 -1.12 10.70
CA PHE B 120 -7.13 -0.29 11.47
C PHE B 120 -6.45 0.82 10.66
N MET B 121 -7.23 1.49 9.80
CA MET B 121 -6.82 2.71 9.10
C MET B 121 -5.51 2.50 8.40
N ASP B 122 -5.37 1.33 7.78
CA ASP B 122 -4.24 0.97 6.93
C ASP B 122 -2.91 0.85 7.69
N HIS B 123 -2.98 0.69 9.01
CA HIS B 123 -1.75 0.64 9.81
C HIS B 123 -1.39 -0.77 10.22
N ASP B 124 -0.45 -0.92 11.15
CA ASP B 124 0.02 -2.26 11.58
C ASP B 124 -0.60 -2.67 12.91
N TYR B 125 -1.61 -3.52 12.84
CA TYR B 125 -2.19 -4.11 14.05
C TYR B 125 -1.41 -5.36 14.48
N PRO B 126 -0.98 -5.41 15.76
CA PRO B 126 -0.35 -6.64 16.23
C PRO B 126 -1.42 -7.59 16.73
N ALA B 127 -1.84 -8.54 15.89
CA ALA B 127 -2.73 -9.59 16.34
C ALA B 127 -2.07 -10.32 17.49
N THR B 128 -2.56 -10.10 18.71
CA THR B 128 -1.88 -10.59 19.90
C THR B 128 -2.77 -11.52 20.71
N ALA B 129 -2.20 -12.65 21.12
CA ALA B 129 -2.91 -13.53 22.01
C ALA B 129 -3.05 -12.81 23.34
N SER B 130 -4.17 -13.09 24.01
CA SER B 130 -4.44 -12.53 25.32
C SER B 130 -3.46 -13.13 26.31
N PHE B 131 -2.70 -12.26 26.94
CA PHE B 131 -1.69 -12.65 27.92
C PHE B 131 -2.13 -13.76 28.90
N ASP B 132 -3.35 -13.62 29.44
CA ASP B 132 -3.92 -14.62 30.35
C ASP B 132 -4.00 -16.01 29.73
N VAL B 133 -4.33 -16.07 28.45
CA VAL B 133 -4.55 -17.33 27.78
C VAL B 133 -3.23 -18.01 27.51
N VAL B 134 -2.23 -17.26 27.04
CA VAL B 134 -0.88 -17.80 26.89
C VAL B 134 -0.38 -18.41 28.22
N CYS B 135 -0.51 -17.66 29.31
CA CYS B 135 -0.12 -18.14 30.63
C CYS B 135 -0.77 -19.46 30.93
N ALA B 136 -2.09 -19.45 30.92
CA ALA B 136 -2.86 -20.63 31.25
C ALA B 136 -2.36 -21.81 30.44
N LEU B 137 -2.12 -21.59 29.16
CA LEU B 137 -1.72 -22.66 28.27
C LEU B 137 -0.35 -23.18 28.62
N VAL B 138 0.58 -22.27 28.91
CA VAL B 138 1.94 -22.64 29.31
C VAL B 138 1.94 -23.38 30.64
N ASP B 139 1.15 -22.91 31.60
CA ASP B 139 1.04 -23.52 32.92
C ASP B 139 0.48 -24.93 32.86
N ALA B 140 -0.61 -25.09 32.13
CA ALA B 140 -1.21 -26.39 31.91
C ALA B 140 -0.24 -27.35 31.21
N ALA B 141 0.61 -26.81 30.34
CA ALA B 141 1.57 -27.64 29.63
C ALA B 141 2.64 -28.14 30.58
N LYS B 142 3.08 -27.26 31.46
CA LYS B 142 4.03 -27.59 32.52
C LYS B 142 3.45 -28.67 33.44
N GLU B 143 2.28 -28.37 34.01
CA GLU B 143 1.53 -29.27 34.87
C GLU B 143 1.45 -30.69 34.33
N LEU B 144 1.28 -30.82 33.02
CA LEU B 144 1.02 -32.11 32.40
C LEU B 144 2.26 -32.73 31.82
N ASN B 145 3.40 -32.10 32.11
CA ASN B 145 4.68 -32.56 31.60
C ASN B 145 4.78 -32.69 30.09
N ILE B 146 4.07 -31.82 29.39
CA ILE B 146 4.17 -31.78 27.94
C ILE B 146 5.04 -30.58 27.53
N PRO B 147 6.09 -30.83 26.74
CA PRO B 147 6.88 -29.76 26.14
C PRO B 147 6.03 -28.96 25.14
N ALA B 148 6.05 -27.64 25.31
CA ALA B 148 5.30 -26.72 24.49
C ALA B 148 6.18 -25.52 24.18
N LYS B 149 6.14 -25.07 22.94
CA LYS B 149 6.94 -23.94 22.52
C LYS B 149 6.13 -22.65 22.36
N VAL B 150 6.70 -21.54 22.81
CA VAL B 150 6.03 -20.23 22.86
C VAL B 150 6.68 -19.23 21.90
N GLY B 151 5.83 -18.50 21.18
CA GLY B 151 6.31 -17.52 20.20
C GLY B 151 5.32 -17.14 19.11
N LYS B 152 5.87 -16.58 18.04
CA LYS B 152 5.12 -16.00 16.94
C LYS B 152 4.59 -17.02 15.93
N GLY B 153 3.35 -16.80 15.51
CA GLY B 153 2.77 -17.53 14.39
C GLY B 153 2.61 -16.62 13.19
N PHE B 154 2.42 -17.23 12.03
CA PHE B 154 2.02 -16.49 10.83
C PHE B 154 0.75 -17.11 10.25
N SER B 155 -0.26 -16.26 10.03
CA SER B 155 -1.51 -16.66 9.46
C SER B 155 -1.53 -16.26 8.01
N THR B 156 -1.49 -17.27 7.12
CA THR B 156 -1.44 -17.01 5.70
C THR B 156 -2.80 -17.11 5.02
N ASP B 157 -2.97 -16.30 3.98
CA ASP B 157 -4.14 -16.34 3.13
C ASP B 157 -3.89 -17.38 2.08
N LEU B 158 -2.62 -17.72 1.88
CA LEU B 158 -2.22 -18.65 0.83
C LEU B 158 -1.48 -19.91 1.33
N PHE B 159 -2.19 -21.04 1.44
CA PHE B 159 -1.58 -22.33 1.73
C PHE B 159 -0.45 -22.65 0.76
N TYR B 160 -0.77 -22.55 -0.53
CA TYR B 160 0.22 -22.77 -1.55
C TYR B 160 0.72 -21.39 -1.92
N ASN B 161 1.81 -20.99 -1.26
CA ASN B 161 2.25 -19.62 -1.30
C ASN B 161 3.15 -19.36 -2.48
N PRO B 162 2.68 -18.51 -3.41
CA PRO B 162 3.50 -18.16 -4.58
C PRO B 162 4.72 -17.29 -4.22
N GLN B 163 4.73 -16.73 -3.03
CA GLN B 163 5.92 -16.06 -2.54
C GLN B 163 6.84 -17.10 -1.90
N THR B 164 7.74 -17.68 -2.69
CA THR B 164 8.57 -18.81 -2.22
C THR B 164 9.68 -18.39 -1.27
N GLU B 165 10.09 -17.12 -1.35
CA GLU B 165 11.15 -16.60 -0.49
C GLU B 165 10.69 -16.37 0.96
N LEU B 166 9.36 -16.34 1.19
CA LEU B 166 8.77 -15.94 2.48
C LEU B 166 9.01 -16.92 3.63
N ALA B 167 8.94 -18.22 3.33
CA ALA B 167 9.24 -19.25 4.31
C ALA B 167 10.55 -18.94 5.02
N GLN B 168 11.62 -18.74 4.24
CA GLN B 168 12.93 -18.38 4.80
C GLN B 168 12.95 -17.04 5.57
N LEU B 169 12.21 -16.04 5.08
CA LEU B 169 12.18 -14.73 5.75
C LEU B 169 11.54 -14.89 7.10
N MET B 170 10.51 -15.74 7.17
CA MET B 170 9.85 -15.98 8.43
C MET B 170 10.84 -16.69 9.37
N ASN B 171 11.66 -17.58 8.81
CA ASN B 171 12.69 -18.27 9.57
C ASN B 171 13.83 -17.35 10.05
N LYS B 172 14.25 -16.43 9.20
CA LYS B 172 15.21 -15.38 9.61
C LYS B 172 14.74 -14.70 10.89
N PHE B 173 13.43 -14.48 11.02
CA PHE B 173 12.84 -13.74 12.16
C PHE B 173 12.29 -14.58 13.29
N HIS B 174 12.54 -15.89 13.23
CA HIS B 174 12.14 -16.84 14.27
C HIS B 174 10.63 -16.93 14.49
N PHE B 175 9.89 -16.96 13.39
CA PHE B 175 8.51 -17.37 13.42
C PHE B 175 8.50 -18.88 13.68
N LEU B 176 7.60 -19.32 14.56
CA LEU B 176 7.54 -20.72 14.91
C LEU B 176 6.82 -21.53 13.84
N ALA B 177 5.59 -21.14 13.51
CA ALA B 177 4.77 -21.90 12.58
C ALA B 177 3.72 -21.04 11.83
N VAL B 178 3.18 -21.65 10.78
CA VAL B 178 2.19 -21.03 9.94
C VAL B 178 0.85 -21.77 10.06
N GLU B 179 -0.20 -20.98 10.28
CA GLU B 179 -1.57 -21.43 10.08
C GLU B 179 -2.35 -20.36 9.32
N MET B 180 -3.68 -20.31 9.49
CA MET B 180 -4.50 -19.49 8.63
C MET B 180 -5.64 -18.76 9.39
N GLU B 181 -5.53 -18.65 10.70
CA GLU B 181 -6.69 -18.21 11.46
C GLU B 181 -6.45 -17.16 12.53
N SER B 182 -5.33 -17.29 13.24
CA SER B 182 -5.08 -16.53 14.46
C SER B 182 -5.03 -15.03 14.29
N ALA B 183 -4.45 -14.59 13.19
CA ALA B 183 -4.29 -13.17 12.92
C ALA B 183 -5.65 -12.50 12.83
N GLY B 184 -6.68 -13.25 12.47
CA GLY B 184 -8.06 -12.76 12.40
C GLY B 184 -8.82 -12.89 13.70
N LEU B 185 -8.58 -13.98 14.43
CA LEU B 185 -9.14 -14.14 15.78
C LEU B 185 -8.75 -13.01 16.74
N PHE B 186 -7.45 -12.82 16.94
CA PHE B 186 -6.95 -11.95 18.02
C PHE B 186 -7.56 -10.54 18.07
N PRO B 187 -7.62 -9.83 16.93
CA PRO B 187 -8.21 -8.50 17.00
C PRO B 187 -9.72 -8.51 17.33
N ILE B 188 -10.43 -9.51 16.85
CA ILE B 188 -11.85 -9.61 17.13
C ILE B 188 -12.06 -9.71 18.65
N ALA B 189 -11.29 -10.55 19.33
CA ALA B 189 -11.41 -10.63 20.78
C ALA B 189 -11.15 -9.24 21.44
N ASP B 190 -10.16 -8.52 20.92
CA ASP B 190 -9.89 -7.18 21.42
C ASP B 190 -11.15 -6.32 21.24
N LEU B 191 -11.72 -6.35 20.04
CA LEU B 191 -12.90 -5.58 19.71
C LEU B 191 -13.99 -5.76 20.76
N TYR B 192 -14.24 -7.00 21.15
CA TYR B 192 -15.27 -7.29 22.14
C TYR B 192 -14.74 -7.29 23.57
N GLY B 193 -13.47 -6.90 23.74
CA GLY B 193 -12.85 -6.88 25.05
C GLY B 193 -13.00 -8.26 25.68
N ALA B 194 -12.71 -9.28 24.88
CA ALA B 194 -12.72 -10.67 25.34
C ALA B 194 -11.32 -11.25 25.21
N ARG B 195 -11.19 -12.57 25.39
CA ARG B 195 -9.88 -13.19 25.39
C ARG B 195 -9.77 -14.21 24.26
N ALA B 196 -8.54 -14.48 23.83
CA ALA B 196 -8.28 -15.44 22.76
C ALA B 196 -6.85 -15.94 22.82
N GLY B 197 -6.67 -17.18 22.37
CA GLY B 197 -5.35 -17.80 22.25
C GLY B 197 -5.37 -18.92 21.24
N CYS B 198 -4.18 -19.34 20.85
CA CYS B 198 -4.04 -20.37 19.84
C CYS B 198 -2.95 -21.34 20.26
N ILE B 199 -3.30 -22.62 20.30
CA ILE B 199 -2.35 -23.70 20.53
C ILE B 199 -2.41 -24.62 19.32
N CYS B 200 -1.26 -25.08 18.87
CA CYS B 200 -1.20 -25.91 17.68
C CYS B 200 -0.22 -27.06 17.77
N THR B 201 -0.59 -28.18 17.15
CA THR B 201 0.30 -29.29 16.96
C THR B 201 0.87 -29.27 15.55
N VAL B 202 2.16 -29.50 15.41
CA VAL B 202 2.79 -29.38 14.10
C VAL B 202 2.50 -30.60 13.19
N SER B 203 1.88 -30.34 12.04
CA SER B 203 1.49 -31.41 11.13
C SER B 203 2.42 -31.59 9.93
N ASP B 204 3.31 -30.61 9.71
CA ASP B 204 4.28 -30.62 8.61
C ASP B 204 5.30 -29.50 8.77
N HIS B 205 6.42 -29.59 8.07
CA HIS B 205 7.42 -28.52 8.04
C HIS B 205 7.42 -27.86 6.66
N ILE B 206 7.40 -26.53 6.59
CA ILE B 206 7.41 -25.93 5.25
C ILE B 206 8.84 -25.74 4.69
N LEU B 207 9.85 -26.09 5.49
CA LEU B 207 11.25 -25.94 5.04
C LEU B 207 12.02 -27.23 4.71
N HIS B 208 11.31 -28.36 4.72
CA HIS B 208 11.74 -29.66 4.13
C HIS B 208 10.58 -30.63 4.29
N HIS B 209 10.74 -31.91 3.94
CA HIS B 209 9.70 -32.88 4.30
C HIS B 209 10.20 -33.86 5.37
N GLU B 210 9.43 -33.97 6.45
CA GLU B 210 9.91 -34.51 7.73
C GLU B 210 9.23 -35.82 8.18
N GLU B 211 8.43 -35.73 9.24
CA GLU B 211 7.90 -36.90 9.97
C GLU B 211 6.38 -37.09 9.80
N THR B 212 5.95 -37.17 8.54
CA THR B 212 4.53 -37.39 8.20
C THR B 212 4.10 -38.85 8.48
N THR B 213 5.06 -39.76 8.42
CA THR B 213 4.85 -41.21 8.58
C THR B 213 4.53 -41.67 10.04
N ALA B 214 4.49 -40.72 10.99
CA ALA B 214 4.28 -41.00 12.43
C ALA B 214 2.80 -41.17 12.80
N GLU B 215 2.54 -41.83 13.93
CA GLU B 215 1.18 -42.03 14.45
C GLU B 215 0.79 -41.09 15.61
N GLU B 216 1.54 -39.99 15.72
CA GLU B 216 1.09 -38.81 16.47
C GLU B 216 1.21 -37.57 15.56
N ARG B 217 0.13 -37.09 14.92
CA ARG B 217 -1.26 -37.60 14.97
C ARG B 217 -1.88 -37.55 16.37
N GLN B 218 -2.83 -38.45 16.65
CA GLN B 218 -3.64 -38.41 17.87
C GLN B 218 -2.89 -38.26 19.19
N ASN B 219 -1.72 -38.89 19.33
CA ASN B 219 -0.95 -38.80 20.57
C ASN B 219 -0.41 -37.38 20.86
N SER B 220 -0.32 -36.58 19.79
CA SER B 220 0.13 -35.18 19.87
C SER B 220 -1.06 -34.22 19.87
N PHE B 221 -2.11 -34.59 19.13
CA PHE B 221 -3.41 -33.92 19.21
C PHE B 221 -3.92 -34.05 20.64
N GLN B 222 -3.89 -35.28 21.17
CA GLN B 222 -4.34 -35.58 22.51
C GLN B 222 -3.65 -34.72 23.55
N ASN B 223 -2.33 -34.58 23.40
CA ASN B 223 -1.56 -33.72 24.29
C ASN B 223 -2.00 -32.27 24.21
N MET B 224 -2.13 -31.75 22.99
CA MET B 224 -2.63 -30.41 22.78
C MET B 224 -4.03 -30.29 23.34
N MET B 225 -4.86 -31.28 23.04
CA MET B 225 -6.23 -31.30 23.51
C MET B 225 -6.29 -31.19 25.02
N LYS B 226 -5.42 -31.92 25.70
CA LYS B 226 -5.49 -31.94 27.13
C LYS B 226 -4.92 -30.68 27.76
N ILE B 227 -3.93 -30.08 27.10
CA ILE B 227 -3.36 -28.80 27.52
C ILE B 227 -4.43 -27.72 27.41
N ALA B 228 -5.20 -27.79 26.33
CA ALA B 228 -6.26 -26.82 26.02
C ALA B 228 -7.44 -26.91 26.96
N LEU B 229 -7.92 -28.12 27.19
CA LEU B 229 -8.99 -28.39 28.12
C LEU B 229 -8.62 -27.94 29.54
N GLU B 230 -7.41 -28.30 29.96
CA GLU B 230 -6.92 -27.92 31.27
C GLU B 230 -6.76 -26.41 31.43
N ALA B 231 -6.26 -25.74 30.39
CA ALA B 231 -6.13 -24.31 30.41
C ALA B 231 -7.49 -23.63 30.49
N ALA B 232 -8.48 -24.22 29.83
CA ALA B 232 -9.83 -23.69 29.82
C ALA B 232 -10.42 -23.64 31.23
N ILE B 233 -10.23 -24.71 31.99
CA ILE B 233 -10.65 -24.79 33.39
C ILE B 233 -10.02 -23.65 34.19
N LYS B 234 -8.72 -23.47 34.00
CA LYS B 234 -7.91 -22.51 34.73
C LYS B 234 -8.29 -21.06 34.40
N LEU B 235 -9.21 -20.89 33.46
CA LEU B 235 -9.67 -19.56 33.05
C LEU B 235 -11.13 -19.36 33.44
N HIS B 236 -11.50 -19.84 34.63
CA HIS B 236 -12.91 -19.93 34.98
C HIS B 236 -13.12 -19.77 36.50
N ALA C 1 -18.80 23.02 -24.95
CA ALA C 1 -19.52 22.77 -23.67
C ALA C 1 -18.61 22.17 -22.60
N THR C 2 -17.49 21.57 -23.02
CA THR C 2 -16.46 21.10 -22.08
C THR C 2 -15.05 21.63 -22.40
N PRO C 3 -14.12 21.58 -21.42
CA PRO C 3 -12.77 22.08 -21.68
C PRO C 3 -11.99 21.31 -22.74
N HIS C 4 -12.51 20.15 -23.15
CA HIS C 4 -11.82 19.29 -24.11
C HIS C 4 -12.69 18.99 -25.33
N ASN C 5 -13.84 19.65 -25.39
CA ASN C 5 -14.87 19.34 -26.38
C ASN C 5 -15.75 20.55 -26.64
N SER C 6 -15.60 21.12 -27.84
CA SER C 6 -16.36 22.31 -28.28
C SER C 6 -17.83 22.02 -28.64
N ALA C 7 -18.16 20.75 -28.87
CA ALA C 7 -19.50 20.35 -29.31
C ALA C 7 -20.55 20.56 -28.21
N GLN C 8 -21.82 20.34 -28.55
CA GLN C 8 -22.92 20.43 -27.59
C GLN C 8 -23.72 19.12 -27.54
N VAL C 9 -24.49 18.94 -26.47
CA VAL C 9 -25.36 17.76 -26.34
C VAL C 9 -26.07 17.47 -27.67
N GLY C 10 -26.05 16.21 -28.11
CA GLY C 10 -26.66 15.82 -29.38
C GLY C 10 -25.68 15.68 -30.55
N ASP C 11 -24.54 16.38 -30.48
CA ASP C 11 -23.53 16.34 -31.55
C ASP C 11 -22.87 14.98 -31.73
N PHE C 12 -22.77 14.22 -30.64
CA PHE C 12 -22.27 12.85 -30.70
C PHE C 12 -23.41 11.86 -30.68
N ALA C 13 -23.24 10.77 -31.41
CA ALA C 13 -24.22 9.68 -31.42
C ALA C 13 -24.17 8.93 -30.11
N GLU C 14 -25.18 8.10 -29.85
CA GLU C 14 -25.24 7.33 -28.62
C GLU C 14 -24.14 6.24 -28.57
N THR C 15 -23.62 5.87 -29.73
CA THR C 15 -22.49 4.92 -29.85
C THR C 15 -21.27 5.63 -30.38
N VAL C 16 -20.16 5.55 -29.66
CA VAL C 16 -18.91 6.19 -30.04
C VAL C 16 -17.78 5.15 -30.07
N LEU C 17 -17.05 5.13 -31.17
CA LEU C 17 -15.85 4.31 -31.26
C LEU C 17 -14.65 5.20 -30.99
N MET C 18 -13.75 4.74 -30.12
CA MET C 18 -12.58 5.54 -29.78
C MET C 18 -11.30 4.81 -30.07
N CYS C 19 -10.34 5.54 -30.63
CA CYS C 19 -8.98 5.04 -30.74
C CYS C 19 -8.03 6.14 -30.25
N GLY C 20 -6.75 5.84 -30.15
CA GLY C 20 -5.79 6.75 -29.53
C GLY C 20 -5.10 7.67 -30.50
N ASP C 21 -4.98 7.23 -31.75
CA ASP C 21 -4.40 8.04 -32.82
C ASP C 21 -5.48 8.88 -33.52
N PRO C 22 -5.42 10.22 -33.39
CA PRO C 22 -6.50 11.02 -33.98
C PRO C 22 -6.47 11.00 -35.52
N LEU C 23 -5.29 10.78 -36.08
CA LEU C 23 -5.15 10.63 -37.52
C LEU C 23 -5.93 9.43 -37.98
N ARG C 24 -5.95 8.38 -37.15
CA ARG C 24 -6.71 7.18 -37.45
C ARG C 24 -8.23 7.42 -37.40
N ALA C 25 -8.69 8.26 -36.46
CA ALA C 25 -10.12 8.53 -36.33
C ALA C 25 -10.68 9.16 -37.60
N LYS C 26 -9.92 10.08 -38.17
CA LYS C 26 -10.24 10.73 -39.45
C LYS C 26 -10.36 9.72 -40.60
N LEU C 27 -9.45 8.76 -40.65
CA LEU C 27 -9.48 7.75 -41.68
C LEU C 27 -10.70 6.83 -41.55
N ILE C 28 -11.03 6.46 -40.32
CA ILE C 28 -12.18 5.62 -40.00
C ILE C 28 -13.45 6.29 -40.49
N ALA C 29 -13.56 7.59 -40.17
CA ALA C 29 -14.67 8.42 -40.59
C ALA C 29 -14.83 8.39 -42.11
N GLU C 30 -13.77 8.79 -42.81
CA GLU C 30 -13.72 8.69 -44.27
C GLU C 30 -14.04 7.27 -44.77
N THR C 31 -13.40 6.25 -44.18
CA THR C 31 -13.52 4.92 -44.73
C THR C 31 -14.89 4.25 -44.49
N TYR C 32 -15.57 4.59 -43.41
CA TYR C 32 -16.78 3.83 -43.04
C TYR C 32 -18.05 4.62 -42.83
N LEU C 33 -17.92 5.87 -42.48
CA LEU C 33 -19.11 6.63 -42.13
C LEU C 33 -19.67 7.37 -43.33
N GLU C 34 -20.99 7.36 -43.47
CA GLU C 34 -21.64 8.19 -44.49
C GLU C 34 -21.89 9.56 -43.88
N ASN C 35 -21.59 10.60 -44.64
CA ASN C 35 -21.73 12.00 -44.21
C ASN C 35 -21.15 12.38 -42.86
N PRO C 36 -19.86 12.07 -42.66
CA PRO C 36 -19.18 12.41 -41.41
C PRO C 36 -18.95 13.92 -41.29
N LYS C 37 -19.13 14.45 -40.10
CA LYS C 37 -18.88 15.87 -39.87
C LYS C 37 -17.96 16.06 -38.69
N LEU C 38 -17.04 17.02 -38.79
CA LEU C 38 -16.21 17.39 -37.66
C LEU C 38 -17.11 17.97 -36.59
N VAL C 39 -17.07 17.36 -35.41
CA VAL C 39 -17.87 17.83 -34.29
C VAL C 39 -17.01 18.37 -33.16
N ASN C 40 -15.76 17.91 -33.11
CA ASN C 40 -14.84 18.36 -32.07
C ASN C 40 -13.40 18.22 -32.55
N ASN C 41 -12.64 19.30 -32.39
CA ASN C 41 -11.22 19.26 -32.66
C ASN C 41 -10.43 20.08 -31.66
N VAL C 42 -10.98 20.25 -30.45
CA VAL C 42 -10.20 20.81 -29.35
C VAL C 42 -9.01 19.87 -29.17
N ARG C 43 -7.81 20.44 -29.23
CA ARG C 43 -6.56 19.67 -29.08
C ARG C 43 -6.32 18.66 -30.19
N GLY C 44 -6.92 18.90 -31.36
CA GLY C 44 -6.68 18.08 -32.55
C GLY C 44 -7.19 16.66 -32.39
N ILE C 45 -8.21 16.49 -31.57
CA ILE C 45 -8.68 15.17 -31.17
C ILE C 45 -9.57 14.47 -32.23
N GLN C 46 -9.86 15.18 -33.33
CA GLN C 46 -10.56 14.61 -34.49
C GLN C 46 -11.87 13.84 -34.18
N GLY C 47 -12.85 14.55 -33.62
CA GLY C 47 -14.16 13.96 -33.32
C GLY C 47 -15.10 14.12 -34.49
N TYR C 48 -15.72 13.02 -34.91
CA TYR C 48 -16.61 12.99 -36.06
C TYR C 48 -17.92 12.30 -35.76
N THR C 49 -18.99 12.77 -36.40
CA THR C 49 -20.30 12.12 -36.32
C THR C 49 -20.92 11.93 -37.70
N GLY C 50 -21.25 10.67 -38.01
CA GLY C 50 -21.94 10.29 -39.24
C GLY C 50 -22.97 9.22 -38.97
N THR C 51 -23.22 8.35 -39.95
CA THR C 51 -24.00 7.13 -39.76
C THR C 51 -23.26 5.98 -40.40
N TYR C 52 -23.55 4.76 -39.98
CA TYR C 52 -23.01 3.58 -40.64
C TYR C 52 -24.17 2.64 -40.93
N LYS C 53 -24.47 2.45 -42.20
CA LYS C 53 -25.65 1.69 -42.62
C LYS C 53 -26.92 2.26 -41.96
N GLY C 54 -26.96 3.57 -41.85
CA GLY C 54 -28.19 4.28 -41.50
C GLY C 54 -28.40 4.47 -40.02
N LYS C 55 -27.50 3.93 -39.23
CA LYS C 55 -27.56 4.07 -37.77
C LYS C 55 -26.44 5.02 -37.36
N PRO C 56 -26.76 6.00 -36.48
CA PRO C 56 -25.81 7.06 -36.11
C PRO C 56 -24.59 6.58 -35.31
N ILE C 57 -23.42 7.13 -35.63
CA ILE C 57 -22.16 6.71 -35.02
C ILE C 57 -21.18 7.86 -34.91
N SER C 58 -20.40 7.86 -33.84
CA SER C 58 -19.32 8.83 -33.71
C SER C 58 -17.98 8.12 -33.58
N VAL C 59 -16.92 8.83 -33.95
CA VAL C 59 -15.56 8.33 -33.80
C VAL C 59 -14.66 9.47 -33.34
N MET C 60 -13.94 9.24 -32.25
CA MET C 60 -13.03 10.23 -31.70
C MET C 60 -11.74 9.60 -31.21
N GLY C 61 -10.68 10.40 -31.20
CA GLY C 61 -9.43 10.04 -30.56
C GLY C 61 -9.60 10.14 -29.06
N HIS C 62 -8.75 9.43 -28.31
CA HIS C 62 -8.78 9.56 -26.87
C HIS C 62 -7.38 9.75 -26.28
N GLY C 63 -6.38 9.91 -27.15
CA GLY C 63 -5.00 10.05 -26.71
C GLY C 63 -4.54 8.77 -26.03
N MET C 64 -3.25 8.73 -25.71
CA MET C 64 -2.70 7.55 -25.08
C MET C 64 -2.72 7.68 -23.56
N GLY C 65 -3.15 6.61 -22.88
CA GLY C 65 -3.03 6.51 -21.43
C GLY C 65 -4.34 6.61 -20.68
N LEU C 66 -4.38 6.00 -19.50
CA LEU C 66 -5.59 6.00 -18.67
C LEU C 66 -6.12 7.39 -18.31
N PRO C 67 -5.22 8.34 -17.96
CA PRO C 67 -5.72 9.66 -17.59
C PRO C 67 -6.46 10.35 -18.73
N SER C 68 -5.96 10.21 -19.95
CA SER C 68 -6.59 10.83 -21.10
C SER C 68 -7.96 10.20 -21.37
N ILE C 69 -8.01 8.88 -21.50
CA ILE C 69 -9.27 8.22 -21.80
C ILE C 69 -10.33 8.48 -20.74
N CYS C 70 -9.93 8.54 -19.48
CA CYS C 70 -10.85 8.86 -18.39
C CYS C 70 -11.51 10.22 -18.56
N ILE C 71 -10.72 11.20 -19.00
CA ILE C 71 -11.26 12.52 -19.34
C ILE C 71 -12.31 12.41 -20.45
N TYR C 72 -11.96 11.79 -21.58
CA TYR C 72 -12.89 11.73 -22.72
C TYR C 72 -14.16 10.87 -22.43
N ALA C 73 -13.97 9.69 -21.83
CA ALA C 73 -15.08 8.81 -21.48
C ALA C 73 -16.07 9.41 -20.47
N GLU C 74 -15.57 10.10 -19.45
CA GLU C 74 -16.47 10.74 -18.52
C GLU C 74 -17.28 11.88 -19.13
N GLU C 75 -16.64 12.66 -20.01
CA GLU C 75 -17.35 13.74 -20.69
C GLU C 75 -18.44 13.20 -21.62
N LEU C 76 -18.12 12.18 -22.42
CA LEU C 76 -19.10 11.63 -23.34
C LEU C 76 -20.32 11.07 -22.65
N TYR C 77 -20.09 10.31 -21.60
CA TYR C 77 -21.16 9.62 -20.88
C TYR C 77 -22.02 10.59 -20.05
N SER C 78 -21.45 11.71 -19.60
CA SER C 78 -22.20 12.62 -18.75
C SER C 78 -22.75 13.81 -19.52
N THR C 79 -21.88 14.66 -20.06
CA THR C 79 -22.35 15.76 -20.88
C THR C 79 -23.10 15.26 -22.13
N TYR C 80 -22.43 14.46 -22.97
CA TYR C 80 -22.98 14.14 -24.27
C TYR C 80 -23.93 12.95 -24.27
N LYS C 81 -24.20 12.40 -23.09
CA LYS C 81 -25.22 11.38 -22.92
C LYS C 81 -24.99 10.14 -23.82
N VAL C 82 -23.72 9.81 -24.05
CA VAL C 82 -23.35 8.61 -24.83
C VAL C 82 -23.74 7.32 -24.07
N LYS C 83 -24.29 6.34 -24.81
CA LYS C 83 -24.72 5.07 -24.20
C LYS C 83 -23.68 3.95 -24.24
N THR C 84 -22.84 3.96 -25.28
CA THR C 84 -21.90 2.87 -25.54
C THR C 84 -20.60 3.41 -26.12
N ILE C 85 -19.46 3.06 -25.52
CA ILE C 85 -18.16 3.35 -26.14
C ILE C 85 -17.44 2.06 -26.46
N ILE C 86 -16.97 1.95 -27.69
CA ILE C 86 -16.10 0.83 -28.03
C ILE C 86 -14.71 1.33 -28.40
N ARG C 87 -13.71 0.95 -27.63
CA ARG C 87 -12.33 1.24 -27.97
C ARG C 87 -11.87 0.32 -29.11
N VAL C 88 -11.37 0.92 -30.18
CA VAL C 88 -10.87 0.17 -31.33
C VAL C 88 -9.40 0.55 -31.53
N GLY C 89 -8.53 -0.09 -30.76
CA GLY C 89 -7.12 0.28 -30.78
C GLY C 89 -6.18 -0.78 -31.33
N THR C 90 -4.91 -0.63 -30.98
CA THR C 90 -3.95 -1.68 -31.19
C THR C 90 -3.56 -2.16 -29.81
N CYS C 91 -2.61 -3.08 -29.75
CA CYS C 91 -2.16 -3.68 -28.51
C CYS C 91 -0.93 -4.56 -28.76
N GLY C 92 -0.06 -4.65 -27.76
CA GLY C 92 1.08 -5.57 -27.82
C GLY C 92 0.69 -6.92 -27.26
N ALA C 93 1.05 -7.99 -27.95
CA ALA C 93 0.60 -9.33 -27.56
C ALA C 93 1.42 -9.89 -26.43
N ILE C 94 0.76 -10.67 -25.56
CA ILE C 94 1.44 -11.39 -24.48
C ILE C 94 1.51 -12.90 -24.71
N ASP C 95 0.34 -13.55 -24.81
CA ASP C 95 0.27 -14.99 -25.00
C ASP C 95 1.14 -15.44 -26.19
N MET C 96 1.92 -16.49 -25.96
CA MET C 96 2.86 -17.06 -26.93
C MET C 96 2.27 -17.26 -28.33
N ASP C 97 1.00 -17.62 -28.38
CA ASP C 97 0.34 -18.01 -29.64
C ASP C 97 -0.47 -16.87 -30.28
N ILE C 98 -0.70 -15.79 -29.52
CA ILE C 98 -1.23 -14.57 -30.13
C ILE C 98 -0.11 -13.94 -30.96
N HIS C 99 -0.36 -13.75 -32.26
CA HIS C 99 0.69 -13.24 -33.16
C HIS C 99 0.30 -11.91 -33.78
N THR C 100 1.27 -11.30 -34.45
CA THR C 100 1.10 -9.97 -34.99
C THR C 100 -0.12 -9.89 -35.90
N ARG C 101 -0.90 -8.84 -35.69
CA ARG C 101 -2.13 -8.55 -36.45
C ARG C 101 -3.31 -9.55 -36.21
N ASP C 102 -3.23 -10.34 -35.14
CA ASP C 102 -4.40 -11.05 -34.64
C ASP C 102 -5.43 -10.09 -34.03
N ILE C 103 -6.64 -10.59 -33.76
CA ILE C 103 -7.67 -9.75 -33.18
C ILE C 103 -8.11 -10.20 -31.80
N VAL C 104 -8.07 -9.26 -30.86
CA VAL C 104 -8.38 -9.55 -29.48
C VAL C 104 -9.55 -8.70 -29.02
N ILE C 105 -10.46 -9.33 -28.30
CA ILE C 105 -11.61 -8.71 -27.68
C ILE C 105 -11.40 -8.91 -26.19
N PHE C 106 -11.46 -7.83 -25.42
CA PHE C 106 -11.14 -7.89 -24.00
C PHE C 106 -12.38 -8.07 -23.18
N THR C 107 -12.32 -9.03 -22.25
CA THR C 107 -13.38 -9.26 -21.28
C THR C 107 -13.22 -8.32 -20.12
N SER C 108 -11.95 -7.97 -19.86
CA SER C 108 -11.58 -7.16 -18.73
C SER C 108 -10.18 -6.65 -18.94
N ALA C 109 -9.70 -5.82 -18.02
CA ALA C 109 -8.37 -5.21 -18.14
C ALA C 109 -7.71 -5.05 -16.78
N GLY C 110 -6.57 -5.72 -16.60
CA GLY C 110 -5.72 -5.46 -15.44
C GLY C 110 -5.06 -4.09 -15.59
N THR C 111 -4.53 -3.55 -14.49
CA THR C 111 -3.75 -2.30 -14.53
C THR C 111 -2.72 -2.12 -13.43
N ASN C 112 -1.63 -1.43 -13.77
CA ASN C 112 -0.65 -0.95 -12.79
C ASN C 112 -0.91 0.48 -12.36
N SER C 113 -2.04 1.03 -12.79
CA SER C 113 -2.44 2.36 -12.39
C SER C 113 -3.14 2.34 -11.03
N LYS C 114 -3.08 3.48 -10.34
CA LYS C 114 -3.75 3.65 -9.06
C LYS C 114 -5.17 4.20 -9.20
N ILE C 115 -5.60 4.52 -10.43
CA ILE C 115 -6.89 5.19 -10.65
C ILE C 115 -8.08 4.45 -10.05
N ASN C 116 -8.21 3.16 -10.36
CA ASN C 116 -9.33 2.40 -9.84
C ASN C 116 -9.26 2.20 -8.32
N ARG C 117 -8.05 2.14 -7.77
CA ARG C 117 -7.89 2.11 -6.31
C ARG C 117 -8.41 3.39 -5.68
N ILE C 118 -8.02 4.53 -6.25
CA ILE C 118 -8.53 5.83 -5.84
C ILE C 118 -10.07 5.88 -5.92
N ARG C 119 -10.67 5.18 -6.87
CA ARG C 119 -12.13 5.25 -7.08
C ARG C 119 -12.87 4.27 -6.16
N PHE C 120 -12.18 3.23 -5.70
CA PHE C 120 -12.85 2.09 -5.09
C PHE C 120 -12.26 1.73 -3.73
N MET C 121 -11.96 2.76 -2.93
CA MET C 121 -11.43 2.63 -1.57
C MET C 121 -10.20 1.76 -1.43
N ASP C 122 -9.37 1.72 -2.46
CA ASP C 122 -8.06 1.06 -2.41
C ASP C 122 -8.22 -0.48 -2.42
N HIS C 123 -9.38 -0.94 -2.89
CA HIS C 123 -9.62 -2.35 -3.15
C HIS C 123 -9.48 -2.74 -4.60
N ASP C 124 -9.72 -4.01 -4.90
CA ASP C 124 -9.58 -4.55 -6.26
C ASP C 124 -10.89 -4.40 -7.04
N TYR C 125 -10.91 -3.40 -7.92
CA TYR C 125 -12.02 -3.18 -8.82
C TYR C 125 -11.76 -3.95 -10.09
N PRO C 126 -12.69 -4.78 -10.53
CA PRO C 126 -12.39 -5.49 -11.75
C PRO C 126 -12.91 -4.71 -12.96
N ALA C 127 -12.02 -3.97 -13.62
CA ALA C 127 -12.36 -3.26 -14.85
C ALA C 127 -12.85 -4.26 -15.90
N THR C 128 -14.17 -4.43 -15.95
CA THR C 128 -14.83 -5.42 -16.79
C THR C 128 -15.56 -4.76 -17.96
N ALA C 129 -15.38 -5.30 -19.15
CA ALA C 129 -16.16 -4.84 -20.32
C ALA C 129 -17.62 -5.24 -20.15
N SER C 130 -18.52 -4.41 -20.68
CA SER C 130 -19.97 -4.71 -20.60
C SER C 130 -20.24 -5.97 -21.40
N PHE C 131 -20.96 -6.91 -20.77
CA PHE C 131 -21.15 -8.24 -21.33
C PHE C 131 -21.80 -8.19 -22.71
N ASP C 132 -22.83 -7.34 -22.85
CA ASP C 132 -23.53 -7.12 -24.11
C ASP C 132 -22.53 -6.83 -25.20
N VAL C 133 -21.72 -5.81 -24.95
CA VAL C 133 -20.74 -5.33 -25.89
C VAL C 133 -19.78 -6.47 -26.27
N VAL C 134 -19.35 -7.25 -25.29
CA VAL C 134 -18.44 -8.35 -25.55
C VAL C 134 -19.10 -9.34 -26.50
N CYS C 135 -20.35 -9.62 -26.23
CA CYS C 135 -21.16 -10.56 -27.01
C CYS C 135 -21.40 -10.08 -28.45
N ALA C 136 -21.69 -8.79 -28.58
CA ALA C 136 -21.89 -8.18 -29.91
C ALA C 136 -20.62 -8.25 -30.75
N LEU C 137 -19.47 -8.14 -30.09
CA LEU C 137 -18.19 -8.19 -30.80
C LEU C 137 -17.91 -9.61 -31.24
N VAL C 138 -18.11 -10.56 -30.32
CA VAL C 138 -17.94 -11.98 -30.63
C VAL C 138 -18.86 -12.43 -31.75
N ASP C 139 -20.16 -12.16 -31.60
CA ASP C 139 -21.11 -12.55 -32.65
C ASP C 139 -20.73 -11.98 -34.03
N ALA C 140 -20.39 -10.69 -34.06
CA ALA C 140 -19.96 -10.04 -35.30
C ALA C 140 -18.75 -10.74 -35.95
N ALA C 141 -17.78 -11.12 -35.14
CA ALA C 141 -16.59 -11.80 -35.66
C ALA C 141 -16.97 -13.13 -36.32
N LYS C 142 -17.90 -13.85 -35.67
CA LYS C 142 -18.36 -15.12 -36.18
C LYS C 142 -19.13 -14.88 -37.48
N GLU C 143 -19.98 -13.86 -37.48
CA GLU C 143 -20.74 -13.50 -38.69
C GLU C 143 -19.81 -13.16 -39.85
N LEU C 144 -18.72 -12.47 -39.57
CA LEU C 144 -17.81 -12.02 -40.62
C LEU C 144 -16.73 -13.05 -40.91
N ASN C 145 -16.77 -14.16 -40.17
CA ASN C 145 -15.74 -15.21 -40.26
C ASN C 145 -14.33 -14.74 -39.95
N ILE C 146 -14.22 -13.78 -39.04
CA ILE C 146 -12.91 -13.30 -38.63
C ILE C 146 -12.56 -13.95 -37.30
N PRO C 147 -11.43 -14.67 -37.26
CA PRO C 147 -11.02 -15.28 -36.01
C PRO C 147 -10.57 -14.20 -35.00
N ALA C 148 -11.06 -14.31 -33.77
CA ALA C 148 -10.78 -13.31 -32.76
C ALA C 148 -10.64 -14.00 -31.41
N LYS C 149 -9.55 -13.73 -30.73
CA LYS C 149 -9.32 -14.27 -29.41
C LYS C 149 -10.07 -13.46 -28.35
N VAL C 150 -10.43 -14.13 -27.25
CA VAL C 150 -11.19 -13.50 -26.17
C VAL C 150 -10.57 -13.83 -24.82
N GLY C 151 -10.34 -12.80 -24.02
CA GLY C 151 -9.72 -12.95 -22.70
C GLY C 151 -9.31 -11.61 -22.13
N LYS C 152 -8.41 -11.63 -21.14
CA LYS C 152 -8.06 -10.40 -20.39
C LYS C 152 -7.00 -9.59 -21.09
N GLY C 153 -7.11 -8.28 -20.97
CA GLY C 153 -6.03 -7.37 -21.31
C GLY C 153 -5.44 -6.71 -20.07
N PHE C 154 -4.32 -6.03 -20.26
CA PHE C 154 -3.68 -5.25 -19.21
C PHE C 154 -3.45 -3.86 -19.73
N SER C 155 -3.93 -2.85 -19.00
CA SER C 155 -3.66 -1.46 -19.32
C SER C 155 -2.49 -0.96 -18.49
N THR C 156 -1.38 -0.66 -19.16
CA THR C 156 -0.17 -0.16 -18.49
C THR C 156 -0.14 1.36 -18.40
N ASP C 157 0.54 1.87 -17.37
CA ASP C 157 0.86 3.30 -17.30
C ASP C 157 2.23 3.52 -17.92
N LEU C 158 3.01 2.45 -18.00
CA LEU C 158 4.37 2.52 -18.46
C LEU C 158 4.56 1.74 -19.73
N PHE C 159 4.48 2.42 -20.88
CA PHE C 159 4.78 1.80 -22.17
C PHE C 159 6.14 1.15 -22.13
N TYR C 160 7.15 1.92 -21.71
CA TYR C 160 8.49 1.43 -21.43
C TYR C 160 8.53 0.97 -19.97
N ASN C 161 8.36 -0.34 -19.77
CA ASN C 161 8.14 -0.85 -18.42
C ASN C 161 9.42 -1.25 -17.68
N PRO C 162 9.74 -0.54 -16.57
CA PRO C 162 10.97 -0.86 -15.82
C PRO C 162 10.86 -2.19 -15.05
N GLN C 163 9.64 -2.66 -14.86
CA GLN C 163 9.41 -3.97 -14.29
C GLN C 163 9.46 -5.03 -15.40
N THR C 164 10.66 -5.39 -15.80
CA THR C 164 10.87 -6.32 -16.89
C THR C 164 10.29 -7.73 -16.64
N GLU C 165 10.06 -8.09 -15.38
CA GLU C 165 9.56 -9.43 -15.02
C GLU C 165 8.04 -9.53 -15.22
N LEU C 166 7.40 -8.36 -15.40
CA LEU C 166 5.95 -8.29 -15.41
C LEU C 166 5.28 -8.93 -16.63
N ALA C 167 5.96 -8.90 -17.79
CA ALA C 167 5.39 -9.45 -19.00
C ALA C 167 5.22 -10.96 -18.88
N GLN C 168 6.28 -11.63 -18.44
CA GLN C 168 6.27 -13.08 -18.25
C GLN C 168 5.22 -13.51 -17.22
N LEU C 169 4.99 -12.66 -16.21
CA LEU C 169 4.02 -12.96 -15.18
C LEU C 169 2.65 -12.95 -15.80
N MET C 170 2.40 -11.92 -16.59
CA MET C 170 1.14 -11.76 -17.29
C MET C 170 0.92 -12.96 -18.20
N ASN C 171 2.01 -13.48 -18.78
CA ASN C 171 1.91 -14.63 -19.63
C ASN C 171 1.53 -15.86 -18.82
N LYS C 172 2.11 -16.00 -17.65
CA LYS C 172 1.76 -17.06 -16.70
C LYS C 172 0.22 -17.15 -16.50
N PHE C 173 -0.46 -16.01 -16.35
CA PHE C 173 -1.91 -15.96 -16.08
C PHE C 173 -2.76 -15.80 -17.33
N HIS C 174 -2.13 -15.88 -18.50
CA HIS C 174 -2.83 -15.86 -19.79
C HIS C 174 -3.55 -14.56 -20.12
N PHE C 175 -2.91 -13.44 -19.81
CA PHE C 175 -3.35 -12.15 -20.34
C PHE C 175 -3.03 -12.19 -21.82
N LEU C 176 -3.98 -11.76 -22.63
CA LEU C 176 -3.81 -11.81 -24.07
C LEU C 176 -2.85 -10.76 -24.61
N ALA C 177 -3.02 -9.50 -24.19
CA ALA C 177 -2.30 -8.37 -24.77
C ALA C 177 -2.37 -7.12 -23.90
N VAL C 178 -1.42 -6.20 -24.11
CA VAL C 178 -1.34 -4.94 -23.36
C VAL C 178 -1.82 -3.76 -24.19
N GLU C 179 -2.62 -2.89 -23.59
CA GLU C 179 -2.87 -1.55 -24.14
C GLU C 179 -2.72 -0.52 -23.01
N MET C 180 -3.37 0.64 -23.10
CA MET C 180 -3.16 1.67 -22.08
C MET C 180 -4.40 2.42 -21.72
N GLU C 181 -5.56 1.80 -21.87
CA GLU C 181 -6.80 2.57 -21.82
C GLU C 181 -7.99 1.86 -21.23
N SER C 182 -8.14 0.59 -21.55
CA SER C 182 -9.39 -0.10 -21.25
C SER C 182 -9.71 -0.14 -19.76
N ALA C 183 -8.70 -0.33 -18.92
CA ALA C 183 -8.87 -0.28 -17.47
C ALA C 183 -9.40 1.07 -16.95
N GLY C 184 -9.14 2.16 -17.67
CA GLY C 184 -9.77 3.43 -17.34
C GLY C 184 -11.21 3.44 -17.82
N LEU C 185 -11.42 3.00 -19.05
CA LEU C 185 -12.73 3.04 -19.68
C LEU C 185 -13.79 2.32 -18.87
N PHE C 186 -13.59 1.03 -18.62
CA PHE C 186 -14.65 0.19 -18.06
C PHE C 186 -15.33 0.71 -16.79
N PRO C 187 -14.56 1.11 -15.76
CA PRO C 187 -15.23 1.52 -14.53
C PRO C 187 -16.04 2.78 -14.68
N ILE C 188 -15.67 3.65 -15.61
CA ILE C 188 -16.42 4.86 -15.87
C ILE C 188 -17.78 4.57 -16.51
N ALA C 189 -17.82 3.61 -17.44
CA ALA C 189 -19.09 3.21 -18.04
C ALA C 189 -20.04 2.76 -16.94
N ASP C 190 -19.54 1.87 -16.08
CA ASP C 190 -20.28 1.39 -14.91
C ASP C 190 -20.79 2.53 -14.05
N LEU C 191 -19.92 3.50 -13.76
CA LEU C 191 -20.33 4.67 -13.00
C LEU C 191 -21.55 5.35 -13.60
N TYR C 192 -21.62 5.40 -14.94
CA TYR C 192 -22.72 6.10 -15.61
C TYR C 192 -23.86 5.20 -16.11
N GLY C 193 -23.89 3.96 -15.63
CA GLY C 193 -24.89 2.99 -16.04
C GLY C 193 -24.89 2.81 -17.54
N ALA C 194 -23.72 2.97 -18.15
CA ALA C 194 -23.58 2.84 -19.58
C ALA C 194 -22.78 1.57 -19.94
N ARG C 195 -22.29 1.49 -21.17
CA ARG C 195 -21.61 0.28 -21.64
C ARG C 195 -20.32 0.57 -22.38
N ALA C 196 -19.34 -0.30 -22.16
CA ALA C 196 -18.06 -0.17 -22.82
C ALA C 196 -17.53 -1.53 -23.24
N GLY C 197 -16.64 -1.50 -24.22
CA GLY C 197 -15.90 -2.68 -24.64
C GLY C 197 -14.66 -2.25 -25.37
N CYS C 198 -13.78 -3.21 -25.64
CA CYS C 198 -12.54 -2.92 -26.31
C CYS C 198 -12.16 -4.03 -27.28
N ILE C 199 -11.86 -3.65 -28.51
CA ILE C 199 -11.37 -4.59 -29.50
C ILE C 199 -10.05 -4.10 -30.05
N CYS C 200 -9.14 -5.04 -30.28
CA CYS C 200 -7.73 -4.74 -30.49
C CYS C 200 -7.11 -5.58 -31.60
N THR C 201 -6.34 -4.92 -32.47
CA THR C 201 -5.51 -5.58 -33.45
C THR C 201 -4.05 -5.51 -32.98
N VAL C 202 -3.39 -6.66 -32.95
CA VAL C 202 -2.05 -6.78 -32.38
C VAL C 202 -1.01 -6.17 -33.31
N SER C 203 -0.24 -5.22 -32.80
CA SER C 203 0.77 -4.53 -33.61
C SER C 203 2.20 -4.98 -33.29
N ASP C 204 2.39 -5.59 -32.13
CA ASP C 204 3.73 -6.03 -31.69
C ASP C 204 3.64 -7.11 -30.63
N HIS C 205 4.76 -7.77 -30.34
CA HIS C 205 4.82 -8.80 -29.32
C HIS C 205 5.87 -8.42 -28.28
N ILE C 206 5.44 -8.25 -27.04
CA ILE C 206 6.37 -7.79 -26.00
C ILE C 206 7.31 -8.93 -25.56
N LEU C 207 6.86 -10.17 -25.74
CA LEU C 207 7.68 -11.32 -25.42
C LEU C 207 8.67 -11.72 -26.53
N HIS C 208 8.15 -11.97 -27.74
CA HIS C 208 9.00 -12.35 -28.89
C HIS C 208 8.70 -11.54 -30.16
N ARG C 217 -2.63 -1.47 -41.86
CA ARG C 217 -3.72 -0.52 -41.65
C ARG C 217 -4.81 -0.64 -42.74
N GLN C 218 -4.92 -1.83 -43.33
CA GLN C 218 -5.88 -2.12 -44.41
C GLN C 218 -6.45 -3.58 -44.40
N ASN C 219 -5.87 -4.45 -43.58
CA ASN C 219 -6.29 -5.87 -43.51
C ASN C 219 -6.84 -6.26 -42.13
N SER C 220 -5.96 -6.34 -41.14
CA SER C 220 -6.38 -6.56 -39.74
C SER C 220 -7.14 -5.37 -39.17
N PHE C 221 -6.72 -4.18 -39.57
CA PHE C 221 -7.37 -2.95 -39.15
C PHE C 221 -8.77 -2.85 -39.75
N GLN C 222 -8.89 -3.25 -41.01
CA GLN C 222 -10.17 -3.29 -41.71
C GLN C 222 -11.12 -4.26 -40.99
N ASN C 223 -10.59 -5.43 -40.65
CA ASN C 223 -11.34 -6.46 -39.95
C ASN C 223 -11.81 -6.04 -38.58
N MET C 224 -10.94 -5.40 -37.81
CA MET C 224 -11.28 -4.89 -36.49
C MET C 224 -12.41 -3.88 -36.60
N MET C 225 -12.36 -3.04 -37.62
CA MET C 225 -13.34 -1.97 -37.80
C MET C 225 -14.73 -2.49 -38.15
N LYS C 226 -14.78 -3.46 -39.05
CA LYS C 226 -16.03 -4.14 -39.39
C LYS C 226 -16.65 -4.80 -38.17
N ILE C 227 -15.87 -5.54 -37.41
CA ILE C 227 -16.41 -6.16 -36.21
C ILE C 227 -16.94 -5.11 -35.24
N ALA C 228 -16.21 -4.02 -35.06
CA ALA C 228 -16.65 -2.93 -34.19
C ALA C 228 -17.91 -2.26 -34.71
N LEU C 229 -18.02 -2.11 -36.03
CA LEU C 229 -19.16 -1.44 -36.61
C LEU C 229 -20.38 -2.34 -36.67
N GLU C 230 -20.16 -3.60 -36.99
CA GLU C 230 -21.28 -4.54 -37.00
C GLU C 230 -21.84 -4.73 -35.59
N ALA C 231 -20.97 -4.95 -34.61
CA ALA C 231 -21.38 -4.93 -33.20
C ALA C 231 -22.12 -3.64 -32.82
N ALA C 232 -21.66 -2.49 -33.31
CA ALA C 232 -22.34 -1.24 -33.02
C ALA C 232 -23.77 -1.21 -33.53
N ILE C 233 -24.03 -1.90 -34.64
CA ILE C 233 -25.39 -2.09 -35.19
C ILE C 233 -26.26 -2.99 -34.29
N LYS C 234 -25.70 -4.10 -33.81
CA LYS C 234 -26.44 -5.00 -32.91
C LYS C 234 -26.86 -4.31 -31.60
N LEU C 235 -25.90 -3.72 -30.87
CA LEU C 235 -26.20 -2.77 -29.80
C LEU C 235 -26.82 -1.56 -30.49
N HIS C 236 -27.72 -0.85 -29.81
CA HIS C 236 -28.60 0.14 -30.47
C HIS C 236 -29.97 -0.50 -30.70
N HIS C 237 -29.97 -1.72 -31.23
CA HIS C 237 -31.14 -2.60 -31.16
C HIS C 237 -31.12 -3.29 -29.79
N HIS C 238 -31.86 -2.70 -28.84
CA HIS C 238 -31.79 -3.04 -27.41
C HIS C 238 -30.45 -2.62 -26.77
N HIS C 239 -30.29 -1.33 -26.42
CA HIS C 239 -31.25 -0.26 -26.74
C HIS C 239 -30.57 1.10 -26.57
N ALA D 1 33.52 2.12 18.12
CA ALA D 1 33.52 0.94 17.19
C ALA D 1 32.31 0.90 16.20
N THR D 2 31.21 1.57 16.56
CA THR D 2 30.17 1.91 15.56
C THR D 2 30.15 3.44 15.38
N PRO D 3 29.46 3.93 14.33
CA PRO D 3 29.33 5.41 14.25
C PRO D 3 28.53 6.04 15.42
N HIS D 4 27.81 5.22 16.18
CA HIS D 4 26.95 5.74 17.23
C HIS D 4 27.39 5.29 18.62
N ASN D 5 28.50 4.54 18.67
CA ASN D 5 28.92 3.91 19.90
C ASN D 5 30.45 3.69 19.96
N SER D 6 31.10 4.41 20.87
CA SER D 6 32.56 4.36 21.01
C SER D 6 33.07 3.14 21.77
N ALA D 7 32.18 2.46 22.49
CA ALA D 7 32.52 1.29 23.30
C ALA D 7 32.97 0.07 22.46
N GLN D 8 33.60 -0.92 23.12
CA GLN D 8 33.94 -2.17 22.44
C GLN D 8 33.20 -3.37 23.04
N VAL D 9 33.15 -4.47 22.28
CA VAL D 9 32.56 -5.74 22.74
C VAL D 9 33.01 -6.01 24.17
N GLY D 10 32.05 -6.17 25.07
CA GLY D 10 32.34 -6.37 26.49
C GLY D 10 31.97 -5.20 27.37
N ASP D 11 32.08 -3.97 26.83
CA ASP D 11 31.76 -2.75 27.60
C ASP D 11 30.27 -2.63 28.01
N PHE D 12 29.39 -3.43 27.40
CA PHE D 12 27.98 -3.48 27.79
C PHE D 12 27.64 -4.79 28.49
N ALA D 13 26.92 -4.68 29.60
CA ALA D 13 26.27 -5.83 30.23
C ALA D 13 25.42 -6.54 29.17
N GLU D 14 25.12 -7.82 29.35
CA GLU D 14 24.21 -8.45 28.38
C GLU D 14 22.72 -8.23 28.66
N THR D 15 22.43 -7.21 29.47
CA THR D 15 21.08 -6.70 29.65
C THR D 15 21.17 -5.19 29.77
N VAL D 16 20.40 -4.51 28.94
CA VAL D 16 20.45 -3.07 28.85
C VAL D 16 19.05 -2.50 29.01
N LEU D 17 18.89 -1.64 30.02
CA LEU D 17 17.71 -0.78 30.11
C LEU D 17 17.90 0.36 29.13
N MET D 18 16.87 0.71 28.38
CA MET D 18 16.95 1.84 27.45
C MET D 18 15.76 2.75 27.55
N CYS D 19 16.04 4.04 27.39
CA CYS D 19 14.98 5.05 27.38
C CYS D 19 15.28 6.15 26.37
N GLY D 20 14.26 6.97 26.10
CA GLY D 20 14.31 7.97 25.04
C GLY D 20 15.18 9.14 25.41
N ASP D 21 14.91 9.70 26.58
CA ASP D 21 15.63 10.86 27.12
C ASP D 21 16.99 10.44 27.70
N PRO D 22 18.09 10.90 27.08
CA PRO D 22 19.39 10.47 27.60
C PRO D 22 19.69 10.92 29.06
N LEU D 23 19.12 12.05 29.48
CA LEU D 23 19.25 12.54 30.86
C LEU D 23 18.58 11.62 31.89
N ARG D 24 17.59 10.84 31.44
CA ARG D 24 16.95 9.84 32.30
C ARG D 24 17.88 8.63 32.48
N ALA D 25 18.68 8.33 31.46
CA ALA D 25 19.64 7.23 31.52
C ALA D 25 20.74 7.55 32.52
N LYS D 26 21.24 8.78 32.44
CA LYS D 26 22.19 9.35 33.40
C LYS D 26 21.62 9.19 34.80
N LEU D 27 20.36 9.59 34.96
CA LEU D 27 19.71 9.54 36.24
C LEU D 27 19.68 8.10 36.78
N ILE D 28 19.22 7.16 35.96
CA ILE D 28 19.13 5.75 36.33
C ILE D 28 20.48 5.21 36.81
N ALA D 29 21.54 5.53 36.08
CA ALA D 29 22.88 5.14 36.47
C ALA D 29 23.28 5.77 37.81
N GLU D 30 23.08 7.07 37.94
CA GLU D 30 23.50 7.78 39.14
C GLU D 30 22.67 7.37 40.36
N THR D 31 21.46 6.85 40.13
CA THR D 31 20.53 6.59 41.23
C THR D 31 20.51 5.14 41.68
N TYR D 32 20.58 4.20 40.74
CA TYR D 32 20.33 2.79 41.06
C TYR D 32 21.49 1.84 40.89
N LEU D 33 22.51 2.25 40.14
CA LEU D 33 23.60 1.31 39.85
C LEU D 33 24.76 1.43 40.83
N GLU D 34 25.41 0.30 41.10
CA GLU D 34 26.64 0.29 41.84
C GLU D 34 27.78 0.40 40.82
N ASN D 35 28.79 1.22 41.12
CA ASN D 35 30.00 1.38 40.30
C ASN D 35 29.78 1.63 38.80
N PRO D 36 29.02 2.70 38.48
CA PRO D 36 28.63 3.01 37.12
C PRO D 36 29.75 3.68 36.34
N LYS D 37 30.11 3.12 35.19
CA LYS D 37 31.09 3.74 34.30
C LYS D 37 30.42 4.22 33.00
N LEU D 38 30.74 5.44 32.59
CA LEU D 38 30.28 5.95 31.32
C LEU D 38 31.02 5.16 30.26
N VAL D 39 30.26 4.45 29.41
CA VAL D 39 30.86 3.60 28.38
C VAL D 39 30.67 4.12 26.95
N ASN D 40 29.69 4.99 26.75
CA ASN D 40 29.35 5.56 25.44
C ASN D 40 28.70 6.93 25.59
N ASN D 41 29.29 7.97 25.02
CA ASN D 41 28.63 9.29 24.98
C ASN D 41 28.70 9.96 23.62
N VAL D 42 28.77 9.14 22.57
CA VAL D 42 28.61 9.61 21.20
C VAL D 42 27.21 10.19 21.10
N ARG D 43 27.13 11.42 20.56
CA ARG D 43 25.87 12.16 20.41
C ARG D 43 25.08 12.34 21.69
N GLY D 44 25.79 12.33 22.82
CA GLY D 44 25.20 12.63 24.13
C GLY D 44 24.25 11.58 24.67
N ILE D 45 24.36 10.36 24.15
CA ILE D 45 23.37 9.30 24.40
C ILE D 45 23.46 8.57 25.77
N GLN D 46 24.47 8.92 26.57
CA GLN D 46 24.56 8.51 27.99
C GLN D 46 24.38 7.01 28.28
N GLY D 47 25.34 6.21 27.82
CA GLY D 47 25.36 4.79 28.09
C GLY D 47 26.33 4.48 29.20
N TYR D 48 25.83 3.79 30.23
CA TYR D 48 26.58 3.43 31.42
C TYR D 48 26.47 1.94 31.70
N THR D 49 27.54 1.39 32.27
CA THR D 49 27.57 0.00 32.76
C THR D 49 28.00 -0.05 34.21
N GLY D 50 27.26 -0.82 34.99
CA GLY D 50 27.56 -1.10 36.39
C GLY D 50 26.84 -2.38 36.80
N THR D 51 26.43 -2.44 38.07
CA THR D 51 25.71 -3.58 38.58
C THR D 51 24.50 -3.13 39.37
N TYR D 52 23.56 -4.06 39.53
CA TYR D 52 22.41 -3.92 40.37
C TYR D 52 22.20 -5.29 41.00
N LYS D 53 22.13 -5.33 42.34
CA LYS D 53 22.19 -6.57 43.11
C LYS D 53 23.32 -7.50 42.64
N GLY D 54 24.48 -6.90 42.41
CA GLY D 54 25.68 -7.65 42.05
C GLY D 54 25.75 -8.17 40.61
N LYS D 55 24.64 -8.11 39.88
CA LYS D 55 24.60 -8.57 38.48
C LYS D 55 24.85 -7.41 37.50
N PRO D 56 25.58 -7.68 36.40
CA PRO D 56 25.89 -6.60 35.46
C PRO D 56 24.65 -6.09 34.74
N ILE D 57 24.49 -4.77 34.72
CA ILE D 57 23.41 -4.12 33.99
C ILE D 57 23.97 -2.88 33.28
N SER D 58 23.28 -2.46 32.22
CA SER D 58 23.65 -1.27 31.48
C SER D 58 22.41 -0.48 31.21
N VAL D 59 22.57 0.85 31.09
CA VAL D 59 21.47 1.76 30.81
C VAL D 59 21.96 2.74 29.72
N MET D 60 21.12 3.03 28.73
CA MET D 60 21.47 4.01 27.69
C MET D 60 20.23 4.66 27.10
N GLY D 61 20.36 5.87 26.58
CA GLY D 61 19.30 6.49 25.79
C GLY D 61 19.17 5.84 24.41
N HIS D 62 18.01 5.95 23.79
CA HIS D 62 17.85 5.50 22.40
C HIS D 62 17.31 6.59 21.47
N GLY D 63 17.16 7.82 21.98
CA GLY D 63 16.52 8.89 21.24
C GLY D 63 15.05 8.63 20.94
N MET D 64 14.32 9.64 20.47
CA MET D 64 12.90 9.48 20.18
C MET D 64 12.63 8.88 18.81
N GLY D 65 11.77 7.87 18.77
CA GLY D 65 11.26 7.38 17.49
C GLY D 65 11.94 6.16 16.93
N LEU D 66 11.17 5.37 16.17
CA LEU D 66 11.64 4.09 15.61
C LEU D 66 12.98 4.17 14.87
N PRO D 67 13.14 5.09 13.92
CA PRO D 67 14.44 5.12 13.28
C PRO D 67 15.61 5.15 14.26
N SER D 68 15.47 5.90 15.36
CA SER D 68 16.56 6.05 16.33
C SER D 68 16.77 4.77 17.16
N ILE D 69 15.69 4.23 17.72
CA ILE D 69 15.84 3.01 18.50
C ILE D 69 16.38 1.89 17.62
N CYS D 70 16.09 1.96 16.31
CA CYS D 70 16.49 0.92 15.37
C CYS D 70 17.98 0.89 15.13
N ILE D 71 18.62 2.03 15.24
CA ILE D 71 20.05 2.12 15.13
C ILE D 71 20.65 1.52 16.39
N TYR D 72 20.21 1.99 17.54
CA TYR D 72 20.91 1.62 18.76
C TYR D 72 20.73 0.15 19.01
N ALA D 73 19.47 -0.28 19.03
CA ALA D 73 19.13 -1.67 19.31
C ALA D 73 19.88 -2.66 18.41
N GLU D 74 19.94 -2.40 17.11
CA GLU D 74 20.66 -3.30 16.22
C GLU D 74 22.13 -3.41 16.62
N GLU D 75 22.77 -2.27 16.85
CA GLU D 75 24.17 -2.25 17.24
C GLU D 75 24.42 -3.04 18.51
N LEU D 76 23.60 -2.79 19.52
CA LEU D 76 23.70 -3.52 20.77
C LEU D 76 23.58 -5.03 20.56
N TYR D 77 22.62 -5.45 19.72
CA TYR D 77 22.37 -6.89 19.53
C TYR D 77 23.44 -7.58 18.71
N SER D 78 24.04 -6.88 17.77
CA SER D 78 25.01 -7.48 16.87
C SER D 78 26.45 -7.23 17.32
N THR D 79 26.86 -5.97 17.38
CA THR D 79 28.23 -5.68 17.79
C THR D 79 28.53 -6.04 19.24
N TYR D 80 27.67 -5.61 20.16
CA TYR D 80 27.96 -5.70 21.61
C TYR D 80 27.37 -6.94 22.29
N LYS D 81 26.83 -7.85 21.47
CA LYS D 81 26.31 -9.15 21.93
C LYS D 81 25.35 -9.06 23.12
N VAL D 82 24.53 -8.01 23.15
CA VAL D 82 23.53 -7.83 24.20
C VAL D 82 22.42 -8.85 24.02
N LYS D 83 21.92 -9.39 25.14
CA LYS D 83 20.89 -10.43 25.11
C LYS D 83 19.48 -9.93 25.38
N THR D 84 19.36 -8.87 26.15
CA THR D 84 18.07 -8.35 26.52
C THR D 84 18.11 -6.84 26.59
N ILE D 85 17.14 -6.21 25.91
CA ILE D 85 16.93 -4.78 26.00
C ILE D 85 15.53 -4.57 26.59
N ILE D 86 15.48 -3.89 27.73
CA ILE D 86 14.21 -3.47 28.29
C ILE D 86 14.10 -1.95 28.14
N ARG D 87 13.15 -1.52 27.30
CA ARG D 87 12.85 -0.12 27.18
C ARG D 87 12.03 0.32 28.38
N VAL D 88 12.52 1.37 29.03
CA VAL D 88 11.82 1.99 30.14
C VAL D 88 11.49 3.43 29.74
N GLY D 89 10.22 3.69 29.50
CA GLY D 89 9.86 4.97 28.92
C GLY D 89 8.68 5.64 29.54
N THR D 90 8.08 6.52 28.76
CA THR D 90 6.80 7.14 29.09
C THR D 90 5.88 6.75 27.97
N CYS D 91 4.62 7.13 28.11
CA CYS D 91 3.61 6.84 27.10
C CYS D 91 2.42 7.76 27.33
N GLY D 92 1.56 7.84 26.32
CA GLY D 92 0.32 8.58 26.45
C GLY D 92 -0.82 7.60 26.48
N ALA D 93 -1.70 7.71 27.48
CA ALA D 93 -2.76 6.73 27.62
C ALA D 93 -3.80 6.81 26.50
N ILE D 94 -4.41 5.66 26.24
CA ILE D 94 -5.51 5.54 25.29
C ILE D 94 -6.77 5.11 26.03
N ASP D 95 -6.70 3.97 26.72
CA ASP D 95 -7.81 3.46 27.53
C ASP D 95 -8.22 4.50 28.57
N MET D 96 -9.54 4.63 28.77
CA MET D 96 -10.10 5.64 29.67
C MET D 96 -9.86 5.36 31.15
N ASP D 97 -9.54 4.11 31.48
CA ASP D 97 -9.24 3.74 32.87
C ASP D 97 -7.76 3.91 33.29
N ILE D 98 -6.89 4.09 32.31
CA ILE D 98 -5.48 4.32 32.56
C ILE D 98 -5.28 5.82 32.68
N HIS D 99 -4.59 6.24 33.74
CA HIS D 99 -4.36 7.66 34.00
C HIS D 99 -2.88 7.97 34.13
N THR D 100 -2.55 9.26 34.27
CA THR D 100 -1.18 9.73 34.49
C THR D 100 -0.60 9.00 35.71
N ARG D 101 0.70 8.75 35.69
CA ARG D 101 1.39 7.99 36.74
C ARG D 101 1.15 6.46 36.69
N ASP D 102 0.17 5.98 35.92
CA ASP D 102 -0.08 4.53 35.85
C ASP D 102 1.06 3.81 35.12
N ILE D 103 1.19 2.52 35.35
CA ILE D 103 2.26 1.78 34.70
C ILE D 103 1.69 0.77 33.71
N VAL D 104 2.39 0.64 32.57
CA VAL D 104 1.98 -0.22 31.46
C VAL D 104 3.16 -1.08 30.95
N ILE D 105 2.86 -2.36 30.77
CA ILE D 105 3.79 -3.35 30.26
C ILE D 105 3.23 -3.83 28.94
N PHE D 106 4.02 -3.77 27.86
CA PHE D 106 3.52 -4.13 26.53
C PHE D 106 3.75 -5.60 26.13
N THR D 107 2.68 -6.29 25.74
CA THR D 107 2.81 -7.61 25.09
C THR D 107 3.30 -7.42 23.66
N SER D 108 2.82 -6.34 23.04
CA SER D 108 3.06 -6.04 21.63
C SER D 108 2.85 -4.56 21.34
N ALA D 109 3.20 -4.18 20.12
CA ALA D 109 3.12 -2.78 19.69
C ALA D 109 2.71 -2.64 18.24
N GLY D 110 1.52 -2.09 18.01
CA GLY D 110 1.15 -1.67 16.67
C GLY D 110 2.02 -0.50 16.23
N THR D 111 1.91 -0.12 14.96
CA THR D 111 2.60 1.06 14.45
C THR D 111 1.99 1.54 13.15
N ASN D 112 2.33 2.77 12.80
CA ASN D 112 1.98 3.38 11.52
C ASN D 112 3.19 3.63 10.65
N SER D 113 4.37 3.19 11.13
CA SER D 113 5.61 3.33 10.36
C SER D 113 5.61 2.28 9.28
N LYS D 114 6.54 2.42 8.34
CA LYS D 114 6.65 1.50 7.23
C LYS D 114 7.83 0.54 7.41
N ILE D 115 8.52 0.64 8.56
CA ILE D 115 9.78 -0.08 8.79
C ILE D 115 9.61 -1.60 8.74
N ASN D 116 8.65 -2.13 9.48
CA ASN D 116 8.46 -3.57 9.49
C ASN D 116 7.97 -4.14 8.13
N ARG D 117 7.22 -3.33 7.39
CA ARG D 117 6.74 -3.71 6.08
C ARG D 117 7.92 -3.83 5.11
N ILE D 118 8.90 -2.94 5.26
CA ILE D 118 10.16 -3.09 4.56
C ILE D 118 10.92 -4.37 4.98
N ARG D 119 10.91 -4.67 6.27
CA ARG D 119 11.58 -5.89 6.76
C ARG D 119 10.88 -7.16 6.29
N PHE D 120 9.56 -7.07 6.10
CA PHE D 120 8.73 -8.26 6.06
C PHE D 120 7.81 -8.26 4.85
N MET D 121 8.41 -8.11 3.67
CA MET D 121 7.73 -8.28 2.37
C MET D 121 6.37 -7.59 2.24
N ASP D 122 6.24 -6.45 2.88
CA ASP D 122 5.05 -5.62 2.79
C ASP D 122 3.82 -6.30 3.45
N HIS D 123 4.07 -7.27 4.32
CA HIS D 123 2.99 -7.92 5.08
C HIS D 123 2.91 -7.42 6.54
N ASP D 124 2.11 -8.06 7.38
CA ASP D 124 1.91 -7.64 8.77
C ASP D 124 2.87 -8.39 9.68
N TYR D 125 3.89 -7.68 10.16
CA TYR D 125 4.73 -8.21 11.21
C TYR D 125 4.08 -7.88 12.54
N PRO D 126 3.96 -8.89 13.44
CA PRO D 126 3.42 -8.62 14.75
C PRO D 126 4.57 -8.30 15.69
N ALA D 127 4.79 -7.01 15.96
CA ALA D 127 5.90 -6.60 16.82
C ALA D 127 5.58 -7.03 18.25
N THR D 128 6.26 -8.08 18.71
CA THR D 128 5.90 -8.77 19.95
C THR D 128 7.05 -8.75 20.94
N ALA D 129 6.73 -8.46 22.20
CA ALA D 129 7.70 -8.52 23.27
C ALA D 129 8.00 -9.97 23.63
N SER D 130 9.23 -10.23 24.04
CA SER D 130 9.58 -11.55 24.53
C SER D 130 8.66 -11.94 25.67
N PHE D 131 8.06 -13.12 25.54
CA PHE D 131 7.21 -13.67 26.58
C PHE D 131 7.87 -13.61 27.97
N ASP D 132 9.13 -14.04 28.04
CA ASP D 132 9.93 -13.98 29.27
C ASP D 132 9.93 -12.61 29.87
N VAL D 133 10.28 -11.61 29.06
CA VAL D 133 10.43 -10.26 29.55
C VAL D 133 9.14 -9.77 30.19
N VAL D 134 8.01 -10.01 29.52
CA VAL D 134 6.68 -9.68 30.07
C VAL D 134 6.48 -10.31 31.44
N CYS D 135 6.67 -11.62 31.53
CA CYS D 135 6.56 -12.33 32.81
C CYS D 135 7.41 -11.70 33.91
N ALA D 136 8.72 -11.64 33.66
CA ALA D 136 9.64 -11.00 34.56
C ALA D 136 9.09 -9.67 35.04
N LEU D 137 8.60 -8.84 34.11
CA LEU D 137 8.09 -7.51 34.46
C LEU D 137 6.83 -7.61 35.29
N VAL D 138 6.00 -8.60 34.97
CA VAL D 138 4.72 -8.74 35.63
C VAL D 138 4.93 -9.22 37.06
N ASP D 139 5.86 -10.16 37.21
CA ASP D 139 6.19 -10.71 38.53
C ASP D 139 6.91 -9.69 39.42
N ALA D 140 7.81 -8.91 38.83
CA ALA D 140 8.53 -7.86 39.56
C ALA D 140 7.55 -6.85 40.16
N ALA D 141 6.57 -6.46 39.35
CA ALA D 141 5.57 -5.48 39.76
C ALA D 141 4.68 -6.04 40.86
N LYS D 142 4.36 -7.33 40.76
CA LYS D 142 3.53 -8.00 41.75
C LYS D 142 4.29 -8.08 43.08
N GLU D 143 5.52 -8.56 43.02
CA GLU D 143 6.37 -8.71 44.16
C GLU D 143 6.57 -7.36 44.84
N LEU D 144 6.62 -6.30 44.04
CA LEU D 144 6.83 -4.95 44.56
C LEU D 144 5.53 -4.26 44.93
N ASN D 145 4.43 -5.00 44.85
CA ASN D 145 3.08 -4.46 45.03
C ASN D 145 2.86 -3.12 44.32
N ILE D 146 3.20 -3.07 43.04
CA ILE D 146 2.87 -1.92 42.21
C ILE D 146 1.93 -2.44 41.14
N PRO D 147 0.80 -1.75 40.94
CA PRO D 147 -0.13 -2.17 39.92
C PRO D 147 0.43 -1.85 38.54
N ALA D 148 0.21 -2.77 37.61
CA ALA D 148 0.74 -2.68 36.28
C ALA D 148 -0.33 -3.28 35.40
N LYS D 149 -0.63 -2.59 34.30
CA LYS D 149 -1.55 -3.09 33.31
C LYS D 149 -0.76 -3.75 32.16
N VAL D 150 -1.38 -4.71 31.48
CA VAL D 150 -0.72 -5.54 30.47
C VAL D 150 -1.52 -5.58 29.18
N GLY D 151 -0.90 -5.20 28.08
CA GLY D 151 -1.62 -5.14 26.81
C GLY D 151 -0.85 -4.45 25.71
N LYS D 152 -1.57 -4.12 24.63
CA LYS D 152 -0.96 -3.66 23.39
C LYS D 152 -0.54 -2.21 23.54
N GLY D 153 0.60 -1.87 22.95
CA GLY D 153 0.92 -0.49 22.65
C GLY D 153 0.78 -0.12 21.18
N PHE D 154 1.07 1.14 20.90
CA PHE D 154 1.14 1.66 19.54
C PHE D 154 2.35 2.56 19.42
N SER D 155 3.20 2.26 18.46
CA SER D 155 4.35 3.11 18.14
C SER D 155 4.00 4.06 17.00
N THR D 156 3.77 5.33 17.32
CA THR D 156 3.47 6.33 16.29
C THR D 156 4.75 6.91 15.78
N ASP D 157 4.74 7.30 14.51
CA ASP D 157 5.80 8.06 13.86
C ASP D 157 5.56 9.55 14.04
N LEU D 158 4.33 9.90 14.43
CA LEU D 158 3.92 11.28 14.55
C LEU D 158 3.33 11.57 15.93
N PHE D 159 4.15 12.15 16.81
CA PHE D 159 3.68 12.66 18.08
C PHE D 159 2.45 13.56 17.86
N TYR D 160 2.58 14.51 16.93
CA TYR D 160 1.44 15.31 16.52
C TYR D 160 0.76 14.65 15.35
N ASN D 161 -0.24 13.83 15.65
CA ASN D 161 -0.85 12.99 14.64
C ASN D 161 -1.94 13.76 13.90
N PRO D 162 -1.76 13.94 12.57
CA PRO D 162 -2.80 14.62 11.80
C PRO D 162 -4.04 13.74 11.63
N GLN D 163 -3.90 12.42 11.79
CA GLN D 163 -5.08 11.54 11.79
C GLN D 163 -5.73 11.56 13.18
N THR D 164 -6.73 12.42 13.33
CA THR D 164 -7.33 12.70 14.63
C THR D 164 -8.27 11.58 15.04
N GLU D 165 -8.70 10.82 14.06
CA GLU D 165 -9.66 9.74 14.27
C GLU D 165 -8.97 8.50 14.90
N LEU D 166 -7.64 8.44 14.81
CA LEU D 166 -6.89 7.24 15.19
C LEU D 166 -6.97 6.91 16.67
N ALA D 167 -6.94 7.91 17.54
CA ALA D 167 -6.98 7.64 18.98
C ALA D 167 -8.17 6.77 19.37
N GLN D 168 -9.37 7.15 18.92
CA GLN D 168 -10.58 6.40 19.21
C GLN D 168 -10.65 4.98 18.59
N LEU D 169 -9.99 4.79 17.44
CA LEU D 169 -9.88 3.46 16.82
C LEU D 169 -9.08 2.57 17.76
N MET D 170 -7.99 3.12 18.26
CA MET D 170 -7.15 2.45 19.22
C MET D 170 -7.82 2.21 20.55
N ASN D 171 -8.75 3.09 20.92
CA ASN D 171 -9.50 2.91 22.15
C ASN D 171 -10.60 1.85 21.95
N LYS D 172 -11.09 1.71 20.73
CA LYS D 172 -12.09 0.70 20.41
C LYS D 172 -11.48 -0.69 20.52
N PHE D 173 -10.22 -0.80 20.09
CA PHE D 173 -9.52 -2.07 20.12
C PHE D 173 -8.74 -2.29 21.40
N HIS D 174 -8.99 -1.41 22.37
CA HIS D 174 -8.41 -1.51 23.71
C HIS D 174 -6.88 -1.52 23.71
N PHE D 175 -6.29 -0.65 22.90
CA PHE D 175 -4.87 -0.36 23.00
C PHE D 175 -4.72 0.35 24.33
N LEU D 176 -3.57 0.16 24.96
CA LEU D 176 -3.37 0.77 26.25
C LEU D 176 -2.76 2.16 26.13
N ALA D 177 -1.67 2.28 25.38
CA ALA D 177 -0.90 3.54 25.32
C ALA D 177 -0.04 3.73 24.08
N VAL D 178 0.40 4.96 23.87
CA VAL D 178 1.17 5.33 22.70
C VAL D 178 2.55 5.83 23.07
N GLU D 179 3.55 5.26 22.42
CA GLU D 179 4.90 5.73 22.48
C GLU D 179 5.42 5.67 21.05
N MET D 180 6.73 5.74 20.85
CA MET D 180 7.27 5.88 19.52
C MET D 180 8.42 4.92 19.26
N GLU D 181 8.46 3.79 19.96
CA GLU D 181 9.70 3.03 19.93
C GLU D 181 9.58 1.52 19.84
N SER D 182 8.57 0.95 20.48
CA SER D 182 8.56 -0.48 20.72
C SER D 182 8.42 -1.35 19.46
N ALA D 183 7.69 -0.87 18.47
CA ALA D 183 7.52 -1.62 17.22
C ALA D 183 8.81 -1.71 16.42
N GLY D 184 9.73 -0.76 16.66
CA GLY D 184 11.05 -0.81 16.07
C GLY D 184 11.94 -1.79 16.84
N LEU D 185 11.68 -1.95 18.12
CA LEU D 185 12.54 -2.75 18.96
C LEU D 185 12.27 -4.26 18.85
N PHE D 186 11.01 -4.65 18.85
CA PHE D 186 10.64 -6.04 18.99
C PHE D 186 11.11 -6.92 17.82
N PRO D 187 10.85 -6.49 16.57
CA PRO D 187 11.30 -7.34 15.48
C PRO D 187 12.81 -7.46 15.46
N ILE D 188 13.51 -6.43 15.92
CA ILE D 188 14.98 -6.46 15.88
C ILE D 188 15.55 -7.51 16.81
N ALA D 189 15.00 -7.61 18.01
CA ALA D 189 15.38 -8.66 18.95
C ALA D 189 15.13 -10.04 18.31
N ASP D 190 13.96 -10.22 17.70
CA ASP D 190 13.65 -11.45 16.97
C ASP D 190 14.75 -11.74 15.96
N LEU D 191 15.11 -10.74 15.17
CA LEU D 191 16.09 -10.91 14.11
C LEU D 191 17.45 -11.39 14.64
N TYR D 192 17.73 -11.09 15.91
CA TYR D 192 19.03 -11.44 16.49
C TYR D 192 18.92 -12.58 17.52
N GLY D 193 17.74 -13.19 17.61
CA GLY D 193 17.55 -14.31 18.51
C GLY D 193 17.61 -13.87 19.94
N ALA D 194 17.48 -12.58 20.18
CA ALA D 194 17.59 -12.00 21.49
C ALA D 194 16.21 -11.62 22.03
N ARG D 195 16.17 -11.01 23.20
CA ARG D 195 14.93 -10.71 23.89
C ARG D 195 14.73 -9.22 24.12
N ALA D 196 13.47 -8.80 24.18
CA ALA D 196 13.13 -7.40 24.36
C ALA D 196 11.80 -7.24 25.03
N GLY D 197 11.68 -6.17 25.81
CA GLY D 197 10.44 -5.85 26.49
C GLY D 197 10.31 -4.37 26.57
N CYS D 198 9.18 -3.92 27.10
CA CYS D 198 8.92 -2.52 27.24
C CYS D 198 8.02 -2.27 28.42
N ILE D 199 8.45 -1.38 29.30
CA ILE D 199 7.61 -0.95 30.42
C ILE D 199 7.57 0.57 30.44
N CYS D 200 6.39 1.12 30.65
CA CYS D 200 6.16 2.55 30.52
C CYS D 200 5.37 3.13 31.67
N THR D 201 5.66 4.39 31.98
CA THR D 201 4.81 5.16 32.88
C THR D 201 4.08 6.27 32.11
N VAL D 202 2.78 6.38 32.35
CA VAL D 202 1.87 7.28 31.63
C VAL D 202 2.11 8.75 31.95
N SER D 203 2.48 9.53 30.93
CA SER D 203 2.86 10.94 31.12
C SER D 203 1.74 11.95 30.76
N ASP D 204 0.82 11.52 29.91
CA ASP D 204 -0.32 12.34 29.48
C ASP D 204 -1.38 11.42 28.91
N HIS D 205 -2.63 11.87 28.89
CA HIS D 205 -3.69 11.12 28.22
C HIS D 205 -3.95 11.77 26.85
N ILE D 206 -4.20 10.96 25.84
CA ILE D 206 -4.42 11.50 24.48
C ILE D 206 -5.90 11.72 24.17
N LEU D 207 -6.79 11.18 25.02
CA LEU D 207 -8.23 11.36 24.84
C LEU D 207 -8.85 12.36 25.83
N HIS D 208 -7.99 12.99 26.64
CA HIS D 208 -8.31 14.21 27.42
C HIS D 208 -7.02 14.83 27.97
N HIS D 209 -7.02 16.13 28.28
CA HIS D 209 -5.80 16.76 28.82
C HIS D 209 -5.73 16.73 30.36
N GLU D 210 -4.75 15.98 30.89
CA GLU D 210 -4.70 15.67 32.33
C GLU D 210 -3.86 16.61 33.23
N GLU D 211 -3.49 16.11 34.41
CA GLU D 211 -2.78 16.86 35.46
C GLU D 211 -1.46 16.16 35.88
N THR D 212 -0.31 16.70 35.43
CA THR D 212 0.98 15.98 35.52
C THR D 212 2.10 16.67 36.34
N THR D 213 1.82 17.86 36.88
CA THR D 213 2.79 18.65 37.69
C THR D 213 4.13 18.98 36.99
N ALA D 214 5.12 19.46 37.75
CA ALA D 214 6.48 19.73 37.23
C ALA D 214 7.56 18.88 37.93
N GLU D 215 7.14 17.76 38.52
CA GLU D 215 8.04 16.87 39.29
C GLU D 215 7.58 15.41 39.48
N GLU D 216 6.29 15.11 39.29
CA GLU D 216 5.77 13.74 39.55
C GLU D 216 4.80 13.20 38.47
N ARG D 217 5.29 12.63 37.36
CA ARG D 217 6.71 12.40 37.00
C ARG D 217 7.48 11.50 37.97
N GLN D 218 8.64 11.99 38.41
CA GLN D 218 9.66 11.23 39.15
C GLN D 218 9.18 10.06 40.00
N ASN D 219 8.18 10.28 40.84
CA ASN D 219 7.69 9.26 41.79
C ASN D 219 7.18 7.98 41.11
N SER D 220 6.56 8.15 39.95
CA SER D 220 6.08 7.01 39.17
C SER D 220 7.14 6.48 38.18
N PHE D 221 8.02 7.38 37.75
CA PHE D 221 9.19 6.96 36.96
C PHE D 221 10.04 6.05 37.83
N GLN D 222 10.11 6.36 39.11
CA GLN D 222 10.91 5.61 40.08
C GLN D 222 10.41 4.16 40.20
N ASN D 223 9.11 3.98 40.30
CA ASN D 223 8.54 2.65 40.40
C ASN D 223 8.85 1.77 39.19
N MET D 224 8.66 2.36 38.01
CA MET D 224 8.96 1.73 36.73
C MET D 224 10.41 1.24 36.71
N MET D 225 11.32 2.12 37.11
CA MET D 225 12.72 1.80 37.16
C MET D 225 12.98 0.63 38.10
N LYS D 226 12.26 0.60 39.21
CA LYS D 226 12.45 -0.43 40.21
C LYS D 226 11.98 -1.78 39.69
N ILE D 227 10.82 -1.78 39.05
CA ILE D 227 10.28 -2.98 38.43
C ILE D 227 11.23 -3.46 37.34
N ALA D 228 11.63 -2.55 36.45
CA ALA D 228 12.56 -2.90 35.38
C ALA D 228 13.78 -3.63 35.92
N LEU D 229 14.44 -3.04 36.92
CA LEU D 229 15.65 -3.58 37.54
C LEU D 229 15.46 -4.96 38.20
N GLU D 230 14.41 -5.13 38.98
CA GLU D 230 14.09 -6.43 39.57
C GLU D 230 13.84 -7.49 38.49
N ALA D 231 13.11 -7.09 37.45
CA ALA D 231 12.83 -7.96 36.33
C ALA D 231 14.11 -8.33 35.63
N ALA D 232 15.00 -7.36 35.48
CA ALA D 232 16.26 -7.58 34.79
C ALA D 232 17.09 -8.62 35.53
N ILE D 233 16.94 -8.64 36.86
CA ILE D 233 17.64 -9.60 37.68
C ILE D 233 17.09 -11.03 37.51
N LYS D 234 15.78 -11.15 37.30
CA LYS D 234 15.17 -12.46 37.06
C LYS D 234 15.59 -13.08 35.72
N LEU D 235 15.65 -12.24 34.68
CA LEU D 235 16.26 -12.63 33.41
C LEU D 235 17.77 -12.57 33.62
N HIS D 236 18.47 -13.65 33.30
CA HIS D 236 19.76 -13.94 33.92
C HIS D 236 19.78 -15.38 34.40
N HIS D 237 18.79 -16.14 33.94
CA HIS D 237 18.53 -17.51 34.42
C HIS D 237 17.78 -18.39 33.37
N HIS D 238 18.46 -18.82 32.29
CA HIS D 238 19.80 -18.36 31.92
C HIS D 238 19.93 -17.86 30.48
N ALA E 1 11.88 6.76 -35.95
CA ALA E 1 12.70 5.77 -35.21
C ALA E 1 11.94 5.08 -34.08
N THR E 2 10.87 5.70 -33.57
CA THR E 2 10.05 5.08 -32.51
C THR E 2 8.59 4.88 -32.94
N PRO E 3 7.81 4.13 -32.15
CA PRO E 3 6.39 3.93 -32.47
C PRO E 3 5.57 5.23 -32.54
N HIS E 4 6.12 6.30 -31.98
CA HIS E 4 5.38 7.56 -31.78
C HIS E 4 6.12 8.74 -32.40
N ASN E 5 7.30 8.46 -32.97
CA ASN E 5 8.16 9.49 -33.54
C ASN E 5 8.85 9.01 -34.81
N SER E 6 8.61 9.71 -35.93
CA SER E 6 9.14 9.33 -37.24
C SER E 6 10.55 9.86 -37.53
N ALA E 7 10.94 10.87 -36.77
CA ALA E 7 12.24 11.53 -36.91
C ALA E 7 13.42 10.61 -36.59
N GLN E 8 14.58 10.95 -37.16
CA GLN E 8 15.84 10.29 -36.84
C GLN E 8 16.66 11.19 -35.90
N VAL E 9 17.73 10.63 -35.33
CA VAL E 9 18.63 11.36 -34.44
C VAL E 9 19.20 12.58 -35.14
N GLY E 10 19.08 13.75 -34.51
CA GLY E 10 19.54 15.03 -35.09
C GLY E 10 18.39 15.98 -35.35
N ASP E 11 17.19 15.42 -35.60
CA ASP E 11 16.01 16.21 -35.98
C ASP E 11 15.51 17.13 -34.87
N PHE E 12 15.69 16.73 -33.61
CA PHE E 12 15.32 17.61 -32.50
C PHE E 12 16.52 18.35 -31.97
N ALA E 13 16.29 19.59 -31.57
CA ALA E 13 17.31 20.39 -30.89
C ALA E 13 17.66 19.73 -29.55
N GLU E 14 18.68 20.21 -28.87
CA GLU E 14 19.01 19.66 -27.55
C GLU E 14 17.99 20.08 -26.50
N THR E 15 17.27 21.16 -26.79
CA THR E 15 16.20 21.69 -25.94
C THR E 15 14.86 21.61 -26.66
N VAL E 16 13.86 21.02 -26.00
CA VAL E 16 12.53 20.88 -26.57
C VAL E 16 11.51 21.53 -25.65
N LEU E 17 10.57 22.27 -26.22
CA LEU E 17 9.45 22.75 -25.44
C LEU E 17 8.27 21.82 -25.70
N MET E 18 7.59 21.41 -24.63
CA MET E 18 6.53 20.43 -24.75
C MET E 18 5.24 20.94 -24.15
N CYS E 19 4.13 20.72 -24.83
CA CYS E 19 2.84 21.05 -24.25
C CYS E 19 1.84 19.93 -24.47
N GLY E 20 0.68 20.04 -23.82
CA GLY E 20 -0.34 18.99 -23.89
C GLY E 20 -1.10 19.07 -25.20
N ASP E 21 -1.43 20.30 -25.60
CA ASP E 21 -2.17 20.59 -26.82
C ASP E 21 -1.22 20.64 -28.03
N PRO E 22 -1.48 19.79 -29.06
CA PRO E 22 -0.68 19.81 -30.29
C PRO E 22 -0.97 21.06 -31.12
N LEU E 23 -2.18 21.59 -31.00
CA LEU E 23 -2.56 22.84 -31.64
C LEU E 23 -1.73 24.03 -31.10
N ARG E 24 -1.25 23.91 -29.86
CA ARG E 24 -0.36 24.92 -29.27
C ARG E 24 1.07 24.75 -29.74
N ALA E 25 1.51 23.49 -29.86
CA ALA E 25 2.84 23.20 -30.39
C ALA E 25 2.97 23.82 -31.77
N LYS E 26 1.97 23.57 -32.60
CA LYS E 26 1.82 24.19 -33.91
C LYS E 26 1.89 25.71 -33.79
N LEU E 27 0.99 26.29 -32.99
CA LEU E 27 0.92 27.75 -32.81
C LEU E 27 2.20 28.37 -32.23
N ILE E 28 2.99 27.58 -31.49
CA ILE E 28 4.26 28.05 -30.93
C ILE E 28 5.32 28.09 -32.03
N ALA E 29 5.36 27.04 -32.84
CA ALA E 29 6.34 26.91 -33.89
C ALA E 29 6.14 27.99 -34.97
N GLU E 30 4.91 28.18 -35.41
CA GLU E 30 4.56 29.23 -36.35
C GLU E 30 4.97 30.65 -35.86
N THR E 31 4.81 30.90 -34.56
CA THR E 31 4.96 32.24 -33.99
C THR E 31 6.38 32.62 -33.59
N TYR E 32 7.06 31.74 -32.86
CA TYR E 32 8.32 32.07 -32.22
C TYR E 32 9.55 31.52 -32.92
N LEU E 33 9.36 30.43 -33.66
CA LEU E 33 10.48 29.78 -34.35
C LEU E 33 10.69 30.28 -35.78
N GLU E 34 11.95 30.58 -36.11
CA GLU E 34 12.34 30.83 -37.49
C GLU E 34 12.73 29.51 -38.15
N ASN E 35 12.36 29.39 -39.42
CA ASN E 35 12.58 28.18 -40.23
C ASN E 35 12.13 26.87 -39.59
N PRO E 36 10.92 26.87 -39.03
CA PRO E 36 10.44 25.64 -38.45
C PRO E 36 10.16 24.56 -39.51
N LYS E 37 10.68 23.37 -39.27
CA LYS E 37 10.43 22.22 -40.12
C LYS E 37 9.69 21.21 -39.28
N LEU E 38 8.64 20.60 -39.84
CA LEU E 38 7.89 19.58 -39.12
C LEU E 38 8.69 18.30 -39.11
N VAL E 39 9.21 17.92 -37.95
CA VAL E 39 10.05 16.74 -37.84
C VAL E 39 9.30 15.45 -37.46
N ASN E 40 8.12 15.61 -36.87
CA ASN E 40 7.35 14.48 -36.40
C ASN E 40 5.88 14.78 -36.20
N ASN E 41 5.03 14.09 -36.96
CA ASN E 41 3.60 14.28 -36.84
C ASN E 41 2.84 12.99 -36.65
N VAL E 42 3.54 11.91 -36.27
CA VAL E 42 2.90 10.65 -35.91
C VAL E 42 1.85 10.93 -34.81
N ARG E 43 0.68 10.30 -34.94
CA ARG E 43 -0.41 10.50 -33.99
C ARG E 43 -0.77 11.98 -33.81
N GLY E 44 -0.53 12.75 -34.84
CA GLY E 44 -0.88 14.17 -34.86
C GLY E 44 -0.09 15.01 -33.87
N ILE E 45 1.10 14.54 -33.49
CA ILE E 45 1.80 15.08 -32.31
C ILE E 45 2.48 16.47 -32.49
N GLN E 46 2.58 16.92 -33.73
CA GLN E 46 3.01 18.29 -34.06
C GLN E 46 4.41 18.70 -33.56
N GLY E 47 5.43 17.89 -33.87
CA GLY E 47 6.81 18.16 -33.50
C GLY E 47 7.60 19.01 -34.49
N TYR E 48 8.06 20.18 -34.04
CA TYR E 48 8.83 21.08 -34.89
C TYR E 48 10.22 21.35 -34.37
N THR E 49 11.12 21.74 -35.28
CA THR E 49 12.46 22.19 -34.95
C THR E 49 12.79 23.43 -35.76
N GLY E 50 13.17 24.50 -35.08
CA GLY E 50 13.60 25.74 -35.75
C GLY E 50 14.81 26.33 -35.06
N THR E 51 14.88 27.65 -35.01
CA THR E 51 15.83 28.35 -34.15
C THR E 51 15.11 29.52 -33.48
N TYR E 52 15.65 29.97 -32.36
CA TYR E 52 15.15 31.20 -31.75
C TYR E 52 16.36 32.01 -31.29
N LYS E 53 16.38 33.29 -31.69
CA LYS E 53 17.53 34.17 -31.50
C LYS E 53 18.84 33.45 -31.83
N GLY E 54 18.77 32.61 -32.85
CA GLY E 54 19.94 31.94 -33.44
C GLY E 54 20.28 30.60 -32.84
N LYS E 55 19.39 30.05 -32.03
CA LYS E 55 19.67 28.77 -31.35
C LYS E 55 18.66 27.68 -31.69
N PRO E 56 19.11 26.41 -31.79
CA PRO E 56 18.19 25.32 -32.07
C PRO E 56 17.21 25.10 -30.91
N ILE E 57 15.91 25.19 -31.22
CA ILE E 57 14.86 24.84 -30.28
C ILE E 57 13.76 24.02 -30.99
N SER E 58 13.44 22.85 -30.43
CA SER E 58 12.30 22.05 -30.91
C SER E 58 11.04 22.35 -30.09
N VAL E 59 9.90 21.85 -30.57
CA VAL E 59 8.65 21.98 -29.83
C VAL E 59 7.69 20.89 -30.30
N MET E 60 7.08 20.18 -29.36
CA MET E 60 6.24 19.02 -29.68
C MET E 60 5.13 18.87 -28.65
N GLY E 61 3.97 18.40 -29.11
CA GLY E 61 2.92 17.94 -28.20
C GLY E 61 3.41 16.74 -27.41
N HIS E 62 2.82 16.53 -26.23
CA HIS E 62 3.14 15.36 -25.42
C HIS E 62 1.91 14.61 -24.90
N GLY E 63 0.72 15.05 -25.29
CA GLY E 63 -0.53 14.44 -24.86
C GLY E 63 -0.90 14.81 -23.45
N MET E 64 -1.91 14.17 -22.90
CA MET E 64 -2.35 14.47 -21.54
C MET E 64 -2.09 13.33 -20.56
N GLY E 65 -1.59 13.65 -19.37
CA GLY E 65 -1.37 12.65 -18.34
C GLY E 65 0.01 12.01 -18.35
N LEU E 66 0.43 11.54 -17.19
CA LEU E 66 1.76 10.96 -17.03
C LEU E 66 2.14 9.85 -18.03
N PRO E 67 1.26 8.87 -18.29
CA PRO E 67 1.61 7.80 -19.25
C PRO E 67 2.10 8.32 -20.59
N SER E 68 1.41 9.32 -21.13
CA SER E 68 1.71 9.93 -22.42
C SER E 68 3.07 10.65 -22.44
N ILE E 69 3.24 11.60 -21.52
CA ILE E 69 4.48 12.34 -21.45
C ILE E 69 5.64 11.41 -21.15
N CYS E 70 5.39 10.38 -20.35
CA CYS E 70 6.43 9.38 -20.06
C CYS E 70 6.93 8.64 -21.29
N ILE E 71 6.06 8.42 -22.27
CA ILE E 71 6.49 7.89 -23.56
C ILE E 71 7.33 8.90 -24.29
N TYR E 72 6.79 10.10 -24.52
CA TYR E 72 7.50 11.08 -25.34
C TYR E 72 8.82 11.47 -24.71
N ALA E 73 8.76 11.87 -23.44
CA ALA E 73 9.94 12.33 -22.72
C ALA E 73 11.06 11.31 -22.76
N GLU E 74 10.75 10.04 -22.51
CA GLU E 74 11.79 9.00 -22.48
C GLU E 74 12.38 8.74 -23.86
N GLU E 75 11.56 8.87 -24.89
CA GLU E 75 12.07 8.76 -26.25
C GLU E 75 13.02 9.90 -26.62
N LEU E 76 12.63 11.13 -26.30
CA LEU E 76 13.47 12.30 -26.58
C LEU E 76 14.83 12.30 -25.84
N TYR E 77 14.84 11.94 -24.57
CA TYR E 77 16.09 11.83 -23.84
C TYR E 77 16.92 10.64 -24.32
N SER E 78 16.25 9.60 -24.80
CA SER E 78 16.90 8.31 -25.07
C SER E 78 17.42 8.23 -26.51
N THR E 79 16.49 8.25 -27.46
CA THR E 79 16.81 8.12 -28.87
C THR E 79 17.34 9.42 -29.46
N TYR E 80 16.76 10.54 -29.04
CA TYR E 80 17.07 11.82 -29.66
C TYR E 80 18.15 12.63 -28.95
N LYS E 81 18.67 12.07 -27.86
CA LYS E 81 19.79 12.67 -27.13
C LYS E 81 19.51 14.12 -26.69
N VAL E 82 18.24 14.41 -26.44
CA VAL E 82 17.79 15.68 -25.92
C VAL E 82 18.36 15.91 -24.53
N LYS E 83 18.71 17.16 -24.25
CA LYS E 83 19.31 17.50 -22.98
C LYS E 83 18.36 18.20 -22.04
N THR E 84 17.36 18.87 -22.59
CA THR E 84 16.49 19.69 -21.75
C THR E 84 15.09 19.72 -22.29
N ILE E 85 14.12 19.53 -21.41
CA ILE E 85 12.72 19.65 -21.79
C ILE E 85 12.08 20.63 -20.82
N ILE E 86 11.44 21.64 -21.37
CA ILE E 86 10.70 22.56 -20.57
C ILE E 86 9.25 22.40 -20.98
N ARG E 87 8.44 21.98 -20.03
CA ARG E 87 7.02 21.90 -20.27
C ARG E 87 6.43 23.30 -20.11
N VAL E 88 5.64 23.72 -21.08
CA VAL E 88 4.94 25.00 -21.09
C VAL E 88 3.45 24.75 -21.23
N GLY E 89 2.71 24.78 -20.13
CA GLY E 89 1.33 24.31 -20.14
C GLY E 89 0.33 25.20 -19.47
N THR E 90 -0.88 24.67 -19.30
CA THR E 90 -1.86 25.31 -18.45
C THR E 90 -1.90 24.56 -17.10
N CYS E 91 -2.76 25.02 -16.20
CA CYS E 91 -2.89 24.43 -14.86
C CYS E 91 -4.02 25.14 -14.13
N GLY E 92 -4.72 24.39 -13.28
CA GLY E 92 -5.72 24.97 -12.40
C GLY E 92 -5.09 25.32 -11.07
N ALA E 93 -5.37 26.51 -10.57
CA ALA E 93 -4.74 27.00 -9.34
C ALA E 93 -5.34 26.37 -8.09
N ILE E 94 -4.50 26.20 -7.07
CA ILE E 94 -4.94 25.65 -5.79
C ILE E 94 -4.91 26.73 -4.71
N ASP E 95 -3.77 27.38 -4.54
CA ASP E 95 -3.60 28.42 -3.52
C ASP E 95 -4.54 29.61 -3.76
N MET E 96 -5.28 29.99 -2.72
CA MET E 96 -6.35 31.00 -2.80
C MET E 96 -5.88 32.35 -3.35
N ASP E 97 -4.57 32.57 -3.33
CA ASP E 97 -3.97 33.84 -3.76
C ASP E 97 -3.64 33.90 -5.25
N ILE E 98 -3.28 32.74 -5.82
CA ILE E 98 -3.00 32.62 -7.24
C ILE E 98 -4.27 32.74 -8.10
N HIS E 99 -4.15 33.42 -9.24
CA HIS E 99 -5.31 33.70 -10.09
C HIS E 99 -5.13 33.36 -11.57
N THR E 100 -6.23 33.42 -12.32
CA THR E 100 -6.23 33.21 -13.77
C THR E 100 -5.20 34.11 -14.47
N ARG E 101 -4.56 33.56 -15.50
CA ARG E 101 -3.48 34.23 -16.25
C ARG E 101 -2.19 34.46 -15.43
N ASP E 102 -2.09 33.86 -14.24
CA ASP E 102 -0.83 33.87 -13.49
C ASP E 102 0.14 32.85 -14.07
N ILE E 103 1.42 33.06 -13.77
CA ILE E 103 2.47 32.18 -14.24
C ILE E 103 3.24 31.53 -13.09
N VAL E 104 3.11 30.21 -13.02
CA VAL E 104 3.73 29.41 -11.98
C VAL E 104 4.86 28.63 -12.60
N ILE E 105 6.01 28.68 -11.94
CA ILE E 105 7.17 27.83 -12.23
C ILE E 105 7.27 26.75 -11.17
N PHE E 106 7.30 25.49 -11.58
CA PHE E 106 7.36 24.38 -10.64
C PHE E 106 8.74 24.02 -10.18
N THR E 107 8.93 23.99 -8.86
CA THR E 107 10.13 23.44 -8.24
C THR E 107 10.07 21.92 -8.29
N SER E 108 8.84 21.41 -8.18
CA SER E 108 8.57 19.98 -8.02
C SER E 108 7.09 19.69 -8.17
N ALA E 109 6.74 18.41 -8.28
CA ALA E 109 5.33 18.04 -8.44
C ALA E 109 4.97 16.78 -7.70
N GLY E 110 3.95 16.87 -6.88
CA GLY E 110 3.34 15.68 -6.29
C GLY E 110 2.52 14.94 -7.34
N THR E 111 2.12 13.73 -7.00
CA THR E 111 1.20 12.99 -7.84
C THR E 111 0.39 12.00 -7.04
N ASN E 112 -0.77 11.66 -7.62
CA ASN E 112 -1.54 10.50 -7.17
C ASN E 112 -1.35 9.30 -8.12
N SER E 113 -0.39 9.42 -9.04
CA SER E 113 -0.03 8.30 -9.90
C SER E 113 0.77 7.28 -9.11
N LYS E 114 0.90 6.09 -9.70
CA LYS E 114 1.63 4.99 -9.11
C LYS E 114 2.96 4.86 -9.87
N ILE E 115 3.17 5.72 -10.86
CA ILE E 115 4.29 5.56 -11.77
C ILE E 115 5.63 5.64 -11.09
N ASN E 116 5.74 6.53 -10.11
CA ASN E 116 7.03 6.73 -9.46
C ASN E 116 7.31 5.67 -8.41
N ARG E 117 6.27 5.14 -7.79
CA ARG E 117 6.45 4.03 -6.85
C ARG E 117 6.95 2.77 -7.56
N ILE E 118 6.49 2.55 -8.81
CA ILE E 118 6.96 1.42 -9.62
C ILE E 118 8.43 1.61 -9.91
N ARG E 119 8.82 2.83 -10.25
CA ARG E 119 10.20 3.16 -10.56
C ARG E 119 11.11 3.13 -9.34
N PHE E 120 10.53 3.13 -8.14
CA PHE E 120 11.31 3.46 -6.95
C PHE E 120 11.02 2.57 -5.74
N MET E 121 10.95 1.25 -5.96
CA MET E 121 10.83 0.25 -4.87
C MET E 121 9.71 0.56 -3.87
N ASP E 122 8.67 1.18 -4.41
CA ASP E 122 7.44 1.48 -3.71
C ASP E 122 7.64 2.54 -2.61
N HIS E 123 8.66 3.39 -2.78
CA HIS E 123 8.91 4.49 -1.85
C HIS E 123 8.52 5.86 -2.42
N ASP E 124 8.92 6.94 -1.75
CA ASP E 124 8.60 8.28 -2.23
C ASP E 124 9.74 8.89 -3.06
N TYR E 125 9.49 9.07 -4.35
CA TYR E 125 10.39 9.81 -5.21
C TYR E 125 9.95 11.27 -5.19
N PRO E 126 10.92 12.19 -4.99
CA PRO E 126 10.56 13.58 -5.15
C PRO E 126 10.73 13.99 -6.60
N ALA E 127 9.62 14.09 -7.34
CA ALA E 127 9.67 14.61 -8.70
C ALA E 127 10.05 16.07 -8.61
N THR E 128 11.34 16.34 -8.81
CA THR E 128 11.91 17.66 -8.66
C THR E 128 12.41 18.20 -10.00
N ALA E 129 12.09 19.46 -10.25
CA ALA E 129 12.57 20.13 -11.45
C ALA E 129 14.07 20.36 -11.26
N SER E 130 14.81 20.35 -12.36
CA SER E 130 16.25 20.57 -12.35
C SER E 130 16.55 22.00 -11.93
N PHE E 131 17.47 22.13 -10.97
CA PHE E 131 17.75 23.40 -10.32
C PHE E 131 18.19 24.50 -11.32
N ASP E 132 19.07 24.11 -12.26
CA ASP E 132 19.46 24.95 -13.37
C ASP E 132 18.24 25.57 -14.06
N VAL E 133 17.25 24.71 -14.35
CA VAL E 133 16.09 25.10 -15.15
C VAL E 133 15.22 26.07 -14.37
N VAL E 134 15.02 25.80 -13.08
CA VAL E 134 14.23 26.70 -12.24
C VAL E 134 14.89 28.09 -12.16
N CYS E 135 16.23 28.12 -12.03
CA CYS E 135 16.99 29.38 -12.04
C CYS E 135 16.75 30.15 -13.32
N ALA E 136 17.01 29.48 -14.43
CA ALA E 136 16.87 30.05 -15.76
C ALA E 136 15.50 30.67 -16.00
N LEU E 137 14.45 30.00 -15.54
CA LEU E 137 13.10 30.47 -15.75
C LEU E 137 12.76 31.59 -14.80
N VAL E 138 13.40 31.59 -13.63
CA VAL E 138 13.21 32.63 -12.64
C VAL E 138 13.94 33.88 -13.10
N ASP E 139 15.19 33.72 -13.52
CA ASP E 139 16.02 34.82 -14.04
C ASP E 139 15.38 35.49 -15.25
N ALA E 140 14.92 34.68 -16.20
CA ALA E 140 14.33 35.17 -17.43
C ALA E 140 13.10 36.01 -17.15
N ALA E 141 12.37 35.68 -16.10
CA ALA E 141 11.13 36.38 -15.78
C ALA E 141 11.39 37.74 -15.11
N LYS E 142 12.51 37.88 -14.38
CA LYS E 142 12.94 39.18 -13.86
C LYS E 142 13.20 40.09 -15.05
N GLU E 143 14.20 39.69 -15.85
CA GLU E 143 14.54 40.36 -17.11
C GLU E 143 13.33 40.95 -17.83
N LEU E 144 12.30 40.14 -18.06
CA LEU E 144 11.13 40.59 -18.80
C LEU E 144 10.10 41.28 -17.91
N ASN E 145 10.46 41.49 -16.64
CA ASN E 145 9.57 42.08 -15.65
C ASN E 145 8.15 41.48 -15.62
N ILE E 146 8.08 40.16 -15.72
CA ILE E 146 6.81 39.44 -15.61
C ILE E 146 6.77 38.68 -14.28
N PRO E 147 5.71 38.90 -13.49
CA PRO E 147 5.64 38.23 -12.20
C PRO E 147 5.58 36.72 -12.39
N ALA E 148 6.46 36.00 -11.71
CA ALA E 148 6.44 34.55 -11.73
C ALA E 148 6.36 34.00 -10.33
N LYS E 149 5.37 33.15 -10.10
CA LYS E 149 5.23 32.42 -8.84
C LYS E 149 6.00 31.09 -8.87
N VAL E 150 6.61 30.75 -7.73
CA VAL E 150 7.53 29.59 -7.60
C VAL E 150 7.17 28.60 -6.47
N GLY E 151 7.05 27.32 -6.82
CA GLY E 151 6.81 26.28 -5.82
C GLY E 151 6.24 24.97 -6.34
N LYS E 152 5.52 24.28 -5.46
CA LYS E 152 5.12 22.91 -5.70
C LYS E 152 3.90 22.84 -6.60
N GLY E 153 3.95 21.92 -7.55
CA GLY E 153 2.78 21.57 -8.35
C GLY E 153 2.21 20.21 -7.97
N PHE E 154 1.13 19.81 -8.62
CA PHE E 154 0.59 18.48 -8.42
C PHE E 154 0.06 17.89 -9.71
N SER E 155 0.58 16.74 -10.11
CA SER E 155 0.12 16.07 -11.32
C SER E 155 -0.93 15.04 -10.95
N THR E 156 -2.17 15.26 -11.36
CA THR E 156 -3.22 14.30 -11.06
C THR E 156 -3.41 13.24 -12.16
N ASP E 157 -3.83 12.04 -11.77
CA ASP E 157 -4.23 11.03 -12.74
C ASP E 157 -5.69 11.24 -13.16
N LEU E 158 -6.41 12.04 -12.37
CA LEU E 158 -7.84 12.25 -12.51
C LEU E 158 -8.22 13.74 -12.58
N PHE E 159 -8.47 14.25 -13.79
CA PHE E 159 -8.95 15.61 -14.04
C PHE E 159 -10.24 15.83 -13.24
N TYR E 160 -11.20 14.93 -13.42
CA TYR E 160 -12.36 14.92 -12.54
C TYR E 160 -12.03 14.06 -11.33
N ASN E 161 -11.52 14.71 -10.28
CA ASN E 161 -11.03 13.98 -9.11
C ASN E 161 -12.18 13.62 -8.19
N PRO E 162 -12.46 12.31 -8.02
CA PRO E 162 -13.54 11.93 -7.11
C PRO E 162 -13.17 12.12 -5.64
N GLN E 163 -11.88 12.36 -5.36
CA GLN E 163 -11.47 12.75 -4.04
C GLN E 163 -11.69 14.26 -3.83
N THR E 164 -12.91 14.60 -3.44
CA THR E 164 -13.37 15.99 -3.35
C THR E 164 -12.63 16.80 -2.28
N GLU E 165 -11.99 16.09 -1.34
CA GLU E 165 -11.34 16.74 -0.19
C GLU E 165 -9.87 17.06 -0.49
N LEU E 166 -9.38 16.55 -1.61
CA LEU E 166 -7.96 16.66 -1.93
C LEU E 166 -7.55 18.10 -2.21
N ALA E 167 -8.38 18.81 -2.94
CA ALA E 167 -8.11 20.20 -3.29
C ALA E 167 -7.71 21.06 -2.06
N GLN E 168 -8.52 21.00 -1.00
CA GLN E 168 -8.18 21.68 0.25
C GLN E 168 -6.90 21.14 0.88
N LEU E 169 -6.69 19.83 0.81
CA LEU E 169 -5.51 19.25 1.42
C LEU E 169 -4.32 19.91 0.78
N MET E 170 -4.32 19.98 -0.54
CA MET E 170 -3.23 20.61 -1.28
C MET E 170 -3.10 22.09 -0.91
N ASN E 171 -4.21 22.73 -0.59
CA ASN E 171 -4.20 24.14 -0.19
C ASN E 171 -3.58 24.32 1.18
N LYS E 172 -3.91 23.41 2.09
CA LYS E 172 -3.32 23.39 3.43
C LYS E 172 -1.78 23.28 3.35
N PHE E 173 -1.25 22.67 2.28
CA PHE E 173 0.21 22.59 2.13
C PHE E 173 0.78 23.56 1.09
N HIS E 174 -0.06 24.51 0.65
CA HIS E 174 0.34 25.55 -0.30
C HIS E 174 0.96 25.00 -1.59
N PHE E 175 0.28 24.01 -2.18
CA PHE E 175 0.52 23.63 -3.56
C PHE E 175 -0.05 24.75 -4.41
N LEU E 176 0.69 25.18 -5.44
CA LEU E 176 0.23 26.28 -6.26
C LEU E 176 -0.83 25.83 -7.26
N ALA E 177 -0.52 24.79 -8.03
CA ALA E 177 -1.40 24.39 -9.12
C ALA E 177 -1.35 22.89 -9.44
N VAL E 178 -2.43 22.43 -10.06
CA VAL E 178 -2.53 21.06 -10.54
C VAL E 178 -2.42 20.98 -12.06
N GLU E 179 -1.49 20.17 -12.54
CA GLU E 179 -1.50 19.75 -13.95
C GLU E 179 -1.54 18.22 -14.02
N MET E 180 -0.95 17.61 -15.05
CA MET E 180 -1.00 16.15 -15.22
C MET E 180 0.24 15.54 -15.87
N GLU E 181 1.40 16.17 -15.73
CA GLU E 181 2.54 15.76 -16.54
C GLU E 181 3.92 15.84 -15.87
N SER E 182 4.13 16.87 -15.07
CA SER E 182 5.47 17.13 -14.54
C SER E 182 6.04 16.02 -13.64
N ALA E 183 5.16 15.39 -12.86
CA ALA E 183 5.54 14.29 -11.98
C ALA E 183 6.11 13.12 -12.74
N GLY E 184 5.68 12.96 -13.99
CA GLY E 184 6.22 11.92 -14.86
C GLY E 184 7.53 12.36 -15.45
N LEU E 185 7.59 13.64 -15.83
CA LEU E 185 8.74 14.22 -16.53
C LEU E 185 10.03 14.16 -15.71
N PHE E 186 10.01 14.79 -14.54
CA PHE E 186 11.22 15.01 -13.77
C PHE E 186 12.06 13.77 -13.48
N PRO E 187 11.44 12.67 -13.00
CA PRO E 187 12.26 11.47 -12.78
C PRO E 187 12.88 10.87 -14.04
N ILE E 188 12.24 11.05 -15.20
CA ILE E 188 12.84 10.53 -16.44
C ILE E 188 14.09 11.33 -16.77
N ALA E 189 14.00 12.66 -16.67
CA ALA E 189 15.17 13.52 -16.79
C ALA E 189 16.31 13.02 -15.88
N ASP E 190 16.01 12.76 -14.62
CA ASP E 190 17.03 12.31 -13.68
C ASP E 190 17.64 11.03 -14.18
N LEU E 191 16.77 10.08 -14.53
CA LEU E 191 17.16 8.77 -15.03
C LEU E 191 18.13 8.89 -16.22
N TYR E 192 17.94 9.89 -17.06
CA TYR E 192 18.83 10.13 -18.20
C TYR E 192 19.92 11.18 -17.99
N GLY E 193 20.22 11.49 -16.73
CA GLY E 193 21.20 12.53 -16.40
C GLY E 193 20.93 13.83 -17.16
N ALA E 194 19.67 14.09 -17.45
CA ALA E 194 19.30 15.26 -18.22
C ALA E 194 18.54 16.24 -17.35
N ARG E 195 18.01 17.29 -17.95
CA ARG E 195 17.39 18.36 -17.19
C ARG E 195 15.98 18.55 -17.68
N ALA E 196 15.08 18.78 -16.75
CA ALA E 196 13.73 19.19 -17.11
C ALA E 196 13.25 20.31 -16.21
N GLY E 197 12.15 20.91 -16.60
CA GLY E 197 11.53 21.96 -15.80
C GLY E 197 10.14 22.15 -16.32
N CYS E 198 9.41 23.04 -15.69
CA CYS E 198 8.01 23.23 -16.03
C CYS E 198 7.50 24.60 -15.59
N ILE E 199 6.72 25.22 -16.47
CA ILE E 199 6.16 26.54 -16.26
C ILE E 199 4.77 26.57 -16.83
N CYS E 200 3.82 27.14 -16.09
CA CYS E 200 2.44 27.11 -16.51
C CYS E 200 1.76 28.46 -16.52
N THR E 201 0.69 28.52 -17.29
CA THR E 201 -0.27 29.60 -17.25
C THR E 201 -1.56 29.05 -16.66
N VAL E 202 -2.18 29.80 -15.76
CA VAL E 202 -3.36 29.32 -15.03
C VAL E 202 -4.63 29.51 -15.85
N SER E 203 -5.28 28.41 -16.20
CA SER E 203 -6.45 28.43 -17.06
C SER E 203 -7.79 28.46 -16.32
N ASP E 204 -7.79 27.93 -15.08
CA ASP E 204 -8.98 27.87 -14.23
C ASP E 204 -8.56 27.81 -12.77
N HIS E 205 -9.52 27.90 -11.85
CA HIS E 205 -9.24 27.73 -10.41
C HIS E 205 -10.05 26.57 -9.85
N ILE E 206 -9.42 25.69 -9.10
CA ILE E 206 -10.14 24.49 -8.68
C ILE E 206 -10.87 24.69 -7.34
N LEU E 207 -10.52 25.74 -6.61
CA LEU E 207 -11.11 25.98 -5.29
C LEU E 207 -12.23 27.04 -5.27
N HIS E 208 -11.99 28.22 -5.82
CA HIS E 208 -13.10 29.16 -6.04
C HIS E 208 -13.40 29.42 -7.52
N HIS E 209 -13.78 28.33 -8.21
CA HIS E 209 -14.19 28.30 -9.63
C HIS E 209 -14.05 29.61 -10.41
N GLU E 216 -7.93 35.65 -24.10
CA GLU E 216 -6.73 35.34 -23.31
C GLU E 216 -7.00 34.25 -22.26
N ARG E 217 -6.26 33.14 -22.26
CA ARG E 217 -5.20 32.74 -23.22
C ARG E 217 -4.08 33.74 -23.55
N GLN E 218 -4.23 34.42 -24.68
CA GLN E 218 -3.13 35.16 -25.28
C GLN E 218 -2.22 35.75 -24.20
N ASN E 219 -2.43 37.02 -23.90
CA ASN E 219 -1.38 37.85 -23.30
C ASN E 219 -0.59 37.20 -22.16
N SER E 220 -1.23 36.28 -21.44
CA SER E 220 -0.53 35.51 -20.42
C SER E 220 0.26 34.34 -21.02
N PHE E 221 -0.27 33.78 -22.11
CA PHE E 221 0.44 32.76 -22.89
C PHE E 221 1.73 33.30 -23.54
N GLN E 222 1.67 34.54 -24.04
CA GLN E 222 2.85 35.22 -24.59
C GLN E 222 3.92 35.39 -23.52
N ASN E 223 3.50 35.85 -22.35
CA ASN E 223 4.42 36.04 -21.22
C ASN E 223 5.09 34.72 -20.86
N MET E 224 4.31 33.66 -20.88
CA MET E 224 4.81 32.32 -20.58
C MET E 224 5.81 31.88 -21.66
N MET E 225 5.43 32.03 -22.92
CA MET E 225 6.30 31.67 -24.02
C MET E 225 7.61 32.44 -24.02
N LYS E 226 7.53 33.76 -23.84
CA LYS E 226 8.73 34.60 -23.78
C LYS E 226 9.70 34.11 -22.71
N ILE E 227 9.19 33.87 -21.50
CA ILE E 227 10.04 33.45 -20.40
C ILE E 227 10.77 32.14 -20.71
N ALA E 228 10.03 31.14 -21.19
CA ALA E 228 10.60 29.80 -21.45
C ALA E 228 11.70 29.85 -22.50
N LEU E 229 11.40 30.51 -23.61
CA LEU E 229 12.36 30.71 -24.69
C LEU E 229 13.61 31.47 -24.19
N GLU E 230 13.39 32.52 -23.41
CA GLU E 230 14.47 33.26 -22.79
C GLU E 230 15.32 32.39 -21.87
N ALA E 231 14.67 31.57 -21.04
CA ALA E 231 15.39 30.59 -20.25
C ALA E 231 16.20 29.64 -21.13
N ALA E 232 15.59 29.15 -22.21
CA ALA E 232 16.24 28.18 -23.09
C ALA E 232 17.59 28.66 -23.62
N ILE E 233 17.65 29.96 -23.93
CA ILE E 233 18.88 30.66 -24.32
C ILE E 233 19.97 30.48 -23.28
N LYS E 234 19.64 30.80 -22.03
CA LYS E 234 20.60 30.72 -20.91
C LYS E 234 21.12 29.30 -20.66
N LEU E 235 20.85 28.38 -21.58
CA LEU E 235 21.22 26.97 -21.40
C LEU E 235 21.98 26.39 -22.61
N ALA F 1 7.41 24.93 28.00
CA ALA F 1 6.12 25.27 27.35
C ALA F 1 5.67 24.26 26.25
N THR F 2 6.56 23.32 25.90
CA THR F 2 6.13 22.08 25.24
C THR F 2 6.80 20.92 25.98
N PRO F 3 6.39 19.67 25.70
CA PRO F 3 7.01 18.56 26.42
C PRO F 3 8.42 18.27 25.93
N HIS F 4 8.89 18.99 24.92
CA HIS F 4 10.20 18.75 24.35
C HIS F 4 11.06 19.99 24.45
N ASN F 5 10.48 21.01 25.06
CA ASN F 5 11.00 22.35 24.96
C ASN F 5 10.49 23.22 26.09
N SER F 6 11.42 23.60 26.95
CA SER F 6 11.12 24.38 28.16
C SER F 6 11.02 25.90 27.91
N ALA F 7 11.43 26.32 26.71
CA ALA F 7 11.46 27.73 26.34
C ALA F 7 10.07 28.35 26.15
N GLN F 8 10.03 29.68 26.12
CA GLN F 8 8.79 30.43 25.88
C GLN F 8 8.91 31.12 24.53
N VAL F 9 7.78 31.53 23.97
CA VAL F 9 7.78 32.18 22.66
C VAL F 9 8.72 33.39 22.68
N GLY F 10 9.53 33.53 21.65
CA GLY F 10 10.53 34.61 21.59
C GLY F 10 11.93 34.20 21.99
N ASP F 11 12.05 33.15 22.80
CA ASP F 11 13.39 32.64 23.20
C ASP F 11 14.18 32.13 22.01
N PHE F 12 13.49 31.73 20.94
CA PHE F 12 14.16 31.32 19.72
C PHE F 12 14.11 32.41 18.69
N ALA F 13 15.21 32.59 17.97
CA ALA F 13 15.26 33.51 16.84
C ALA F 13 14.35 33.05 15.70
N GLU F 14 14.20 33.92 14.69
CA GLU F 14 13.42 33.58 13.51
C GLU F 14 14.07 32.51 12.62
N THR F 15 15.39 32.42 12.69
CA THR F 15 16.15 31.44 11.94
C THR F 15 16.81 30.46 12.92
N VAL F 16 16.56 29.17 12.71
CA VAL F 16 17.09 28.13 13.57
C VAL F 16 17.87 27.07 12.79
N LEU F 17 19.18 26.99 13.01
CA LEU F 17 19.97 25.91 12.45
C LEU F 17 19.82 24.66 13.31
N MET F 18 19.75 23.49 12.67
CA MET F 18 19.50 22.24 13.40
C MET F 18 20.38 21.10 12.94
N CYS F 19 20.86 20.32 13.89
CA CYS F 19 21.60 19.10 13.56
C CYS F 19 21.12 17.91 14.37
N GLY F 20 21.63 16.73 14.02
CA GLY F 20 21.26 15.48 14.68
C GLY F 20 21.94 15.37 16.01
N ASP F 21 23.21 15.76 16.04
CA ASP F 21 24.05 15.63 17.22
C ASP F 21 23.92 16.82 18.17
N PRO F 22 23.30 16.60 19.35
CA PRO F 22 23.14 17.73 20.28
C PRO F 22 24.47 18.24 20.85
N LEU F 23 25.53 17.45 20.72
CA LEU F 23 26.89 17.91 21.01
C LEU F 23 27.40 18.85 19.92
N ARG F 24 27.10 18.53 18.66
CA ARG F 24 27.41 19.41 17.54
C ARG F 24 26.64 20.71 17.66
N ALA F 25 25.39 20.64 18.12
CA ALA F 25 24.62 21.83 18.47
C ALA F 25 25.38 22.75 19.44
N LYS F 26 25.72 22.18 20.60
CA LYS F 26 26.48 22.84 21.65
C LYS F 26 27.74 23.49 21.09
N LEU F 27 28.45 22.73 20.25
CA LEU F 27 29.72 23.18 19.69
C LEU F 27 29.54 24.39 18.77
N ILE F 28 28.46 24.40 18.01
CA ILE F 28 28.18 25.51 17.09
C ILE F 28 27.88 26.79 17.87
N ALA F 29 27.07 26.65 18.92
CA ALA F 29 26.73 27.77 19.77
C ALA F 29 28.00 28.39 20.35
N GLU F 30 28.85 27.53 20.92
CA GLU F 30 30.11 27.94 21.53
C GLU F 30 31.09 28.57 20.53
N THR F 31 31.03 28.12 19.28
CA THR F 31 32.02 28.51 18.26
C THR F 31 31.61 29.69 17.37
N TYR F 32 30.32 29.83 17.09
CA TYR F 32 29.91 30.72 15.99
C TYR F 32 29.06 31.90 16.43
N LEU F 33 28.46 31.79 17.61
CA LEU F 33 27.52 32.80 18.07
C LEU F 33 28.16 33.71 19.10
N GLU F 34 27.67 34.95 19.17
CA GLU F 34 28.04 35.83 20.28
C GLU F 34 26.97 35.78 21.39
N ASN F 35 27.43 35.76 22.63
CA ASN F 35 26.55 35.63 23.82
C ASN F 35 25.48 34.58 23.65
N PRO F 36 25.89 33.31 23.55
CA PRO F 36 24.93 32.22 23.48
C PRO F 36 24.30 31.89 24.83
N LYS F 37 23.00 32.15 24.98
CA LYS F 37 22.24 31.65 26.12
C LYS F 37 21.76 30.24 25.80
N LEU F 38 21.64 29.40 26.81
CA LEU F 38 21.00 28.11 26.67
C LEU F 38 19.50 28.32 26.89
N VAL F 39 18.68 27.95 25.91
CA VAL F 39 17.24 28.21 26.00
C VAL F 39 16.37 26.96 26.19
N ASN F 40 16.89 25.80 25.82
CA ASN F 40 16.19 24.54 26.03
C ASN F 40 17.18 23.40 26.14
N ASN F 41 17.13 22.70 27.25
CA ASN F 41 17.89 21.46 27.40
C ASN F 41 17.03 20.31 27.88
N VAL F 42 15.74 20.37 27.59
CA VAL F 42 14.89 19.20 27.77
C VAL F 42 15.43 18.06 26.90
N ARG F 43 15.61 16.88 27.52
CA ARG F 43 16.15 15.68 26.89
C ARG F 43 17.59 15.80 26.35
N GLY F 44 18.30 16.83 26.81
CA GLY F 44 19.72 17.00 26.49
C GLY F 44 19.93 17.62 25.13
N ILE F 45 18.86 18.21 24.60
CA ILE F 45 18.76 18.66 23.20
C ILE F 45 19.57 19.94 22.79
N GLN F 46 20.07 20.70 23.78
CA GLN F 46 21.01 21.83 23.56
C GLN F 46 20.53 22.93 22.63
N GLY F 47 19.47 23.60 23.03
CA GLY F 47 18.93 24.70 22.24
C GLY F 47 19.54 26.01 22.69
N TYR F 48 20.28 26.65 21.79
CA TYR F 48 20.93 27.93 22.06
C TYR F 48 20.44 29.08 21.18
N THR F 49 20.45 30.28 21.76
CA THR F 49 20.15 31.53 21.04
C THR F 49 21.26 32.52 21.32
N GLY F 50 21.75 33.15 20.25
CA GLY F 50 22.79 34.17 20.29
C GLY F 50 22.60 35.09 19.10
N THR F 51 23.69 35.59 18.54
CA THR F 51 23.64 36.40 17.31
C THR F 51 24.90 36.11 16.49
N TYR F 52 24.84 36.36 15.18
CA TYR F 52 25.99 36.15 14.32
C TYR F 52 26.05 37.34 13.38
N LYS F 53 27.19 38.04 13.39
CA LYS F 53 27.38 39.28 12.64
C LYS F 53 26.21 40.24 12.84
N GLY F 54 25.69 40.27 14.07
CA GLY F 54 24.62 41.18 14.44
C GLY F 54 23.22 40.60 14.53
N LYS F 55 22.83 39.81 13.54
CA LYS F 55 21.43 39.34 13.42
C LYS F 55 21.13 38.14 14.36
N PRO F 56 19.85 37.97 14.83
CA PRO F 56 19.57 36.83 15.73
C PRO F 56 19.52 35.45 15.05
N ILE F 57 20.17 34.49 15.70
CA ILE F 57 20.28 33.12 15.23
C ILE F 57 20.12 32.15 16.39
N SER F 58 19.50 31.01 16.14
CA SER F 58 19.39 29.95 17.12
C SER F 58 19.94 28.63 16.58
N VAL F 59 20.34 27.76 17.49
CA VAL F 59 20.84 26.43 17.13
C VAL F 59 20.33 25.37 18.12
N MET F 60 19.86 24.24 17.60
CA MET F 60 19.35 23.15 18.45
C MET F 60 19.55 21.80 17.78
N GLY F 61 19.70 20.76 18.58
CA GLY F 61 19.63 19.39 18.10
C GLY F 61 18.20 19.02 17.69
N HIS F 62 18.07 17.99 16.87
CA HIS F 62 16.74 17.47 16.48
C HIS F 62 16.63 15.94 16.58
N GLY F 63 17.65 15.31 17.19
CA GLY F 63 17.73 13.83 17.27
C GLY F 63 17.88 13.22 15.88
N MET F 64 18.01 11.91 15.79
CA MET F 64 18.12 11.23 14.50
C MET F 64 16.78 10.68 14.05
N GLY F 65 16.43 10.90 12.79
CA GLY F 65 15.23 10.30 12.21
C GLY F 65 14.00 11.20 12.07
N LEU F 66 13.24 10.93 11.03
CA LEU F 66 12.00 11.66 10.75
C LEU F 66 11.09 11.92 11.95
N PRO F 67 10.70 10.86 12.70
CA PRO F 67 9.78 11.11 13.82
C PRO F 67 10.28 12.14 14.83
N SER F 68 11.60 12.17 15.04
CA SER F 68 12.22 13.13 15.96
C SER F 68 12.18 14.56 15.40
N ILE F 69 12.70 14.76 14.20
CA ILE F 69 12.73 16.09 13.61
C ILE F 69 11.32 16.65 13.43
N CYS F 70 10.37 15.79 13.13
CA CYS F 70 8.98 16.21 12.97
C CYS F 70 8.43 16.82 14.24
N ILE F 71 8.85 16.28 15.38
CA ILE F 71 8.42 16.80 16.66
C ILE F 71 8.96 18.22 16.82
N TYR F 72 10.27 18.37 16.66
CA TYR F 72 10.92 19.63 16.97
C TYR F 72 10.53 20.70 16.01
N ALA F 73 10.54 20.36 14.72
CA ALA F 73 10.30 21.31 13.68
C ALA F 73 8.88 21.85 13.81
N GLU F 74 7.90 20.96 13.98
CA GLU F 74 6.53 21.42 14.11
C GLU F 74 6.45 22.41 15.26
N GLU F 75 7.05 22.05 16.39
CA GLU F 75 7.01 22.88 17.58
C GLU F 75 7.65 24.24 17.36
N LEU F 76 8.77 24.23 16.65
CA LEU F 76 9.47 25.47 16.36
C LEU F 76 8.63 26.43 15.50
N TYR F 77 8.07 25.91 14.41
CA TYR F 77 7.25 26.72 13.49
C TYR F 77 5.91 27.12 14.10
N SER F 78 5.48 26.39 15.11
CA SER F 78 4.10 26.44 15.56
C SER F 78 3.97 27.26 16.84
N THR F 79 4.63 26.79 17.90
CA THR F 79 4.66 27.50 19.15
C THR F 79 5.64 28.69 19.09
N TYR F 80 6.87 28.42 18.67
CA TYR F 80 7.96 29.41 18.78
C TYR F 80 8.09 30.34 17.59
N LYS F 81 7.10 30.28 16.70
CA LYS F 81 6.96 31.21 15.58
C LYS F 81 8.21 31.32 14.70
N VAL F 82 8.97 30.23 14.59
CA VAL F 82 10.20 30.24 13.79
C VAL F 82 9.86 30.35 12.31
N LYS F 83 10.70 31.07 11.56
CA LYS F 83 10.41 31.39 10.18
C LYS F 83 11.23 30.51 9.25
N THR F 84 12.47 30.25 9.65
CA THR F 84 13.40 29.53 8.81
C THR F 84 14.18 28.50 9.64
N ILE F 85 14.23 27.29 9.11
CA ILE F 85 15.07 26.25 9.67
C ILE F 85 16.02 25.80 8.57
N ILE F 86 17.31 25.74 8.90
CA ILE F 86 18.30 25.10 8.03
C ILE F 86 18.92 23.93 8.78
N ARG F 87 18.70 22.72 8.27
CA ARG F 87 19.33 21.56 8.86
C ARG F 87 20.77 21.54 8.38
N VAL F 88 21.70 21.42 9.31
CA VAL F 88 23.11 21.36 8.97
C VAL F 88 23.71 20.05 9.50
N GLY F 89 23.52 18.98 8.75
CA GLY F 89 23.88 17.67 9.25
C GLY F 89 25.04 17.02 8.51
N THR F 90 25.07 15.70 8.57
CA THR F 90 25.98 14.90 7.77
C THR F 90 25.12 14.07 6.81
N CYS F 91 25.76 13.27 5.96
CA CYS F 91 25.04 12.43 5.01
C CYS F 91 25.93 11.35 4.44
N GLY F 92 25.32 10.28 3.98
CA GLY F 92 26.05 9.23 3.26
C GLY F 92 25.88 9.46 1.78
N ALA F 93 27.00 9.63 1.08
CA ALA F 93 26.99 9.92 -0.34
C ALA F 93 26.48 8.74 -1.15
N ILE F 94 25.85 9.01 -2.28
CA ILE F 94 25.37 7.97 -3.20
C ILE F 94 26.10 8.07 -4.53
N ASP F 95 25.94 9.20 -5.21
CA ASP F 95 26.62 9.48 -6.48
C ASP F 95 28.13 9.19 -6.43
N MET F 96 28.70 8.79 -7.57
CA MET F 96 30.07 8.29 -7.63
C MET F 96 31.13 9.38 -7.54
N ASP F 97 30.75 10.63 -7.81
CA ASP F 97 31.71 11.74 -7.83
C ASP F 97 31.60 12.65 -6.59
N ILE F 98 30.68 12.28 -5.68
CA ILE F 98 30.55 12.91 -4.37
C ILE F 98 31.44 12.13 -3.40
N HIS F 99 32.39 12.80 -2.76
CA HIS F 99 33.31 12.12 -1.85
C HIS F 99 33.22 12.68 -0.45
N THR F 100 33.88 12.00 0.49
CA THR F 100 33.98 12.49 1.87
C THR F 100 34.50 13.93 1.86
N ARG F 101 34.16 14.67 2.91
CA ARG F 101 34.47 16.11 3.02
C ARG F 101 33.58 16.99 2.14
N ASP F 102 33.12 16.48 0.98
CA ASP F 102 32.29 17.26 0.07
C ASP F 102 30.96 17.76 0.69
N ILE F 103 30.44 18.88 0.16
CA ILE F 103 29.30 19.55 0.77
C ILE F 103 28.09 19.59 -0.16
N VAL F 104 26.97 19.08 0.36
CA VAL F 104 25.77 18.89 -0.43
C VAL F 104 24.63 19.80 0.03
N ILE F 105 23.94 20.40 -0.92
CA ILE F 105 22.75 21.17 -0.66
C ILE F 105 21.57 20.45 -1.30
N PHE F 106 20.53 20.16 -0.52
CA PHE F 106 19.40 19.36 -1.00
C PHE F 106 18.28 20.20 -1.59
N THR F 107 17.84 19.85 -2.78
CA THR F 107 16.70 20.54 -3.41
C THR F 107 15.40 19.95 -2.90
N SER F 108 15.48 18.71 -2.48
CA SER F 108 14.34 17.91 -2.08
C SER F 108 14.89 16.63 -1.46
N ALA F 109 14.00 15.87 -0.82
CA ALA F 109 14.39 14.56 -0.32
C ALA F 109 13.29 13.55 -0.48
N GLY F 110 13.65 12.41 -1.03
CA GLY F 110 12.75 11.26 -1.06
C GLY F 110 12.91 10.47 0.23
N THR F 111 11.97 9.58 0.49
CA THR F 111 11.99 8.84 1.75
C THR F 111 11.32 7.48 1.59
N ASN F 112 11.64 6.57 2.51
CA ASN F 112 10.90 5.31 2.64
C ASN F 112 10.01 5.28 3.88
N SER F 113 9.91 6.42 4.54
CA SER F 113 9.00 6.59 5.67
C SER F 113 7.59 6.64 5.13
N LYS F 114 6.60 6.45 6.00
CA LYS F 114 5.21 6.53 5.60
C LYS F 114 4.58 7.86 6.05
N ILE F 115 5.38 8.68 6.73
CA ILE F 115 4.87 9.95 7.30
C ILE F 115 4.10 10.81 6.29
N ASN F 116 4.73 11.12 5.17
CA ASN F 116 4.15 12.00 4.19
C ASN F 116 2.85 11.45 3.55
N ARG F 117 2.82 10.14 3.26
CA ARG F 117 1.60 9.48 2.80
C ARG F 117 0.47 9.57 3.82
N ILE F 118 0.82 9.56 5.10
CA ILE F 118 -0.15 9.82 6.17
C ILE F 118 -0.64 11.28 6.10
N ARG F 119 0.27 12.22 5.86
CA ARG F 119 -0.13 13.63 5.73
C ARG F 119 -0.92 13.90 4.45
N PHE F 120 -0.57 13.22 3.36
CA PHE F 120 -1.01 13.58 2.01
C PHE F 120 -1.91 12.53 1.32
N MET F 121 -2.92 12.03 2.03
CA MET F 121 -3.93 11.12 1.47
C MET F 121 -3.37 9.93 0.67
N ASP F 122 -2.25 9.39 1.16
CA ASP F 122 -1.66 8.17 0.63
C ASP F 122 -1.13 8.35 -0.80
N HIS F 123 -0.92 9.61 -1.19
CA HIS F 123 -0.34 9.96 -2.49
C HIS F 123 1.13 10.39 -2.32
N ASP F 124 1.76 10.85 -3.39
CA ASP F 124 3.16 11.26 -3.34
C ASP F 124 3.31 12.76 -3.02
N TYR F 125 3.89 13.06 -1.86
CA TYR F 125 4.24 14.44 -1.50
C TYR F 125 5.66 14.70 -1.94
N PRO F 126 5.89 15.76 -2.71
CA PRO F 126 7.29 16.04 -2.98
C PRO F 126 7.87 16.91 -1.85
N ALA F 127 8.65 16.28 -0.96
CA ALA F 127 9.35 17.01 0.10
C ALA F 127 10.41 17.92 -0.51
N THR F 128 10.04 19.18 -0.70
CA THR F 128 10.89 20.11 -1.44
C THR F 128 11.47 21.15 -0.54
N ALA F 129 12.75 21.45 -0.73
CA ALA F 129 13.39 22.57 -0.02
C ALA F 129 12.77 23.87 -0.50
N SER F 130 12.73 24.86 0.39
CA SER F 130 12.22 26.17 0.00
C SER F 130 13.16 26.78 -1.02
N PHE F 131 12.59 27.30 -2.11
CA PHE F 131 13.39 27.86 -3.20
C PHE F 131 14.36 28.96 -2.74
N ASP F 132 13.89 29.85 -1.85
CA ASP F 132 14.75 30.86 -1.21
C ASP F 132 16.00 30.26 -0.59
N VAL F 133 15.78 29.33 0.33
CA VAL F 133 16.86 28.73 1.10
C VAL F 133 17.93 28.13 0.18
N VAL F 134 17.51 27.33 -0.80
CA VAL F 134 18.45 26.71 -1.75
C VAL F 134 19.30 27.75 -2.49
N CYS F 135 18.66 28.79 -3.04
CA CYS F 135 19.39 29.91 -3.65
C CYS F 135 20.40 30.49 -2.69
N ALA F 136 19.91 30.91 -1.52
CA ALA F 136 20.73 31.48 -0.48
C ALA F 136 21.91 30.58 -0.14
N LEU F 137 21.64 29.30 0.02
CA LEU F 137 22.72 28.37 0.34
C LEU F 137 23.74 28.33 -0.76
N VAL F 138 23.29 28.40 -2.02
CA VAL F 138 24.18 28.38 -3.19
C VAL F 138 24.92 29.71 -3.35
N ASP F 139 24.17 30.81 -3.27
CA ASP F 139 24.77 32.15 -3.36
C ASP F 139 25.91 32.30 -2.37
N ALA F 140 25.65 31.96 -1.11
CA ALA F 140 26.65 31.95 -0.05
C ALA F 140 27.89 31.12 -0.38
N ALA F 141 27.69 29.95 -0.99
CA ALA F 141 28.80 29.06 -1.32
C ALA F 141 29.70 29.63 -2.40
N LYS F 142 29.10 30.34 -3.37
CA LYS F 142 29.85 31.06 -4.40
C LYS F 142 30.66 32.21 -3.77
N GLU F 143 29.98 33.08 -3.03
CA GLU F 143 30.61 34.19 -2.32
C GLU F 143 31.80 33.75 -1.45
N LEU F 144 31.60 32.69 -0.67
CA LEU F 144 32.64 32.17 0.22
C LEU F 144 33.61 31.23 -0.48
N ASN F 145 33.43 31.09 -1.80
CA ASN F 145 34.28 30.22 -2.63
C ASN F 145 34.37 28.73 -2.24
N ILE F 146 33.24 28.14 -1.86
CA ILE F 146 33.20 26.74 -1.42
C ILE F 146 32.51 25.85 -2.47
N PRO F 147 33.17 24.76 -2.90
CA PRO F 147 32.56 23.80 -3.83
C PRO F 147 31.40 22.99 -3.19
N ALA F 148 30.19 23.26 -3.66
CA ALA F 148 28.97 22.65 -3.12
C ALA F 148 28.06 22.07 -4.20
N LYS F 149 27.70 20.80 -4.06
CA LYS F 149 26.81 20.12 -5.02
C LYS F 149 25.32 20.28 -4.66
N VAL F 150 24.48 20.49 -5.67
CA VAL F 150 23.04 20.71 -5.50
C VAL F 150 22.20 19.59 -6.14
N GLY F 151 21.20 19.10 -5.41
CA GLY F 151 20.32 18.07 -5.95
C GLY F 151 19.51 17.30 -4.92
N LYS F 152 19.07 16.11 -5.33
CA LYS F 152 18.15 15.28 -4.54
C LYS F 152 18.87 14.53 -3.43
N GLY F 153 18.25 14.51 -2.26
CA GLY F 153 18.67 13.63 -1.17
C GLY F 153 17.63 12.54 -0.91
N PHE F 154 17.99 11.59 -0.06
CA PHE F 154 17.04 10.57 0.39
C PHE F 154 17.04 10.46 1.91
N SER F 155 15.90 10.65 2.55
CA SER F 155 15.80 10.45 4.01
C SER F 155 15.36 9.01 4.31
N THR F 156 16.21 8.24 4.97
CA THR F 156 15.85 6.87 5.33
C THR F 156 15.36 6.73 6.78
N ASP F 157 14.43 5.78 6.97
CA ASP F 157 13.97 5.35 8.28
C ASP F 157 14.95 4.34 8.83
N LEU F 158 15.75 3.78 7.94
CA LEU F 158 16.47 2.56 8.22
C LEU F 158 17.96 2.70 7.86
N PHE F 159 18.74 3.21 8.83
CA PHE F 159 20.20 3.37 8.68
C PHE F 159 20.88 2.08 8.22
N TYR F 160 20.62 0.97 8.90
CA TYR F 160 21.00 -0.35 8.41
C TYR F 160 19.85 -0.85 7.58
N ASN F 161 19.97 -0.62 6.28
CA ASN F 161 18.86 -0.84 5.36
C ASN F 161 18.85 -2.28 4.87
N PRO F 162 17.78 -3.03 5.17
CA PRO F 162 17.74 -4.43 4.73
C PRO F 162 17.53 -4.54 3.22
N GLN F 163 17.02 -3.49 2.61
CA GLN F 163 16.86 -3.44 1.17
C GLN F 163 18.17 -2.98 0.55
N THR F 164 19.04 -3.94 0.24
CA THR F 164 20.40 -3.68 -0.23
C THR F 164 20.48 -3.23 -1.70
N GLU F 165 19.40 -3.44 -2.43
CA GLU F 165 19.33 -3.05 -3.85
C GLU F 165 18.91 -1.58 -4.01
N LEU F 166 18.40 -0.97 -2.94
CA LEU F 166 17.99 0.45 -2.98
C LEU F 166 19.11 1.44 -3.26
N ALA F 167 20.28 1.25 -2.65
CA ALA F 167 21.42 2.14 -2.90
C ALA F 167 21.69 2.36 -4.39
N GLN F 168 21.78 1.28 -5.18
CA GLN F 168 22.00 1.38 -6.63
C GLN F 168 20.85 2.00 -7.40
N LEU F 169 19.65 1.77 -6.89
CA LEU F 169 18.46 2.34 -7.47
C LEU F 169 18.52 3.86 -7.35
N MET F 170 19.06 4.34 -6.23
CA MET F 170 19.22 5.77 -6.00
C MET F 170 20.35 6.36 -6.82
N ASN F 171 21.40 5.56 -7.04
CA ASN F 171 22.45 5.93 -8.00
C ASN F 171 21.92 6.10 -9.43
N LYS F 172 21.21 5.09 -9.94
CA LYS F 172 20.47 5.19 -11.22
C LYS F 172 19.79 6.53 -11.39
N PHE F 173 19.12 7.01 -10.34
CA PHE F 173 18.37 8.25 -10.43
C PHE F 173 19.14 9.47 -9.95
N HIS F 174 20.45 9.29 -9.75
CA HIS F 174 21.36 10.39 -9.42
C HIS F 174 20.95 11.15 -8.16
N PHE F 175 20.54 10.39 -7.13
CA PHE F 175 20.35 10.90 -5.78
C PHE F 175 21.73 11.13 -5.22
N LEU F 176 21.93 12.32 -4.66
CA LEU F 176 23.23 12.69 -4.14
C LEU F 176 23.63 11.94 -2.86
N ALA F 177 22.77 11.96 -1.83
CA ALA F 177 23.19 11.51 -0.50
C ALA F 177 22.03 11.11 0.40
N VAL F 178 22.33 10.20 1.33
CA VAL F 178 21.35 9.69 2.30
C VAL F 178 21.52 10.34 3.66
N GLU F 179 20.42 10.79 4.24
CA GLU F 179 20.36 11.09 5.66
C GLU F 179 19.02 10.59 6.18
N MET F 180 18.49 11.20 7.23
CA MET F 180 17.32 10.63 7.91
C MET F 180 16.30 11.68 8.36
N GLU F 181 16.25 12.85 7.72
CA GLU F 181 15.56 14.01 8.34
C GLU F 181 14.79 14.96 7.44
N SER F 182 15.35 15.28 6.27
CA SER F 182 14.78 16.34 5.41
C SER F 182 13.37 16.05 4.92
N ALA F 183 13.10 14.79 4.61
CA ALA F 183 11.81 14.39 4.13
C ALA F 183 10.75 14.71 5.17
N GLY F 184 11.13 14.65 6.45
CA GLY F 184 10.21 14.98 7.54
C GLY F 184 9.98 16.48 7.65
N LEU F 185 11.08 17.22 7.69
CA LEU F 185 11.11 18.68 7.83
C LEU F 185 10.32 19.46 6.77
N PHE F 186 10.69 19.28 5.50
CA PHE F 186 10.22 20.15 4.43
C PHE F 186 8.69 20.27 4.41
N PRO F 187 7.95 19.14 4.31
CA PRO F 187 6.49 19.26 4.31
C PRO F 187 5.95 20.06 5.47
N ILE F 188 6.61 20.00 6.63
CA ILE F 188 6.18 20.78 7.81
C ILE F 188 6.37 22.29 7.58
N ALA F 189 7.54 22.68 7.07
CA ALA F 189 7.77 24.05 6.64
C ALA F 189 6.59 24.50 5.80
N ASP F 190 6.26 23.72 4.77
CA ASP F 190 5.14 24.00 3.89
C ASP F 190 3.89 24.26 4.69
N LEU F 191 3.61 23.37 5.65
CA LEU F 191 2.34 23.40 6.37
C LEU F 191 2.14 24.69 7.15
N TYR F 192 3.21 25.25 7.71
CA TYR F 192 3.09 26.47 8.51
C TYR F 192 3.42 27.77 7.77
N GLY F 193 3.57 27.69 6.46
CA GLY F 193 3.88 28.87 5.66
C GLY F 193 5.35 29.26 5.73
N ALA F 194 6.15 28.46 6.43
CA ALA F 194 7.56 28.78 6.68
C ALA F 194 8.50 28.24 5.60
N ARG F 195 9.81 28.29 5.85
CA ARG F 195 10.82 27.92 4.89
C ARG F 195 11.84 26.98 5.52
N ALA F 196 12.35 26.07 4.70
CA ALA F 196 13.35 25.10 5.19
C ALA F 196 14.34 24.76 4.11
N GLY F 197 15.49 24.27 4.54
CA GLY F 197 16.54 23.85 3.64
C GLY F 197 17.50 22.95 4.38
N CYS F 198 18.41 22.36 3.62
CA CYS F 198 19.31 21.40 4.19
C CYS F 198 20.67 21.48 3.55
N ILE F 199 21.69 21.57 4.40
CA ILE F 199 23.05 21.44 3.96
C ILE F 199 23.70 20.37 4.84
N CYS F 200 24.51 19.52 4.20
CA CYS F 200 25.07 18.33 4.85
C CYS F 200 26.51 18.14 4.40
N THR F 201 27.31 17.57 5.27
CA THR F 201 28.66 17.25 4.94
C THR F 201 28.83 15.72 4.91
N VAL F 202 29.54 15.20 3.92
CA VAL F 202 29.62 13.76 3.70
C VAL F 202 30.55 13.04 4.69
N SER F 203 29.99 12.11 5.45
CA SER F 203 30.74 11.39 6.46
C SER F 203 31.15 9.97 6.05
N ASP F 204 30.57 9.50 4.96
CA ASP F 204 30.82 8.15 4.46
C ASP F 204 30.17 7.95 3.10
N HIS F 205 30.68 6.97 2.36
CA HIS F 205 30.05 6.56 1.11
C HIS F 205 29.28 5.26 1.33
N ILE F 206 28.00 5.25 0.96
CA ILE F 206 27.17 4.06 1.19
C ILE F 206 27.36 3.01 0.09
N LEU F 207 28.08 3.39 -0.97
CA LEU F 207 28.40 2.49 -2.09
C LEU F 207 29.85 1.98 -2.11
N HIS F 208 30.71 2.54 -1.25
CA HIS F 208 32.07 2.00 -1.00
C HIS F 208 32.77 2.53 0.27
N HIS F 209 34.09 2.69 0.22
CA HIS F 209 34.88 3.09 1.39
C HIS F 209 36.12 3.90 0.99
N ALA F 214 37.88 12.46 11.87
CA ALA F 214 37.73 13.10 13.18
C ALA F 214 38.16 14.59 13.19
N GLU F 215 38.78 15.06 12.10
CA GLU F 215 39.33 16.44 12.03
C GLU F 215 38.89 17.31 10.82
N GLU F 216 38.24 16.69 9.83
CA GLU F 216 37.57 17.44 8.73
C GLU F 216 36.28 16.75 8.23
N ARG F 217 35.19 16.73 9.01
CA ARG F 217 34.98 17.44 10.30
C ARG F 217 35.39 18.93 10.30
N GLN F 218 36.24 19.33 11.27
CA GLN F 218 36.52 20.76 11.55
C GLN F 218 37.11 21.60 10.41
N ASN F 219 37.02 21.09 9.18
CA ASN F 219 37.33 21.86 7.98
C ASN F 219 36.13 21.91 7.03
N SER F 220 35.65 20.75 6.59
CA SER F 220 34.44 20.70 5.77
C SER F 220 33.17 21.06 6.56
N PHE F 221 33.11 20.64 7.82
CA PHE F 221 32.05 21.08 8.74
C PHE F 221 32.22 22.57 9.07
N GLN F 222 33.47 23.00 9.18
CA GLN F 222 33.77 24.41 9.35
C GLN F 222 33.18 25.17 8.16
N ASN F 223 33.51 24.72 6.94
CA ASN F 223 33.01 25.31 5.70
C ASN F 223 31.50 25.29 5.59
N MET F 224 30.90 24.13 5.84
CA MET F 224 29.45 24.00 5.84
C MET F 224 28.82 25.08 6.71
N MET F 225 29.38 25.28 7.90
CA MET F 225 28.80 26.19 8.87
C MET F 225 28.77 27.60 8.36
N LYS F 226 29.87 28.02 7.73
CA LYS F 226 29.96 29.35 7.16
C LYS F 226 28.90 29.58 6.08
N ILE F 227 28.70 28.59 5.22
CA ILE F 227 27.69 28.68 4.16
C ILE F 227 26.30 28.88 4.76
N ALA F 228 25.98 28.04 5.75
CA ALA F 228 24.70 28.13 6.44
C ALA F 228 24.50 29.50 7.09
N LEU F 229 25.50 29.92 7.87
CA LEU F 229 25.44 31.20 8.60
C LEU F 229 25.31 32.42 7.69
N GLU F 230 26.12 32.44 6.63
CA GLU F 230 26.03 33.49 5.62
C GLU F 230 24.67 33.50 4.90
N ALA F 231 24.14 32.30 4.63
CA ALA F 231 22.83 32.16 4.01
C ALA F 231 21.73 32.67 4.93
N ALA F 232 21.83 32.32 6.21
CA ALA F 232 20.90 32.78 7.22
C ALA F 232 20.79 34.31 7.28
N ILE F 233 21.93 34.98 7.13
CA ILE F 233 22.03 36.45 7.11
C ILE F 233 21.28 37.04 5.92
N LYS F 234 21.42 36.43 4.75
CA LYS F 234 20.68 36.86 3.55
C LYS F 234 19.17 36.65 3.67
N LEU F 235 18.76 35.64 4.43
CA LEU F 235 17.34 35.27 4.57
C LEU F 235 16.57 36.10 5.60
N HIS F 236 17.26 36.61 6.61
CA HIS F 236 16.64 37.43 7.66
C HIS F 236 16.46 38.89 7.18
N HIS F 237 16.16 39.06 5.90
CA HIS F 237 15.94 40.37 5.28
C HIS F 237 15.55 40.32 3.78
#